data_3GLN
# 
_entry.id   3GLN 
# 
_audit_conform.dict_name       mmcif_pdbx.dic 
_audit_conform.dict_version    5.380 
_audit_conform.dict_location   http://mmcif.pdb.org/dictionaries/ascii/mmcif_pdbx.dic 
# 
loop_
_database_2.database_id 
_database_2.database_code 
_database_2.pdbx_database_accession 
_database_2.pdbx_DOI 
PDB   3GLN         pdb_00003gln 10.2210/pdb3gln/pdb 
RCSB  RCSB052015   ?            ?                   
WWPDB D_1000052015 ?            ?                   
# 
loop_
_pdbx_database_related.db_name 
_pdbx_database_related.db_id 
_pdbx_database_related.details 
_pdbx_database_related.content_type 
PDB 3GK9 . unspecified 
PDB 3GKT . unspecified 
# 
_pdbx_database_status.status_code                     REL 
_pdbx_database_status.entry_id                        3GLN 
_pdbx_database_status.recvd_initial_deposition_date   2009-03-12 
_pdbx_database_status.deposit_site                    RCSB 
_pdbx_database_status.process_site                    PDBJ 
_pdbx_database_status.status_code_sf                  REL 
_pdbx_database_status.status_code_mr                  ? 
_pdbx_database_status.SG_entry                        ? 
_pdbx_database_status.pdb_format_compatible           Y 
_pdbx_database_status.status_code_cs                  ? 
_pdbx_database_status.methods_development_category    ? 
_pdbx_database_status.status_code_nmr_data            ? 
# 
loop_
_audit_author.name 
_audit_author.pdbx_ordinal 
'Moschetti, T.' 1 
'Mueller, U.'   2 
'Schultze, J.'  3 
'Brunori, M.'   4 
'Vallone, B.'   5 
# 
_citation.id                        primary 
_citation.title                     
'The structure of neuroglobin at high Xe and Kr pressure reveals partial conservation of globin internal cavities.' 
_citation.journal_abbrev            'Biophys. J.' 
_citation.journal_volume            97 
_citation.page_first                1700 
_citation.page_last                 1708 
_citation.year                      2009 
_citation.journal_id_ASTM           BIOJAU 
_citation.country                   US 
_citation.journal_id_ISSN           1542-0086 
_citation.journal_id_CSD            0030 
_citation.book_publisher            ? 
_citation.pdbx_database_id_PubMed   19751675 
_citation.pdbx_database_id_DOI      10.1016/j.bpj.2009.05.059 
# 
loop_
_citation_author.citation_id 
_citation_author.name 
_citation_author.ordinal 
_citation_author.identifier_ORCID 
primary 'Moschetti, T.' 1 ? 
primary 'Mueller, U.'   2 ? 
primary 'Schulze, J.'   3 ? 
primary 'Brunori, M.'   4 ? 
primary 'Vallone, B.'   5 ? 
# 
_cell.entry_id           3GLN 
_cell.length_a           88.680 
_cell.length_b           88.680 
_cell.length_c           109.830 
_cell.angle_alpha        90.00 
_cell.angle_beta         90.00 
_cell.angle_gamma        120.00 
_cell.Z_PDB              18 
_cell.pdbx_unique_axis   ? 
_cell.length_a_esd       ? 
_cell.length_b_esd       ? 
_cell.length_c_esd       ? 
_cell.angle_alpha_esd    ? 
_cell.angle_beta_esd     ? 
_cell.angle_gamma_esd    ? 
# 
_symmetry.entry_id                         3GLN 
_symmetry.space_group_name_H-M             'H 3 2' 
_symmetry.pdbx_full_space_group_name_H-M   ? 
_symmetry.cell_setting                     ? 
_symmetry.Int_Tables_number                155 
_symmetry.space_group_name_Hall            ? 
# 
loop_
_entity.id 
_entity.type 
_entity.src_method 
_entity.pdbx_description 
_entity.formula_weight 
_entity.pdbx_number_of_molecules 
_entity.pdbx_ec 
_entity.pdbx_mutation 
_entity.pdbx_fragment 
_entity.details 
1 polymer     man Neuroglobin                       17306.572 1  ? 'C55S, C120S' ? ? 
2 non-polymer syn 'SULFATE ION'                     96.063    1  ? ?             ? ? 
3 non-polymer syn XENON                             131.293   4  ? ?             ? ? 
4 non-polymer syn 'CARBON MONOXIDE'                 28.010    1  ? ?             ? ? 
5 non-polymer syn 'PROTOPORPHYRIN IX CONTAINING FE' 616.487   1  ? ?             ? ? 
6 water       nat water                             18.015    47 ? ?             ? ? 
# 
_entity_poly.entity_id                      1 
_entity_poly.type                           'polypeptide(L)' 
_entity_poly.nstd_linkage                   no 
_entity_poly.nstd_monomer                   no 
_entity_poly.pdbx_seq_one_letter_code       
;GSHMERPESELIRQSWRVVSRSPLEHGTVLFARLFALEPSLLPLFQYNGRQFSSPEDSLSSPEFLDHIRKVMLVIDAAVT
NVEDLSSLEEYLTSLGRKHRAVGVRLSSFSTVGESLLYMLEKSLGPDFTPATRTAWSRLYGAVVQAMSRGWDGE
;
_entity_poly.pdbx_seq_one_letter_code_can   
;GSHMERPESELIRQSWRVVSRSPLEHGTVLFARLFALEPSLLPLFQYNGRQFSSPEDSLSSPEFLDHIRKVMLVIDAAVT
NVEDLSSLEEYLTSLGRKHRAVGVRLSSFSTVGESLLYMLEKSLGPDFTPATRTAWSRLYGAVVQAMSRGWDGE
;
_entity_poly.pdbx_strand_id                 A 
_entity_poly.pdbx_target_identifier         ? 
# 
loop_
_entity_poly_seq.entity_id 
_entity_poly_seq.num 
_entity_poly_seq.mon_id 
_entity_poly_seq.hetero 
1 1   GLY n 
1 2   SER n 
1 3   HIS n 
1 4   MET n 
1 5   GLU n 
1 6   ARG n 
1 7   PRO n 
1 8   GLU n 
1 9   SER n 
1 10  GLU n 
1 11  LEU n 
1 12  ILE n 
1 13  ARG n 
1 14  GLN n 
1 15  SER n 
1 16  TRP n 
1 17  ARG n 
1 18  VAL n 
1 19  VAL n 
1 20  SER n 
1 21  ARG n 
1 22  SER n 
1 23  PRO n 
1 24  LEU n 
1 25  GLU n 
1 26  HIS n 
1 27  GLY n 
1 28  THR n 
1 29  VAL n 
1 30  LEU n 
1 31  PHE n 
1 32  ALA n 
1 33  ARG n 
1 34  LEU n 
1 35  PHE n 
1 36  ALA n 
1 37  LEU n 
1 38  GLU n 
1 39  PRO n 
1 40  SER n 
1 41  LEU n 
1 42  LEU n 
1 43  PRO n 
1 44  LEU n 
1 45  PHE n 
1 46  GLN n 
1 47  TYR n 
1 48  ASN n 
1 49  GLY n 
1 50  ARG n 
1 51  GLN n 
1 52  PHE n 
1 53  SER n 
1 54  SER n 
1 55  PRO n 
1 56  GLU n 
1 57  ASP n 
1 58  SER n 
1 59  LEU n 
1 60  SER n 
1 61  SER n 
1 62  PRO n 
1 63  GLU n 
1 64  PHE n 
1 65  LEU n 
1 66  ASP n 
1 67  HIS n 
1 68  ILE n 
1 69  ARG n 
1 70  LYS n 
1 71  VAL n 
1 72  MET n 
1 73  LEU n 
1 74  VAL n 
1 75  ILE n 
1 76  ASP n 
1 77  ALA n 
1 78  ALA n 
1 79  VAL n 
1 80  THR n 
1 81  ASN n 
1 82  VAL n 
1 83  GLU n 
1 84  ASP n 
1 85  LEU n 
1 86  SER n 
1 87  SER n 
1 88  LEU n 
1 89  GLU n 
1 90  GLU n 
1 91  TYR n 
1 92  LEU n 
1 93  THR n 
1 94  SER n 
1 95  LEU n 
1 96  GLY n 
1 97  ARG n 
1 98  LYS n 
1 99  HIS n 
1 100 ARG n 
1 101 ALA n 
1 102 VAL n 
1 103 GLY n 
1 104 VAL n 
1 105 ARG n 
1 106 LEU n 
1 107 SER n 
1 108 SER n 
1 109 PHE n 
1 110 SER n 
1 111 THR n 
1 112 VAL n 
1 113 GLY n 
1 114 GLU n 
1 115 SER n 
1 116 LEU n 
1 117 LEU n 
1 118 TYR n 
1 119 MET n 
1 120 LEU n 
1 121 GLU n 
1 122 LYS n 
1 123 SER n 
1 124 LEU n 
1 125 GLY n 
1 126 PRO n 
1 127 ASP n 
1 128 PHE n 
1 129 THR n 
1 130 PRO n 
1 131 ALA n 
1 132 THR n 
1 133 ARG n 
1 134 THR n 
1 135 ALA n 
1 136 TRP n 
1 137 SER n 
1 138 ARG n 
1 139 LEU n 
1 140 TYR n 
1 141 GLY n 
1 142 ALA n 
1 143 VAL n 
1 144 VAL n 
1 145 GLN n 
1 146 ALA n 
1 147 MET n 
1 148 SER n 
1 149 ARG n 
1 150 GLY n 
1 151 TRP n 
1 152 ASP n 
1 153 GLY n 
1 154 GLU n 
# 
_entity_src_gen.entity_id                          1 
_entity_src_gen.pdbx_src_id                        1 
_entity_src_gen.pdbx_alt_source_flag               sample 
_entity_src_gen.pdbx_seq_type                      ? 
_entity_src_gen.pdbx_beg_seq_num                   ? 
_entity_src_gen.pdbx_end_seq_num                   ? 
_entity_src_gen.gene_src_common_name               mouse 
_entity_src_gen.gene_src_genus                     ? 
_entity_src_gen.pdbx_gene_src_gene                 Ngb 
_entity_src_gen.gene_src_species                   ? 
_entity_src_gen.gene_src_strain                    ? 
_entity_src_gen.gene_src_tissue                    ? 
_entity_src_gen.gene_src_tissue_fraction           ? 
_entity_src_gen.gene_src_details                   ? 
_entity_src_gen.pdbx_gene_src_fragment             ? 
_entity_src_gen.pdbx_gene_src_scientific_name      'Mus musculus' 
_entity_src_gen.pdbx_gene_src_ncbi_taxonomy_id     10090 
_entity_src_gen.pdbx_gene_src_variant              ? 
_entity_src_gen.pdbx_gene_src_cell_line            ? 
_entity_src_gen.pdbx_gene_src_atcc                 ? 
_entity_src_gen.pdbx_gene_src_organ                ? 
_entity_src_gen.pdbx_gene_src_organelle            ? 
_entity_src_gen.pdbx_gene_src_cell                 ? 
_entity_src_gen.pdbx_gene_src_cellular_location    ? 
_entity_src_gen.host_org_common_name               ? 
_entity_src_gen.pdbx_host_org_scientific_name      'Escherichia coli' 
_entity_src_gen.pdbx_host_org_ncbi_taxonomy_id     562 
_entity_src_gen.host_org_genus                     ? 
_entity_src_gen.pdbx_host_org_gene                 ? 
_entity_src_gen.pdbx_host_org_organ                ? 
_entity_src_gen.host_org_species                   ? 
_entity_src_gen.pdbx_host_org_tissue               ? 
_entity_src_gen.pdbx_host_org_tissue_fraction      ? 
_entity_src_gen.pdbx_host_org_strain               'BL21(DE3)pLysS' 
_entity_src_gen.pdbx_host_org_variant              ? 
_entity_src_gen.pdbx_host_org_cell_line            ? 
_entity_src_gen.pdbx_host_org_atcc                 ? 
_entity_src_gen.pdbx_host_org_culture_collection   ? 
_entity_src_gen.pdbx_host_org_cell                 ? 
_entity_src_gen.pdbx_host_org_organelle            ? 
_entity_src_gen.pdbx_host_org_cellular_location    ? 
_entity_src_gen.pdbx_host_org_vector_type          plasmid 
_entity_src_gen.pdbx_host_org_vector               ? 
_entity_src_gen.host_org_details                   ? 
_entity_src_gen.expression_system_id               ? 
_entity_src_gen.plasmid_name                       pET24b 
_entity_src_gen.plasmid_details                    ? 
_entity_src_gen.pdbx_description                   ? 
# 
_struct_ref.id                         1 
_struct_ref.db_name                    UNP 
_struct_ref.db_code                    NGB_MOUSE 
_struct_ref.pdbx_db_accession          Q9ER97 
_struct_ref.entity_id                  1 
_struct_ref.pdbx_seq_one_letter_code   
;MERPESELIRQSWRVVSRSPLEHGTVLFARLFALEPSLLPLFQYNGRQFSSPEDCLSSPEFLDHIRKVMLVIDAAVTNVE
DLSSLEEYLTSLGRKHRAVGVRLSSFSTVGESLLYMLEKCLGPDFTPATRTAWSRLYGAVVQAMSRGWDGE
;
_struct_ref.pdbx_align_begin           1 
_struct_ref.pdbx_db_isoform            ? 
# 
_struct_ref_seq.align_id                      1 
_struct_ref_seq.ref_id                        1 
_struct_ref_seq.pdbx_PDB_id_code              3GLN 
_struct_ref_seq.pdbx_strand_id                A 
_struct_ref_seq.seq_align_beg                 4 
_struct_ref_seq.pdbx_seq_align_beg_ins_code   ? 
_struct_ref_seq.seq_align_end                 154 
_struct_ref_seq.pdbx_seq_align_end_ins_code   ? 
_struct_ref_seq.pdbx_db_accession             Q9ER97 
_struct_ref_seq.db_align_beg                  1 
_struct_ref_seq.pdbx_db_align_beg_ins_code    ? 
_struct_ref_seq.db_align_end                  151 
_struct_ref_seq.pdbx_db_align_end_ins_code    ? 
_struct_ref_seq.pdbx_auth_seq_align_beg       1 
_struct_ref_seq.pdbx_auth_seq_align_end       151 
# 
loop_
_struct_ref_seq_dif.align_id 
_struct_ref_seq_dif.pdbx_pdb_id_code 
_struct_ref_seq_dif.mon_id 
_struct_ref_seq_dif.pdbx_pdb_strand_id 
_struct_ref_seq_dif.seq_num 
_struct_ref_seq_dif.pdbx_pdb_ins_code 
_struct_ref_seq_dif.pdbx_seq_db_name 
_struct_ref_seq_dif.pdbx_seq_db_accession_code 
_struct_ref_seq_dif.db_mon_id 
_struct_ref_seq_dif.pdbx_seq_db_seq_num 
_struct_ref_seq_dif.details 
_struct_ref_seq_dif.pdbx_auth_seq_num 
_struct_ref_seq_dif.pdbx_ordinal 
1 3GLN GLY A 1   ? UNP Q9ER97 ?   ?   'expression tag'      -2  1 
1 3GLN SER A 2   ? UNP Q9ER97 ?   ?   'expression tag'      -1  2 
1 3GLN HIS A 3   ? UNP Q9ER97 ?   ?   'expression tag'      0   3 
1 3GLN SER A 58  ? UNP Q9ER97 CYS 55  'engineered mutation' 55  4 
1 3GLN SER A 123 ? UNP Q9ER97 CYS 120 'engineered mutation' 120 5 
# 
loop_
_chem_comp.id 
_chem_comp.type 
_chem_comp.mon_nstd_flag 
_chem_comp.name 
_chem_comp.pdbx_synonyms 
_chem_comp.formula 
_chem_comp.formula_weight 
ALA 'L-peptide linking' y ALANINE                           ?    'C3 H7 N O2'       89.093  
ARG 'L-peptide linking' y ARGININE                          ?    'C6 H15 N4 O2 1'   175.209 
ASN 'L-peptide linking' y ASPARAGINE                        ?    'C4 H8 N2 O3'      132.118 
ASP 'L-peptide linking' y 'ASPARTIC ACID'                   ?    'C4 H7 N O4'       133.103 
CMO non-polymer         . 'CARBON MONOXIDE'                 ?    'C O'              28.010  
CYS 'L-peptide linking' y CYSTEINE                          ?    'C3 H7 N O2 S'     121.158 
GLN 'L-peptide linking' y GLUTAMINE                         ?    'C5 H10 N2 O3'     146.144 
GLU 'L-peptide linking' y 'GLUTAMIC ACID'                   ?    'C5 H9 N O4'       147.129 
GLY 'peptide linking'   y GLYCINE                           ?    'C2 H5 N O2'       75.067  
HEM non-polymer         . 'PROTOPORPHYRIN IX CONTAINING FE' HEME 'C34 H32 Fe N4 O4' 616.487 
HIS 'L-peptide linking' y HISTIDINE                         ?    'C6 H10 N3 O2 1'   156.162 
HOH non-polymer         . WATER                             ?    'H2 O'             18.015  
ILE 'L-peptide linking' y ISOLEUCINE                        ?    'C6 H13 N O2'      131.173 
LEU 'L-peptide linking' y LEUCINE                           ?    'C6 H13 N O2'      131.173 
LYS 'L-peptide linking' y LYSINE                            ?    'C6 H15 N2 O2 1'   147.195 
MET 'L-peptide linking' y METHIONINE                        ?    'C5 H11 N O2 S'    149.211 
PHE 'L-peptide linking' y PHENYLALANINE                     ?    'C9 H11 N O2'      165.189 
PRO 'L-peptide linking' y PROLINE                           ?    'C5 H9 N O2'       115.130 
SER 'L-peptide linking' y SERINE                            ?    'C3 H7 N O3'       105.093 
SO4 non-polymer         . 'SULFATE ION'                     ?    'O4 S -2'          96.063  
THR 'L-peptide linking' y THREONINE                         ?    'C4 H9 N O3'       119.119 
TRP 'L-peptide linking' y TRYPTOPHAN                        ?    'C11 H12 N2 O2'    204.225 
TYR 'L-peptide linking' y TYROSINE                          ?    'C9 H11 N O3'      181.189 
VAL 'L-peptide linking' y VALINE                            ?    'C5 H11 N O2'      117.146 
XE  non-polymer         . XENON                             ?    Xe                 131.293 
# 
_exptl.entry_id          3GLN 
_exptl.method            'X-RAY DIFFRACTION' 
_exptl.crystals_number   1 
# 
_exptl_crystal.id                    1 
_exptl_crystal.density_meas          ? 
_exptl_crystal.density_Matthews      2.40 
_exptl_crystal.density_percent_sol   48.77 
_exptl_crystal.description           ? 
_exptl_crystal.F_000                 ? 
_exptl_crystal.preparation           ? 
# 
_exptl_crystal_grow.crystal_id      1 
_exptl_crystal_grow.method          'VAPOR DIFFUSION, HANGING DROP' 
_exptl_crystal_grow.temp            293 
_exptl_crystal_grow.temp_details    ? 
_exptl_crystal_grow.pH              6.5 
_exptl_crystal_grow.pdbx_details    
'1.6M ammonium sulphate, 0.1M MES, pH6.5, 10%(v/v) dioxane, VAPOR DIFFUSION, HANGING DROP, temperature 293K' 
_exptl_crystal_grow.pdbx_pH_range   . 
# 
_diffrn.id                     1 
_diffrn.ambient_temp           100 
_diffrn.ambient_temp_details   ? 
_diffrn.crystal_id             1 
# 
_diffrn_detector.diffrn_id              1 
_diffrn_detector.detector               CCD 
_diffrn_detector.type                   'MAR CCD 165 mm' 
_diffrn_detector.pdbx_collection_date   2007-05-09 
_diffrn_detector.details                ? 
# 
_diffrn_radiation.diffrn_id                        1 
_diffrn_radiation.wavelength_id                    1 
_diffrn_radiation.pdbx_monochromatic_or_laue_m_l   M 
_diffrn_radiation.monochromator                    ? 
_diffrn_radiation.pdbx_diffrn_protocol             'SINGLE WAVELENGTH' 
_diffrn_radiation.pdbx_scattering_type             x-ray 
# 
_diffrn_radiation_wavelength.id           1 
_diffrn_radiation_wavelength.wavelength   1.2 
_diffrn_radiation_wavelength.wt           1.0 
# 
_diffrn_source.diffrn_id                   1 
_diffrn_source.source                      SYNCHROTRON 
_diffrn_source.type                        'ELETTRA BEAMLINE 5.2R' 
_diffrn_source.pdbx_synchrotron_site       ELETTRA 
_diffrn_source.pdbx_synchrotron_beamline   5.2R 
_diffrn_source.pdbx_wavelength             ? 
_diffrn_source.pdbx_wavelength_list        1.2 
# 
_reflns.entry_id                     3GLN 
_reflns.observed_criterion_sigma_I   3.0 
_reflns.observed_criterion_sigma_F   0.0 
_reflns.d_resolution_low             31.5 
_reflns.d_resolution_high            2.25 
_reflns.number_obs                   7884 
_reflns.number_all                   7984 
_reflns.percent_possible_obs         97.5 
_reflns.pdbx_Rmerge_I_obs            0.056 
_reflns.pdbx_Rsym_value              ? 
_reflns.pdbx_netI_over_sigmaI        ? 
_reflns.B_iso_Wilson_estimate        35.98 
_reflns.pdbx_redundancy              9.3 
_reflns.R_free_details               ? 
_reflns.limit_h_max                  ? 
_reflns.limit_h_min                  ? 
_reflns.limit_k_max                  ? 
_reflns.limit_k_min                  ? 
_reflns.limit_l_max                  ? 
_reflns.limit_l_min                  ? 
_reflns.observed_criterion_F_max     ? 
_reflns.observed_criterion_F_min     ? 
_reflns.pdbx_chi_squared             ? 
_reflns.pdbx_scaling_rejects         ? 
_reflns.pdbx_diffrn_id               1 
_reflns.pdbx_ordinal                 1 
# 
_reflns_shell.d_res_high             2.25 
_reflns_shell.d_res_low              2.37 
_reflns_shell.percent_possible_all   84.7 
_reflns_shell.Rmerge_I_obs           0.210 
_reflns_shell.pdbx_Rsym_value        ? 
_reflns_shell.meanI_over_sigI_obs    ? 
_reflns_shell.pdbx_redundancy        7.6 
_reflns_shell.percent_possible_obs   ? 
_reflns_shell.number_unique_all      975 
_reflns_shell.number_measured_all    ? 
_reflns_shell.number_measured_obs    ? 
_reflns_shell.number_unique_obs      ? 
_reflns_shell.pdbx_chi_squared       ? 
_reflns_shell.pdbx_diffrn_id         ? 
_reflns_shell.pdbx_ordinal           1 
# 
_refine.entry_id                                 3GLN 
_refine.ls_number_reflns_obs                     7509 
_refine.ls_number_reflns_all                     7562 
_refine.pdbx_ls_sigma_I                          ? 
_refine.pdbx_ls_sigma_F                          ? 
_refine.pdbx_data_cutoff_high_absF               ? 
_refine.pdbx_data_cutoff_low_absF                ? 
_refine.pdbx_data_cutoff_high_rms_absF           ? 
_refine.ls_d_res_low                             31.47 
_refine.ls_d_res_high                            2.26 
_refine.ls_percent_reflns_obs                    99.29 
_refine.ls_R_factor_obs                          0.19474 
_refine.ls_R_factor_all                          0.224 
_refine.ls_R_factor_R_work                       0.19201 
_refine.ls_R_factor_R_free                       0.25444 
_refine.ls_R_factor_R_free_error                 ? 
_refine.ls_R_factor_R_free_error_details         ? 
_refine.ls_percent_reflns_R_free                 4.7 
_refine.ls_number_reflns_R_free                  374 
_refine.ls_number_parameters                     ? 
_refine.ls_number_restraints                     ? 
_refine.occupancy_min                            ? 
_refine.occupancy_max                            ? 
_refine.correlation_coeff_Fo_to_Fc               0.943 
_refine.correlation_coeff_Fo_to_Fc_free          0.914 
_refine.B_iso_mean                               35.347 
_refine.aniso_B[1][1]                            -1.16 
_refine.aniso_B[2][2]                            -1.16 
_refine.aniso_B[3][3]                            1.74 
_refine.aniso_B[1][2]                            -0.58 
_refine.aniso_B[1][3]                            0.00 
_refine.aniso_B[2][3]                            0.00 
_refine.solvent_model_details                    MASK 
_refine.solvent_model_param_ksol                 ? 
_refine.solvent_model_param_bsol                 ? 
_refine.pdbx_solvent_vdw_probe_radii             1.20 
_refine.pdbx_solvent_ion_probe_radii             0.80 
_refine.pdbx_solvent_shrinkage_radii             0.80 
_refine.pdbx_ls_cross_valid_method               THROUGHOUT 
_refine.details                                  'HYDROGENS HAVE BEEN ADDED IN THE RIDING POSITIONS' 
_refine.pdbx_starting_model                      'PDB ENTRY 1W92' 
_refine.pdbx_method_to_determine_struct          'FOURIER SYNTHESIS' 
_refine.pdbx_isotropic_thermal_model             ? 
_refine.pdbx_stereochemistry_target_values       'MAXIMUM LIKELIHOOD' 
_refine.pdbx_stereochem_target_val_spec_case     ? 
_refine.pdbx_R_Free_selection_details            RANDOM 
_refine.pdbx_overall_ESU_R                       0.339 
_refine.pdbx_overall_ESU_R_Free                  0.246 
_refine.overall_SU_ML                            0.149 
_refine.overall_SU_B                             5.787 
_refine.ls_redundancy_reflns_obs                 ? 
_refine.B_iso_min                                ? 
_refine.B_iso_max                                ? 
_refine.overall_SU_R_Cruickshank_DPI             ? 
_refine.overall_SU_R_free                        ? 
_refine.ls_wR_factor_R_free                      ? 
_refine.ls_wR_factor_R_work                      ? 
_refine.overall_FOM_free_R_set                   ? 
_refine.overall_FOM_work_R_set                   ? 
_refine.pdbx_refine_id                           'X-RAY DIFFRACTION' 
_refine.pdbx_overall_phase_error                 ? 
_refine.pdbx_diffrn_id                           1 
_refine.pdbx_TLS_residual_ADP_flag               ? 
_refine.pdbx_overall_SU_R_free_Cruickshank_DPI   ? 
_refine.pdbx_overall_SU_R_Blow_DPI               ? 
_refine.pdbx_overall_SU_R_free_Blow_DPI          ? 
# 
_refine_hist.pdbx_refine_id                   'X-RAY DIFFRACTION' 
_refine_hist.cycle_id                         LAST 
_refine_hist.pdbx_number_atoms_protein        1171 
_refine_hist.pdbx_number_atoms_nucleic_acid   0 
_refine_hist.pdbx_number_atoms_ligand         98 
_refine_hist.number_atoms_solvent             47 
_refine_hist.number_atoms_total               1316 
_refine_hist.d_res_high                       2.26 
_refine_hist.d_res_low                        31.47 
# 
loop_
_refine_ls_restr.type 
_refine_ls_restr.dev_ideal 
_refine_ls_restr.dev_ideal_target 
_refine_ls_restr.weight 
_refine_ls_restr.number 
_refine_ls_restr.pdbx_refine_id 
_refine_ls_restr.pdbx_restraint_function 
r_bond_refined_d         0.013  0.022  ? 1311 'X-RAY DIFFRACTION' ? 
r_angle_refined_deg      1.814  2.173  ? 1808 'X-RAY DIFFRACTION' ? 
r_dihedral_angle_1_deg   5.409  5.000  ? 152  'X-RAY DIFFRACTION' ? 
r_dihedral_angle_2_deg   28.152 22.128 ? 47   'X-RAY DIFFRACTION' ? 
r_dihedral_angle_3_deg   15.127 15.000 ? 198  'X-RAY DIFFRACTION' ? 
r_dihedral_angle_4_deg   24.049 15.000 ? 9    'X-RAY DIFFRACTION' ? 
r_chiral_restr           0.105  0.200  ? 186  'X-RAY DIFFRACTION' ? 
r_gen_planes_refined     0.006  0.020  ? 990  'X-RAY DIFFRACTION' ? 
r_nbd_refined            0.275  0.200  ? 702  'X-RAY DIFFRACTION' ? 
r_nbtor_refined          0.307  0.200  ? 887  'X-RAY DIFFRACTION' ? 
r_xyhbond_nbd_refined    0.152  0.200  ? 53   'X-RAY DIFFRACTION' ? 
r_symmetry_vdw_refined   0.196  0.200  ? 46   'X-RAY DIFFRACTION' ? 
r_symmetry_hbond_refined 0.239  0.200  ? 8    'X-RAY DIFFRACTION' ? 
r_mcbond_it              0.950  1.500  ? 757  'X-RAY DIFFRACTION' ? 
r_mcangle_it             1.773  2.000  ? 1218 'X-RAY DIFFRACTION' ? 
r_scbond_it              2.617  3.000  ? 553  'X-RAY DIFFRACTION' ? 
r_scangle_it             3.970  4.500  ? 590  'X-RAY DIFFRACTION' ? 
# 
_refine_ls_shell.pdbx_total_number_of_bins_used   20 
_refine_ls_shell.d_res_high                       2.263 
_refine_ls_shell.d_res_low                        2.322 
_refine_ls_shell.number_reflns_R_work             507 
_refine_ls_shell.R_factor_R_work                  0.205 
_refine_ls_shell.percent_reflns_obs               94.39 
_refine_ls_shell.R_factor_R_free                  0.329 
_refine_ls_shell.R_factor_R_free_error            ? 
_refine_ls_shell.percent_reflns_R_free            ? 
_refine_ls_shell.number_reflns_R_free             31 
_refine_ls_shell.number_reflns_all                ? 
_refine_ls_shell.R_factor_all                     ? 
_refine_ls_shell.number_reflns_obs                ? 
_refine_ls_shell.redundancy_reflns_obs            ? 
_refine_ls_shell.pdbx_refine_id                   'X-RAY DIFFRACTION' 
# 
_struct.entry_id                  3GLN 
_struct.title                     'Carbonmonoxy Ngb under Xenon pressure' 
_struct.pdbx_model_details        ? 
_struct.pdbx_CASP_flag            ? 
_struct.pdbx_model_type_details   ? 
# 
_struct_keywords.entry_id        3GLN 
_struct_keywords.pdbx_keywords   'OXYGEN STORAGE/TRANSPORT PROTEIN' 
_struct_keywords.text            
;neuroglobin, hemeprotein, xenon binding, cavities, OXYGEN STORAGE-TRANSPORT PROTEIN COMPLEX, Heme, Iron, Metal-binding, Oxygen transport, Transport
;
# 
loop_
_struct_asym.id 
_struct_asym.pdbx_blank_PDB_chainid_flag 
_struct_asym.pdbx_modified 
_struct_asym.entity_id 
_struct_asym.details 
A N N 1 ? 
B N N 2 ? 
C N N 3 ? 
D N N 3 ? 
E N N 3 ? 
F N N 3 ? 
G N N 4 ? 
H N N 5 ? 
I N N 6 ? 
# 
_struct_biol.id        1 
_struct_biol.details   ? 
# 
loop_
_struct_conf.conf_type_id 
_struct_conf.id 
_struct_conf.pdbx_PDB_helix_id 
_struct_conf.beg_label_comp_id 
_struct_conf.beg_label_asym_id 
_struct_conf.beg_label_seq_id 
_struct_conf.pdbx_beg_PDB_ins_code 
_struct_conf.end_label_comp_id 
_struct_conf.end_label_asym_id 
_struct_conf.end_label_seq_id 
_struct_conf.pdbx_end_PDB_ins_code 
_struct_conf.beg_auth_comp_id 
_struct_conf.beg_auth_asym_id 
_struct_conf.beg_auth_seq_id 
_struct_conf.end_auth_comp_id 
_struct_conf.end_auth_asym_id 
_struct_conf.end_auth_seq_id 
_struct_conf.pdbx_PDB_helix_class 
_struct_conf.details 
_struct_conf.pdbx_PDB_helix_length 
HELX_P HELX_P1  1  PRO A 7   ? ARG A 21  ? PRO A 4   ARG A 18  1 ? 15 
HELX_P HELX_P2  2  SER A 22  ? GLU A 38  ? SER A 19  GLU A 35  1 ? 17 
HELX_P HELX_P3  3  PRO A 39  ? PHE A 45  ? PRO A 36  PHE A 42  5 ? 7  
HELX_P HELX_P4  4  SER A 54  ? SER A 60  ? SER A 51  SER A 57  1 ? 7  
HELX_P HELX_P5  5  SER A 61  ? ASN A 81  ? SER A 58  ASN A 78  1 ? 21 
HELX_P HELX_P6  6  LEU A 85  ? VAL A 102 ? LEU A 82  VAL A 99  1 ? 18 
HELX_P HELX_P7  7  ARG A 105 ? SER A 107 ? ARG A 102 SER A 104 5 ? 3  
HELX_P HELX_P8  8  SER A 108 ? GLY A 125 ? SER A 105 GLY A 122 1 ? 18 
HELX_P HELX_P9  9  PRO A 126 ? PHE A 128 ? PRO A 123 PHE A 125 5 ? 3  
HELX_P HELX_P10 10 THR A 129 ? GLY A 150 ? THR A 126 GLY A 147 1 ? 22 
# 
_struct_conf_type.id          HELX_P 
_struct_conf_type.criteria    ? 
_struct_conf_type.reference   ? 
# 
_struct_conn.id                            metalc1 
_struct_conn.conn_type_id                  metalc 
_struct_conn.pdbx_leaving_atom_flag        ? 
_struct_conn.pdbx_PDB_id                   ? 
_struct_conn.ptnr1_label_asym_id           A 
_struct_conn.ptnr1_label_comp_id           HIS 
_struct_conn.ptnr1_label_seq_id            99 
_struct_conn.ptnr1_label_atom_id           NE2 
_struct_conn.pdbx_ptnr1_label_alt_id       A 
_struct_conn.pdbx_ptnr1_PDB_ins_code       ? 
_struct_conn.pdbx_ptnr1_standard_comp_id   ? 
_struct_conn.ptnr1_symmetry                1_555 
_struct_conn.ptnr2_label_asym_id           H 
_struct_conn.ptnr2_label_comp_id           HEM 
_struct_conn.ptnr2_label_seq_id            . 
_struct_conn.ptnr2_label_atom_id           FE 
_struct_conn.pdbx_ptnr2_label_alt_id       A 
_struct_conn.pdbx_ptnr2_PDB_ins_code       ? 
_struct_conn.ptnr1_auth_asym_id            A 
_struct_conn.ptnr1_auth_comp_id            HIS 
_struct_conn.ptnr1_auth_seq_id             96 
_struct_conn.ptnr2_auth_asym_id            A 
_struct_conn.ptnr2_auth_comp_id            HEM 
_struct_conn.ptnr2_auth_seq_id             158 
_struct_conn.ptnr2_symmetry                1_555 
_struct_conn.pdbx_ptnr3_label_atom_id      ? 
_struct_conn.pdbx_ptnr3_label_seq_id       ? 
_struct_conn.pdbx_ptnr3_label_comp_id      ? 
_struct_conn.pdbx_ptnr3_label_asym_id      ? 
_struct_conn.pdbx_ptnr3_label_alt_id       ? 
_struct_conn.pdbx_ptnr3_PDB_ins_code       ? 
_struct_conn.details                       ? 
_struct_conn.pdbx_dist_value               2.074 
_struct_conn.pdbx_value_order              ? 
_struct_conn.pdbx_role                     ? 
# 
_struct_conn_type.id          metalc 
_struct_conn_type.criteria    ? 
_struct_conn_type.reference   ? 
# 
loop_
_struct_site.id 
_struct_site.pdbx_evidence_code 
_struct_site.pdbx_auth_asym_id 
_struct_site.pdbx_auth_comp_id 
_struct_site.pdbx_auth_seq_id 
_struct_site.pdbx_auth_ins_code 
_struct_site.pdbx_num_residues 
_struct_site.details 
AC1 Software A SO4 152 ? 5  'BINDING SITE FOR RESIDUE SO4 A 152' 
AC2 Software A XE  153 ? 2  'BINDING SITE FOR RESIDUE XE A 153'  
AC3 Software A XE  154 ? 4  'BINDING SITE FOR RESIDUE XE A 154'  
AC4 Software A XE  155 ? 2  'BINDING SITE FOR RESIDUE XE A 155'  
AC5 Software A XE  156 ? 1  'BINDING SITE FOR RESIDUE XE A 156'  
AC6 Software A CMO 157 ? 4  'BINDING SITE FOR RESIDUE CMO A 157' 
AC7 Software A HEM 158 ? 25 'BINDING SITE FOR RESIDUE HEM A 158' 
# 
loop_
_struct_site_gen.id 
_struct_site_gen.site_id 
_struct_site_gen.pdbx_num_res 
_struct_site_gen.label_comp_id 
_struct_site_gen.label_asym_id 
_struct_site_gen.label_seq_id 
_struct_site_gen.pdbx_auth_ins_code 
_struct_site_gen.auth_comp_id 
_struct_site_gen.auth_asym_id 
_struct_site_gen.auth_seq_id 
_struct_site_gen.label_atom_id 
_struct_site_gen.label_alt_id 
_struct_site_gen.symmetry 
_struct_site_gen.details 
1  AC1 5  SER A 22  ? SER A 19  . ? 1_555  ? 
2  AC1 5  PRO A 23  ? PRO A 20  . ? 1_555  ? 
3  AC1 5  LEU A 24  ? LEU A 21  . ? 1_555  ? 
4  AC1 5  GLU A 25  ? GLU A 22  . ? 1_555  ? 
5  AC1 5  ARG A 69  ? ARG A 66  . ? 1_555  ? 
6  AC2 2  TYR A 91  ? TYR A 88  . ? 1_555  ? 
7  AC2 2  HEM H .   ? HEM A 158 . ? 1_555  ? 
8  AC3 4  ALA A 32  ? ALA A 29  . ? 1_555  ? 
9  AC3 4  PHE A 35  ? PHE A 32  . ? 1_555  ? 
10 AC3 4  SER A 58  ? SER A 55  . ? 1_555  ? 
11 AC3 4  LEU A 59  ? LEU A 56  . ? 1_555  ? 
12 AC4 2  TRP A 136 ? TRP A 133 . ? 1_555  ? 
13 AC4 2  LEU A 139 ? LEU A 136 . ? 1_555  ? 
14 AC5 1  HEM H .   ? HEM A 158 . ? 1_555  ? 
15 AC6 4  PHE A 31  ? PHE A 28  . ? 1_555  ? 
16 AC6 4  HIS A 67  ? HIS A 64  . ? 1_555  ? 
17 AC6 4  HIS A 99  ? HIS A 96  . ? 1_555  ? 
18 AC6 4  HEM H .   ? HEM A 158 . ? 1_555  ? 
19 AC7 25 LEU A 44  ? LEU A 41  . ? 1_555  ? 
20 AC7 25 PHE A 45  ? PHE A 42  . ? 1_555  ? 
21 AC7 25 TYR A 47  ? TYR A 44  . ? 1_555  ? 
22 AC7 25 HIS A 67  ? HIS A 64  . ? 1_555  ? 
23 AC7 25 LYS A 70  ? LYS A 67  . ? 1_555  ? 
24 AC7 25 LYS A 70  ? LYS A 67  . ? 18_655 ? 
25 AC7 25 VAL A 71  ? VAL A 68  . ? 1_555  ? 
26 AC7 25 VAL A 74  ? VAL A 71  . ? 1_555  ? 
27 AC7 25 TYR A 91  ? TYR A 88  . ? 1_555  ? 
28 AC7 25 LEU A 95  ? LEU A 92  . ? 1_555  ? 
29 AC7 25 LYS A 98  ? LYS A 95  . ? 1_555  ? 
30 AC7 25 HIS A 99  ? HIS A 96  . ? 1_555  ? 
31 AC7 25 VAL A 104 ? VAL A 101 . ? 1_555  ? 
32 AC7 25 SER A 108 ? SER A 105 . ? 1_555  ? 
33 AC7 25 PHE A 109 ? PHE A 106 . ? 1_555  ? 
34 AC7 25 VAL A 112 ? VAL A 109 . ? 1_555  ? 
35 AC7 25 TYR A 140 ? TYR A 137 . ? 1_555  ? 
36 AC7 25 VAL A 143 ? VAL A 140 . ? 1_555  ? 
37 AC7 25 MET A 147 ? MET A 144 . ? 1_555  ? 
38 AC7 25 XE  C .   ? XE  A 153 . ? 1_555  ? 
39 AC7 25 XE  F .   ? XE  A 156 . ? 1_555  ? 
40 AC7 25 CMO G .   ? CMO A 157 . ? 1_555  ? 
41 AC7 25 HOH I .   ? HOH A 165 . ? 1_555  ? 
42 AC7 25 HOH I .   ? HOH A 172 . ? 1_555  ? 
43 AC7 25 HOH I .   ? HOH A 184 . ? 1_555  ? 
# 
_atom_sites.entry_id                    3GLN 
_atom_sites.fract_transf_matrix[1][1]   -0.00900337 
_atom_sites.fract_transf_matrix[1][2]   0.00811003 
_atom_sites.fract_transf_matrix[1][3]   0.00476765 
_atom_sites.fract_transf_matrix[2][1]   -0.00295431 
_atom_sites.fract_transf_matrix[2][2]   0.01094217 
_atom_sites.fract_transf_matrix[2][3]   -0.00640995 
_atom_sites.fract_transf_matrix[3][1]   -0.00645825 
_atom_sites.fract_transf_matrix[3][2]   -0.00445189 
_atom_sites.fract_transf_matrix[3][3]   -0.00462306 
_atom_sites.fract_transf_vector[1]      0.515474 
_atom_sites.fract_transf_vector[2]      0.622513 
_atom_sites.fract_transf_vector[3]      0.300051 
# 
loop_
_atom_type.symbol 
C  
FE 
N  
O  
S  
XE 
# 
loop_
_atom_site.group_PDB 
_atom_site.id 
_atom_site.type_symbol 
_atom_site.label_atom_id 
_atom_site.label_alt_id 
_atom_site.label_comp_id 
_atom_site.label_asym_id 
_atom_site.label_entity_id 
_atom_site.label_seq_id 
_atom_site.pdbx_PDB_ins_code 
_atom_site.Cartn_x 
_atom_site.Cartn_y 
_atom_site.Cartn_z 
_atom_site.occupancy 
_atom_site.B_iso_or_equiv 
_atom_site.pdbx_formal_charge 
_atom_site.auth_seq_id 
_atom_site.auth_comp_id 
_atom_site.auth_asym_id 
_atom_site.auth_atom_id 
_atom_site.pdbx_PDB_model_num 
ATOM   1    C  C   . ARG A 1 6   ? -7.419  -17.707 12.322  1.00 62.66 ? 3   ARG A C   1 
ATOM   2    O  O   . ARG A 1 6   ? -7.837  -17.057 11.357  1.00 62.77 ? 3   ARG A O   1 
ATOM   3    N  N   . PRO A 1 7   ? -6.364  -18.528 12.223  0.60 62.11 ? 4   PRO A N   1 
ATOM   4    C  CA  . PRO A 1 7   ? -5.051  -18.189 12.755  0.60 61.71 ? 4   PRO A CA  1 
ATOM   5    C  C   . PRO A 1 7   ? -4.418  -17.006 12.022  0.60 61.27 ? 4   PRO A C   1 
ATOM   6    O  O   . PRO A 1 7   ? -3.711  -16.204 12.626  0.60 60.97 ? 4   PRO A O   1 
ATOM   7    C  CB  . PRO A 1 7   ? -4.237  -19.464 12.487  0.60 61.69 ? 4   PRO A CB  1 
ATOM   8    C  CG  . PRO A 1 7   ? -4.919  -20.113 11.330  0.60 61.08 ? 4   PRO A CG  1 
ATOM   9    C  CD  . PRO A 1 7   ? -6.369  -19.848 11.567  0.60 62.00 ? 4   PRO A CD  1 
ATOM   10   N  N   . GLU A 1 8   ? -4.701  -16.918 10.727  1.00 60.98 ? 5   GLU A N   1 
ATOM   11   C  CA  . GLU A 1 8   ? -4.003  -16.044 9.797   1.00 60.65 ? 5   GLU A CA  1 
ATOM   12   C  C   . GLU A 1 8   ? -4.472  -14.609 9.953   1.00 59.79 ? 5   GLU A C   1 
ATOM   13   O  O   . GLU A 1 8   ? -3.693  -13.666 9.851   1.00 59.54 ? 5   GLU A O   1 
ATOM   14   C  CB  . GLU A 1 8   ? -4.260  -16.521 8.365   1.00 60.99 ? 5   GLU A CB  1 
ATOM   15   C  CG  . GLU A 1 8   ? -3.016  -16.466 7.499   1.00 63.25 ? 5   GLU A CG  1 
ATOM   16   C  CD  . GLU A 1 8   ? -3.166  -17.145 6.143   1.00 66.90 ? 5   GLU A CD  1 
ATOM   17   O  OE1 . GLU A 1 8   ? -4.315  -17.305 5.655   1.00 67.34 ? 5   GLU A OE1 1 
ATOM   18   O  OE2 . GLU A 1 8   ? -2.107  -17.498 5.557   1.00 69.03 ? 5   GLU A OE2 1 
ATOM   19   N  N   . SER A 1 9   ? -5.770  -14.472 10.198  1.00 58.88 ? 6   SER A N   1 
ATOM   20   C  CA  . SER A 1 9   ? -6.414  -13.191 10.385  1.00 57.31 ? 6   SER A CA  1 
ATOM   21   C  C   . SER A 1 9   ? -5.925  -12.544 11.667  1.00 56.08 ? 6   SER A C   1 
ATOM   22   O  O   . SER A 1 9   ? -5.765  -11.330 11.735  1.00 56.19 ? 6   SER A O   1 
ATOM   23   C  CB  . SER A 1 9   ? -7.921  -13.396 10.395  1.00 57.57 ? 6   SER A CB  1 
ATOM   24   O  OG  . SER A 1 9   ? -8.309  -13.906 9.125   1.00 58.47 ? 6   SER A OG  1 
ATOM   25   N  N   . GLU A 1 10  ? -5.651  -13.368 12.667  1.00 54.33 ? 7   GLU A N   1 
ATOM   26   C  CA  . GLU A 1 10  ? -5.197  -12.872 13.943  1.00 53.21 ? 7   GLU A CA  1 
ATOM   27   C  C   . GLU A 1 10  ? -3.728  -12.441 13.867  1.00 51.69 ? 7   GLU A C   1 
ATOM   28   O  O   . GLU A 1 10  ? -3.308  -11.537 14.590  1.00 51.99 ? 7   GLU A O   1 
ATOM   29   C  CB  . GLU A 1 10  ? -5.458  -13.906 15.046  1.00 53.16 ? 7   GLU A CB  1 
ATOM   30   C  CG  . GLU A 1 10  ? -5.283  -13.374 16.482  1.00 55.46 ? 7   GLU A CG  1 
ATOM   31   C  CD  . GLU A 1 10  ? -6.164  -12.163 16.836  1.00 58.12 ? 7   GLU A CD  1 
ATOM   32   O  OE1 . GLU A 1 10  ? -7.191  -11.899 16.162  1.00 58.45 ? 7   GLU A OE1 1 
ATOM   33   O  OE2 . GLU A 1 10  ? -5.815  -11.469 17.820  1.00 59.51 ? 7   GLU A OE2 1 
ATOM   34   N  N   . LEU A 1 11  ? -2.953  -13.097 13.006  1.00 49.90 ? 8   LEU A N   1 
ATOM   35   C  CA  . LEU A 1 11  ? -1.579  -12.671 12.721  1.00 48.67 ? 8   LEU A CA  1 
ATOM   36   C  C   . LEU A 1 11  ? -1.620  -11.315 12.039  1.00 47.03 ? 8   LEU A C   1 
ATOM   37   O  O   . LEU A 1 11  ? -0.857  -10.433 12.390  1.00 47.44 ? 8   LEU A O   1 
ATOM   38   C  CB  . LEU A 1 11  ? -0.844  -13.675 11.825  1.00 48.45 ? 8   LEU A CB  1 
ATOM   39   C  CG  . LEU A 1 11  ? -0.490  -15.062 12.373  1.00 48.65 ? 8   LEU A CG  1 
ATOM   40   C  CD1 . LEU A 1 11  ? 0.172   -15.852 11.271  1.00 47.81 ? 8   LEU A CD1 1 
ATOM   41   C  CD2 . LEU A 1 11  ? 0.435   -14.968 13.585  1.00 49.73 ? 8   LEU A CD2 1 
ATOM   42   N  N   . ILE A 1 12  ? -2.531  -11.153 11.086  1.00 45.56 ? 9   ILE A N   1 
ATOM   43   C  CA  . ILE A 1 12  ? -2.679  -9.899  10.347  1.00 44.62 ? 9   ILE A CA  1 
ATOM   44   C  C   . ILE A 1 12  ? -3.096  -8.740  11.256  1.00 44.28 ? 9   ILE A C   1 
ATOM   45   O  O   . ILE A 1 12  ? -2.490  -7.673  11.204  1.00 43.59 ? 9   ILE A O   1 
ATOM   46   C  CB  . ILE A 1 12  ? -3.579  -10.061 9.108   1.00 43.80 ? 9   ILE A CB  1 
ATOM   47   C  CG1 . ILE A 1 12  ? -2.783  -10.792 8.028   1.00 42.93 ? 9   ILE A CG1 1 
ATOM   48   C  CG2 . ILE A 1 12  ? -4.069  -8.700  8.601   1.00 44.18 ? 9   ILE A CG2 1 
ATOM   49   C  CD1 . ILE A 1 12  ? -3.529  -11.059 6.751   1.00 42.05 ? 9   ILE A CD1 1 
ATOM   50   N  N   . ARG A 1 13  ? -4.110  -8.967  12.059  1.00 32.99 ? 10  ARG A N   1 
ATOM   51   C  CA  . ARG A 1 13  ? -4.520  -7.915  13.019  1.00 32.80 ? 10  ARG A CA  1 
ATOM   52   C  C   . ARG A 1 13  ? -3.448  -7.609  14.082  1.00 33.51 ? 10  ARG A C   1 
ATOM   53   O  O   . ARG A 1 13  ? -3.176  -6.425  14.332  1.00 35.94 ? 10  ARG A O   1 
ATOM   54   C  CB  . ARG A 1 13  ? -5.868  -8.251  13.614  1.00 31.20 ? 10  ARG A CB  1 
ATOM   55   C  CG  . ARG A 1 13  ? -6.920  -8.240  12.496  1.00 30.10 ? 10  ARG A CG  1 
ATOM   56   C  CD  . ARG A 1 13  ? -8.312  -8.667  13.103  1.00 31.57 ? 10  ARG A CD  1 
ATOM   57   N  N   . GLN A 1 14  ? -2.814  -8.491  14.687  1.00 43.50 ? 11  GLN A N   1 
ATOM   58   C  CA  . GLN A 1 14  ? -1.726  -8.248  15.657  1.00 43.62 ? 11  GLN A CA  1 
ATOM   59   C  C   . GLN A 1 14  ? -0.516  -7.517  15.066  1.00 42.58 ? 11  GLN A C   1 
ATOM   60   O  O   . GLN A 1 14  ? 0.104   -6.689  15.733  1.00 42.64 ? 11  GLN A O   1 
ATOM   61   C  CB  . GLN A 1 14  ? -1.248  -9.574  16.279  1.00 43.88 ? 11  GLN A CB  1 
ATOM   62   N  N   . SER A 1 15  ? -0.162  -7.839  13.827  1.00 41.58 ? 12  SER A N   1 
ATOM   63   C  CA  . SER A 1 15  ? 1.000   -7.202  13.195  1.00 41.05 ? 12  SER A CA  1 
ATOM   64   C  C   . SER A 1 15  ? 0.695   -5.763  12.743  1.00 40.09 ? 12  SER A C   1 
ATOM   65   O  O   . SER A 1 15  ? 1.539   -4.874  12.852  1.00 41.10 ? 12  SER A O   1 
ATOM   66   C  CB  . SER A 1 15  ? 1.566   -8.081  12.075  1.00 41.17 ? 12  SER A CB  1 
ATOM   67   O  OG  . SER A 1 15  ? 0.583   -8.406  11.116  1.00 42.43 ? 12  SER A OG  1 
ATOM   68   N  N   . TRP A 1 16  ? -0.528  -5.545  12.277  1.00 39.15 ? 13  TRP A N   1 
ATOM   69   C  CA  . TRP A 1 16  ? -1.025  -4.244  11.879  1.00 37.33 ? 13  TRP A CA  1 
ATOM   70   C  C   . TRP A 1 16  ? -1.129  -3.256  13.034  1.00 37.87 ? 13  TRP A C   1 
ATOM   71   O  O   . TRP A 1 16  ? -0.981  -2.047  12.815  1.00 36.64 ? 13  TRP A O   1 
ATOM   72   C  CB  . TRP A 1 16  ? -2.388  -4.382  11.180  1.00 36.81 ? 13  TRP A CB  1 
ATOM   73   C  CG  . TRP A 1 16  ? -2.891  -3.095  10.541  1.00 34.47 ? 13  TRP A CG  1 
ATOM   74   C  CD1 . TRP A 1 16  ? -4.022  -2.391  10.861  1.00 34.10 ? 13  TRP A CD1 1 
ATOM   75   C  CD2 . TRP A 1 16  ? -2.261  -2.371  9.468   1.00 34.02 ? 13  TRP A CD2 1 
ATOM   76   N  NE1 . TRP A 1 16  ? -4.135  -1.275  10.048  1.00 35.65 ? 13  TRP A NE1 1 
ATOM   77   C  CE2 . TRP A 1 16  ? -3.065  -1.241  9.190   1.00 31.84 ? 13  TRP A CE2 1 
ATOM   78   C  CE3 . TRP A 1 16  ? -1.089  -2.569  8.719   1.00 32.27 ? 13  TRP A CE3 1 
ATOM   79   C  CZ2 . TRP A 1 16  ? -2.739  -0.322  8.199   1.00 30.85 ? 13  TRP A CZ2 1 
ATOM   80   C  CZ3 . TRP A 1 16  ? -0.774  -1.646  7.727   1.00 29.72 ? 13  TRP A CZ3 1 
ATOM   81   C  CH2 . TRP A 1 16  ? -1.592  -0.542  7.483   1.00 30.68 ? 13  TRP A CH2 1 
ATOM   82   N  N   . ARG A 1 17  ? -1.372  -3.752  14.250  1.00 38.36 ? 14  ARG A N   1 
ATOM   83   C  CA  . ARG A 1 17  ? -1.657  -2.881  15.396  1.00 38.63 ? 14  ARG A CA  1 
ATOM   84   C  C   . ARG A 1 17  ? -0.624  -1.783  15.635  1.00 38.55 ? 14  ARG A C   1 
ATOM   85   O  O   . ARG A 1 17  ? -0.995  -0.630  15.841  1.00 38.72 ? 14  ARG A O   1 
ATOM   86   C  CB  . ARG A 1 17  ? -1.962  -3.682  16.679  1.00 39.70 ? 14  ARG A CB  1 
ATOM   87   C  CG  . ARG A 1 17  ? -3.432  -4.144  16.770  1.00 40.49 ? 14  ARG A CG  1 
ATOM   88   C  CD  . ARG A 1 17  ? -3.819  -4.611  18.180  1.00 44.70 ? 14  ARG A CD  1 
ATOM   89   N  N   . VAL A 1 18  ? 0.658   -2.147  15.589  1.00 38.55 ? 15  VAL A N   1 
ATOM   90   C  CA  . VAL A 1 18  ? 1.792   -1.212  15.704  1.00 38.36 ? 15  VAL A CA  1 
ATOM   91   C  C   . VAL A 1 18  ? 1.862   -0.168  14.581  1.00 36.91 ? 15  VAL A C   1 
ATOM   92   O  O   . VAL A 1 18  ? 2.164   0.992   14.831  1.00 36.79 ? 15  VAL A O   1 
ATOM   93   C  CB  . VAL A 1 18  ? 3.135   -1.967  15.589  1.00 39.10 ? 15  VAL A CB  1 
ATOM   94   C  CG1 . VAL A 1 18  ? 4.285   -1.052  16.026  1.00 40.86 ? 15  VAL A CG1 1 
ATOM   95   C  CG2 . VAL A 1 18  ? 3.099   -3.273  16.374  1.00 41.76 ? 15  VAL A CG2 1 
ATOM   96   N  N   . VAL A 1 19  ? 1.621   -0.628  13.349  1.00 34.40 ? 16  VAL A N   1 
ATOM   97   C  CA  . VAL A 1 19  ? 1.673   0.181   12.147  1.00 32.69 ? 16  VAL A CA  1 
ATOM   98   C  C   . VAL A 1 19  ? 0.592   1.261   12.150  1.00 32.04 ? 16  VAL A C   1 
ATOM   99   O  O   . VAL A 1 19  ? 0.866   2.437   11.849  1.00 30.98 ? 16  VAL A O   1 
ATOM   100  C  CB  . VAL A 1 19  ? 1.536   -0.728  10.892  1.00 32.11 ? 16  VAL A CB  1 
ATOM   101  C  CG1 . VAL A 1 19  ? 1.612   0.080   9.615   1.00 32.37 ? 16  VAL A CG1 1 
ATOM   102  C  CG2 . VAL A 1 19  ? 2.636   -1.778  10.882  1.00 33.56 ? 16  VAL A CG2 1 
ATOM   103  N  N   . SER A 1 20  ? -0.628  0.847   12.496  1.00 31.11 ? 17  SER A N   1 
ATOM   104  C  CA  . SER A 1 20  ? -1.805  1.699   12.417  1.00 32.02 ? 17  SER A CA  1 
ATOM   105  C  C   . SER A 1 20  ? -1.734  2.871   13.407  1.00 31.79 ? 17  SER A C   1 
ATOM   106  O  O   . SER A 1 20  ? -2.351  3.885   13.163  1.00 34.28 ? 17  SER A O   1 
ATOM   107  C  CB  . SER A 1 20  ? -3.109  0.881   12.614  1.00 32.31 ? 17  SER A CB  1 
ATOM   108  O  OG  . SER A 1 20  ? -3.199  0.384   13.945  1.00 31.74 ? 17  SER A OG  1 
ATOM   109  N  N   . ARG A 1 21  ? -0.990  2.748   14.498  1.00 31.69 ? 18  ARG A N   1 
ATOM   110  C  CA  . ARG A 1 21  ? -0.785  3.865   15.416  1.00 33.66 ? 18  ARG A CA  1 
ATOM   111  C  C   . ARG A 1 21  ? -0.012  5.026   14.782  1.00 32.91 ? 18  ARG A C   1 
ATOM   112  O  O   . ARG A 1 21  ? -0.182  6.177   15.198  1.00 32.52 ? 18  ARG A O   1 
ATOM   113  C  CB  . ARG A 1 21  ? 0.024   3.443   16.644  1.00 34.95 ? 18  ARG A CB  1 
ATOM   114  C  CG  . ARG A 1 21  ? -0.391  2.134   17.291  1.00 40.74 ? 18  ARG A CG  1 
ATOM   115  C  CD  . ARG A 1 21  ? 0.207   2.100   18.700  1.00 49.94 ? 18  ARG A CD  1 
ATOM   116  N  NE  . ARG A 1 21  ? 0.396   0.738   19.206  1.00 55.62 ? 18  ARG A NE  1 
ATOM   117  C  CZ  . ARG A 1 21  ? 1.500   0.320   19.825  1.00 57.85 ? 18  ARG A CZ  1 
ATOM   118  N  NH1 . ARG A 1 21  ? 2.524   1.148   20.016  1.00 58.45 ? 18  ARG A NH1 1 
ATOM   119  N  NH2 . ARG A 1 21  ? 1.585   -0.934  20.248  1.00 59.14 ? 18  ARG A NH2 1 
ATOM   120  N  N   . SER A 1 22  ? 0.887   4.737   13.831  1.00 30.49 ? 19  SER A N   1 
ATOM   121  C  CA  . SER A 1 22  ? 1.596   5.842   13.201  1.00 29.62 ? 19  SER A CA  1 
ATOM   122  C  C   . SER A 1 22  ? 1.660   5.563   11.707  1.00 28.46 ? 19  SER A C   1 
ATOM   123  O  O   . SER A 1 22  ? 2.676   5.123   11.171  1.00 27.52 ? 19  SER A O   1 
ATOM   124  C  CB  . SER A 1 22  ? 2.922   6.116   13.884  1.00 28.71 ? 19  SER A CB  1 
ATOM   125  O  OG  . SER A 1 22  ? 3.743   4.969   13.808  1.00 33.60 ? 19  SER A OG  1 
ATOM   126  N  N   . PRO A 1 23  ? 0.496   5.727   11.056  1.00 28.09 ? 20  PRO A N   1 
ATOM   127  C  CA  . PRO A 1 23  ? 0.334   5.325   9.648   1.00 26.90 ? 20  PRO A CA  1 
ATOM   128  C  C   . PRO A 1 23  ? 1.179   6.135   8.668   1.00 25.70 ? 20  PRO A C   1 
ATOM   129  O  O   . PRO A 1 23  ? 1.647   5.586   7.679   1.00 25.92 ? 20  PRO A O   1 
ATOM   130  C  CB  . PRO A 1 23  ? -1.194  5.447   9.386   1.00 26.53 ? 20  PRO A CB  1 
ATOM   131  C  CG  . PRO A 1 23  ? -1.782  6.161   10.561  1.00 27.45 ? 20  PRO A CG  1 
ATOM   132  C  CD  . PRO A 1 23  ? -0.747  6.247   11.671  1.00 26.92 ? 20  PRO A CD  1 
ATOM   133  N  N   . LEU A 1 24  ? 1.372   7.424   8.913   1.00 24.18 ? 21  LEU A N   1 
ATOM   134  C  CA  . LEU A 1 24  ? 2.190   8.214   8.005   1.00 23.00 ? 21  LEU A CA  1 
ATOM   135  C  C   . LEU A 1 24  ? 3.656   7.830   8.088   1.00 22.48 ? 21  LEU A C   1 
ATOM   136  O  O   . LEU A 1 24  ? 4.292   7.689   7.053   1.00 21.56 ? 21  LEU A O   1 
ATOM   137  C  CB  . LEU A 1 24  ? 2.073   9.749   8.228   1.00 23.23 ? 21  LEU A CB  1 
ATOM   138  C  CG  . LEU A 1 24  ? 2.790   10.549  7.109   1.00 22.24 ? 21  LEU A CG  1 
ATOM   139  C  CD1 . LEU A 1 24  ? 2.340   10.173  5.703   1.00 20.28 ? 21  LEU A CD1 1 
ATOM   140  C  CD2 . LEU A 1 24  ? 2.659   12.025  7.251   1.00 23.85 ? 21  LEU A CD2 1 
ATOM   141  N  N   . GLU A 1 25  ? 4.198   7.704   9.302   1.00 21.20 ? 22  GLU A N   1 
ATOM   142  C  CA  . GLU A 1 25  ? 5.583   7.222   9.461   1.00 21.63 ? 22  GLU A CA  1 
ATOM   143  C  C   . GLU A 1 25  ? 5.814   5.924   8.741   1.00 20.39 ? 22  GLU A C   1 
ATOM   144  O  O   . GLU A 1 25  ? 6.848   5.765   8.091   1.00 19.39 ? 22  GLU A O   1 
ATOM   145  C  CB  . GLU A 1 25  ? 5.964   7.013   10.933  1.00 20.57 ? 22  GLU A CB  1 
ATOM   146  C  CG  . GLU A 1 25  ? 6.239   8.323   11.594  1.00 26.52 ? 22  GLU A CG  1 
ATOM   147  C  CD  . GLU A 1 25  ? 5.996   8.308   13.101  1.00 35.59 ? 22  GLU A CD  1 
ATOM   148  O  OE1 . GLU A 1 25  ? 6.295   7.273   13.741  1.00 36.29 ? 22  GLU A OE1 1 
ATOM   149  O  OE2 . GLU A 1 25  ? 5.523   9.352   13.626  1.00 38.62 ? 22  GLU A OE2 1 
ATOM   150  N  N   . HIS A 1 26  ? 4.872   4.984   8.914   1.00 18.19 ? 23  HIS A N   1 
ATOM   151  C  CA  . HIS A 1 26  ? 5.023   3.663   8.324   1.00 17.69 ? 23  HIS A CA  1 
ATOM   152  C  C   . HIS A 1 26  ? 4.824   3.697   6.813   1.00 16.37 ? 23  HIS A C   1 
ATOM   153  O  O   . HIS A 1 26  ? 5.547   3.030   6.102   1.00 16.25 ? 23  HIS A O   1 
ATOM   154  C  CB  . HIS A 1 26  ? 4.120   2.618   8.987   1.00 17.50 ? 23  HIS A CB  1 
ATOM   155  C  CG  . HIS A 1 26  ? 4.569   2.272   10.370  1.00 22.30 ? 23  HIS A CG  1 
ATOM   156  N  ND1 . HIS A 1 26  ? 4.185   2.994   11.482  1.00 23.60 ? 23  HIS A ND1 1 
ATOM   157  C  CD2 . HIS A 1 26  ? 5.397   1.299   10.817  1.00 21.78 ? 23  HIS A CD2 1 
ATOM   158  C  CE1 . HIS A 1 26  ? 4.758   2.476   12.555  1.00 26.43 ? 23  HIS A CE1 1 
ATOM   159  N  NE2 . HIS A 1 26  ? 5.504   1.455   12.178  1.00 27.50 ? 23  HIS A NE2 1 
ATOM   160  N  N   . GLY A 1 27  ? 3.857   4.453   6.320   1.00 16.33 ? 24  GLY A N   1 
ATOM   161  C  CA  . GLY A 1 27  ? 3.606   4.531   4.857   1.00 18.11 ? 24  GLY A CA  1 
ATOM   162  C  C   . GLY A 1 27  ? 4.711   5.343   4.154   1.00 17.88 ? 24  GLY A C   1 
ATOM   163  O  O   . GLY A 1 27  ? 4.977   5.171   2.967   1.00 17.36 ? 24  GLY A O   1 
ATOM   164  N  N   . THR A 1 28  ? 5.358   6.221   4.909   1.00 18.60 ? 25  THR A N   1 
ATOM   165  C  CA  . THR A 1 28  ? 6.568   6.923   4.432   1.00 19.95 ? 25  THR A CA  1 
ATOM   166  C  C   . THR A 1 28  ? 7.667   5.886   4.070   1.00 20.14 ? 25  THR A C   1 
ATOM   167  O  O   . THR A 1 28  ? 8.234   5.935   2.971   1.00 19.57 ? 25  THR A O   1 
ATOM   168  C  CB  . THR A 1 28  ? 7.061   7.994   5.440   1.00 18.96 ? 25  THR A CB  1 
ATOM   169  O  OG1 . THR A 1 28  ? 6.096   9.055   5.520   1.00 20.27 ? 25  THR A OG1 1 
ATOM   170  C  CG2 . THR A 1 28  ? 8.422   8.608   5.018   1.00 20.54 ? 25  THR A CG2 1 
ATOM   171  N  N   . VAL A 1 29  ? 7.924   4.946   4.986   1.00 20.29 ? 26  VAL A N   1 
ATOM   172  C  CA  . VAL A 1 29  ? 8.808   3.801   4.743   1.00 18.77 ? 26  VAL A CA  1 
ATOM   173  C  C   . VAL A 1 29  ? 8.390   3.016   3.491   1.00 19.66 ? 26  VAL A C   1 
ATOM   174  O  O   . VAL A 1 29  ? 9.247   2.750   2.657   1.00 19.40 ? 26  VAL A O   1 
ATOM   175  C  CB  . VAL A 1 29  ? 8.886   2.872   5.955   1.00 18.01 ? 26  VAL A CB  1 
ATOM   176  C  CG1 . VAL A 1 29  ? 9.688   1.574   5.664   1.00 17.59 ? 26  VAL A CG1 1 
ATOM   177  C  CG2 . VAL A 1 29  ? 9.480   3.576   7.149   1.00 15.28 ? 26  VAL A CG2 1 
ATOM   178  N  N   . LEU A 1 30  ? 7.100   2.664   3.356   1.00 19.51 ? 27  LEU A N   1 
ATOM   179  C  CA  . LEU A 1 30  ? 6.613   1.942   2.159   1.00 20.29 ? 27  LEU A CA  1 
ATOM   180  C  C   . LEU A 1 30  ? 6.921   2.749   0.879   1.00 19.28 ? 27  LEU A C   1 
ATOM   181  O  O   . LEU A 1 30  ? 7.456   2.219   -0.094  1.00 20.06 ? 27  LEU A O   1 
ATOM   182  C  CB  . LEU A 1 30  ? 5.103   1.616   2.284   1.00 19.46 ? 27  LEU A CB  1 
ATOM   183  C  CG  . LEU A 1 30  ? 4.340   0.681   1.322   1.00 23.70 ? 27  LEU A CG  1 
ATOM   184  C  CD1 . LEU A 1 30  ? 2.948   0.343   1.914   1.00 24.74 ? 27  LEU A CD1 1 
ATOM   185  C  CD2 . LEU A 1 30  ? 4.191   1.194   -0.195  1.00 20.76 ? 27  LEU A CD2 1 
ATOM   186  N  N   . PHE A 1 31  ? 6.587   4.035   0.867   1.00 18.07 ? 28  PHE A N   1 
ATOM   187  C  CA  . PHE A 1 31  ? 6.813   4.787   -0.367  1.00 17.57 ? 28  PHE A CA  1 
ATOM   188  C  C   . PHE A 1 31  ? 8.295   5.126   -0.640  1.00 17.88 ? 28  PHE A C   1 
ATOM   189  O  O   . PHE A 1 31  ? 8.698   5.099   -1.811  1.00 16.95 ? 28  PHE A O   1 
ATOM   190  C  CB  . PHE A 1 31  ? 5.827   5.967   -0.511  1.00 17.98 ? 28  PHE A CB  1 
ATOM   191  C  CG  . PHE A 1 31  ? 4.438   5.509   -0.885  1.00 18.65 ? 28  PHE A CG  1 
ATOM   192  C  CD1 . PHE A 1 31  ? 4.101   5.300   -2.208  1.00 21.82 ? 28  PHE A CD1 1 
ATOM   193  C  CD2 . PHE A 1 31  ? 3.518   5.190   0.096   1.00 19.91 ? 28  PHE A CD2 1 
ATOM   194  C  CE1 . PHE A 1 31  ? 2.841   4.815   -2.536  1.00 23.26 ? 28  PHE A CE1 1 
ATOM   195  C  CE2 . PHE A 1 31  ? 2.281   4.699   -0.204  1.00 20.80 ? 28  PHE A CE2 1 
ATOM   196  C  CZ  . PHE A 1 31  ? 1.937   4.502   -1.524  1.00 22.52 ? 28  PHE A CZ  1 
ATOM   197  N  N   . ALA A 1 32  ? 9.098   5.412   0.394   1.00 16.78 ? 29  ALA A N   1 
ATOM   198  C  CA  . ALA A 1 32  ? 10.563  5.566   0.197   1.00 18.77 ? 29  ALA A CA  1 
ATOM   199  C  C   . ALA A 1 32  ? 11.204  4.349   -0.470  1.00 19.22 ? 29  ALA A C   1 
ATOM   200  O  O   . ALA A 1 32  ? 12.017  4.463   -1.381  1.00 18.54 ? 29  ALA A O   1 
ATOM   201  C  CB  . ALA A 1 32  ? 11.311  5.844   1.529   1.00 18.08 ? 29  ALA A CB  1 
ATOM   202  N  N   . ARG A 1 33  ? 10.828  3.181   0.039   1.00 20.24 ? 30  ARG A N   1 
ATOM   203  C  CA  . ARG A 1 33  ? 11.257  1.904   -0.494  1.00 18.56 ? 30  ARG A CA  1 
ATOM   204  C  C   . ARG A 1 33  ? 10.738  1.683   -1.897  1.00 18.83 ? 30  ARG A C   1 
ATOM   205  O  O   . ARG A 1 33  ? 11.455  1.189   -2.730  1.00 19.57 ? 30  ARG A O   1 
ATOM   206  C  CB  . ARG A 1 33  ? 10.767  0.792   0.445   1.00 17.70 ? 30  ARG A CB  1 
ATOM   207  C  CG  . ARG A 1 33  ? 11.022  -0.630  -0.045  1.00 16.68 ? 30  ARG A CG  1 
ATOM   208  C  CD  . ARG A 1 33  ? 12.525  -0.853  -0.097  1.00 16.16 ? 30  ARG A CD  1 
ATOM   209  N  NE  . ARG A 1 33  ? 12.930  -2.238  -0.276  1.00 18.16 ? 30  ARG A NE  1 
ATOM   210  C  CZ  . ARG A 1 33  ? 14.206  -2.636  -0.368  1.00 21.47 ? 30  ARG A CZ  1 
ATOM   211  N  NH1 . ARG A 1 33  ? 15.190  -1.738  -0.256  1.00 16.78 ? 30  ARG A NH1 1 
ATOM   212  N  NH2 . ARG A 1 33  ? 14.499  -3.926  -0.554  1.00 17.03 ? 30  ARG A NH2 1 
ATOM   213  N  N   . LEU A 1 34  ? 9.460   1.959   -2.146  1.00 20.10 ? 31  LEU A N   1 
ATOM   214  C  CA  . LEU A 1 34  ? 8.912   1.833   -3.492  1.00 19.60 ? 31  LEU A CA  1 
ATOM   215  C  C   . LEU A 1 34  ? 9.738   2.609   -4.521  1.00 19.46 ? 31  LEU A C   1 
ATOM   216  O  O   . LEU A 1 34  ? 10.081  2.060   -5.556  1.00 19.84 ? 31  LEU A O   1 
ATOM   217  C  CB  . LEU A 1 34  ? 7.455   2.335   -3.541  1.00 19.00 ? 31  LEU A CB  1 
ATOM   218  C  CG  . LEU A 1 34  ? 6.745   2.209   -4.892  1.00 19.82 ? 31  LEU A CG  1 
ATOM   219  C  CD1 . LEU A 1 34  ? 6.621   0.721   -5.282  1.00 18.18 ? 31  LEU A CD1 1 
ATOM   220  C  CD2 . LEU A 1 34  ? 5.355   2.901   -4.903  1.00 18.79 ? 31  LEU A CD2 1 
ATOM   221  N  N   . PHE A 1 35  ? 10.052  3.872   -4.238  1.00 18.81 ? 32  PHE A N   1 
ATOM   222  C  CA  . PHE A 1 35  ? 10.844  4.676   -5.173  1.00 20.26 ? 32  PHE A CA  1 
ATOM   223  C  C   . PHE A 1 35  ? 12.334  4.328   -5.249  1.00 20.28 ? 32  PHE A C   1 
ATOM   224  O  O   . PHE A 1 35  ? 12.957  4.590   -6.264  1.00 20.72 ? 32  PHE A O   1 
ATOM   225  C  CB  . PHE A 1 35  ? 10.708  6.187   -4.914  1.00 20.09 ? 32  PHE A CB  1 
ATOM   226  C  CG  . PHE A 1 35  ? 9.323   6.697   -5.020  1.00 21.74 ? 32  PHE A CG  1 
ATOM   227  C  CD1 . PHE A 1 35  ? 8.483   6.260   -6.035  1.00 21.05 ? 32  PHE A CD1 1 
ATOM   228  C  CD2 . PHE A 1 35  ? 8.846   7.615   -4.076  1.00 21.70 ? 32  PHE A CD2 1 
ATOM   229  C  CE1 . PHE A 1 35  ? 7.148   6.745   -6.116  1.00 26.66 ? 32  PHE A CE1 1 
ATOM   230  C  CE2 . PHE A 1 35  ? 7.534   8.100   -4.146  1.00 21.17 ? 32  PHE A CE2 1 
ATOM   231  C  CZ  . PHE A 1 35  ? 6.677   7.677   -5.156  1.00 22.95 ? 32  PHE A CZ  1 
ATOM   232  N  N   . ALA A 1 36  ? 12.912  3.754   -4.198  1.00 20.29 ? 33  ALA A N   1 
ATOM   233  C  CA  . ALA A 1 36  ? 14.265  3.199   -4.310  1.00 21.38 ? 33  ALA A CA  1 
ATOM   234  C  C   . ALA A 1 36  ? 14.327  1.980   -5.248  1.00 21.79 ? 33  ALA A C   1 
ATOM   235  O  O   . ALA A 1 36  ? 15.309  1.781   -5.913  1.00 22.56 ? 33  ALA A O   1 
ATOM   236  C  CB  . ALA A 1 36  ? 14.830  2.842   -2.932  1.00 20.41 ? 33  ALA A CB  1 
ATOM   237  N  N   . LEU A 1 37  ? 13.277  1.170   -5.277  1.00 22.31 ? 34  LEU A N   1 
ATOM   238  C  CA  . LEU A 1 37  ? 13.174  -0.014  -6.118  1.00 23.05 ? 34  LEU A CA  1 
ATOM   239  C  C   . LEU A 1 37  ? 12.758  0.327   -7.553  1.00 22.81 ? 34  LEU A C   1 
ATOM   240  O  O   . LEU A 1 37  ? 13.237  -0.284  -8.506  1.00 22.66 ? 34  LEU A O   1 
ATOM   241  C  CB  . LEU A 1 37  ? 12.105  -0.952  -5.521  1.00 24.13 ? 34  LEU A CB  1 
ATOM   242  C  CG  . LEU A 1 37  ? 12.480  -1.614  -4.178  1.00 27.23 ? 34  LEU A CG  1 
ATOM   243  C  CD1 . LEU A 1 37  ? 11.339  -2.459  -3.644  1.00 29.97 ? 34  LEU A CD1 1 
ATOM   244  C  CD2 . LEU A 1 37  ? 13.713  -2.480  -4.382  1.00 30.46 ? 34  LEU A CD2 1 
ATOM   245  N  N   . GLU A 1 38  ? 11.863  1.301   -7.709  1.00 22.16 ? 35  GLU A N   1 
ATOM   246  C  CA  . GLU A 1 38  ? 11.286  1.597   -9.014  1.00 22.34 ? 35  GLU A CA  1 
ATOM   247  C  C   . GLU A 1 38  ? 11.047  3.096   -9.162  1.00 21.07 ? 35  GLU A C   1 
ATOM   248  O  O   . GLU A 1 38  ? 9.923   3.574   -8.998  1.00 19.53 ? 35  GLU A O   1 
ATOM   249  C  CB  . GLU A 1 38  ? 9.997   0.780   -9.175  1.00 23.85 ? 35  GLU A CB  1 
ATOM   250  C  CG  . GLU A 1 38  ? 9.443   0.745   -10.594 1.00 29.99 ? 35  GLU A CG  1 
ATOM   251  C  CD  . GLU A 1 38  ? 10.386  0.104   -11.570 1.00 40.06 ? 35  GLU A CD  1 
ATOM   252  O  OE1 . GLU A 1 38  ? 10.668  -1.106  -11.411 1.00 43.05 ? 35  GLU A OE1 1 
ATOM   253  O  OE2 . GLU A 1 38  ? 10.845  0.809   -12.510 1.00 44.37 ? 35  GLU A OE2 1 
ATOM   254  N  N   . PRO A 1 39  ? 12.134  3.848   -9.423  1.00 21.61 ? 36  PRO A N   1 
ATOM   255  C  CA  . PRO A 1 39  ? 12.120  5.298   -9.603  1.00 21.21 ? 36  PRO A CA  1 
ATOM   256  C  C   . PRO A 1 39  ? 11.173  5.744   -10.693 1.00 21.22 ? 36  PRO A C   1 
ATOM   257  O  O   . PRO A 1 39  ? 10.674  6.866   -10.624 1.00 20.25 ? 36  PRO A O   1 
ATOM   258  C  CB  . PRO A 1 39  ? 13.582  5.646   -9.993  1.00 22.18 ? 36  PRO A CB  1 
ATOM   259  C  CG  . PRO A 1 39  ? 14.400  4.455   -9.655  1.00 20.29 ? 36  PRO A CG  1 
ATOM   260  C  CD  . PRO A 1 39  ? 13.503  3.278   -9.497  1.00 20.26 ? 36  PRO A CD  1 
ATOM   261  N  N   . SER A 1 40  ? 10.910  4.885   -11.672 1.00 21.41 ? 37  SER A N   1 
ATOM   262  C  CA  . SER A 1 40  ? 10.014  5.252   -12.774 1.00 22.85 ? 37  SER A CA  1 
ATOM   263  C  C   . SER A 1 40  ? 8.555   5.418   -12.328 1.00 23.77 ? 37  SER A C   1 
ATOM   264  O  O   . SER A 1 40  ? 7.720   5.922   -13.101 1.00 23.56 ? 37  SER A O   1 
ATOM   265  C  CB  . SER A 1 40  ? 10.118  4.262   -13.950 1.00 23.84 ? 37  SER A CB  1 
ATOM   266  O  OG  . SER A 1 40  ? 9.965   2.918   -13.532 1.00 22.97 ? 37  SER A OG  1 
ATOM   267  N  N   . LEU A 1 41  ? 8.238   5.045   -11.083 1.00 24.05 ? 38  LEU A N   1 
ATOM   268  C  CA  . LEU A 1 41  ? 6.876   5.329   -10.570 1.00 24.47 ? 38  LEU A CA  1 
ATOM   269  C  C   . LEU A 1 41  ? 6.738   6.766   -10.097 1.00 24.52 ? 38  LEU A C   1 
ATOM   270  O  O   . LEU A 1 41  ? 5.642   7.309   -10.017 1.00 24.33 ? 38  LEU A O   1 
ATOM   271  C  CB  . LEU A 1 41  ? 6.469   4.366   -9.451  1.00 24.51 ? 38  LEU A CB  1 
ATOM   272  C  CG  . LEU A 1 41  ? 6.535   2.897   -9.826  1.00 23.81 ? 38  LEU A CG  1 
ATOM   273  C  CD1 . LEU A 1 41  ? 6.182   2.009   -8.614  1.00 24.13 ? 38  LEU A CD1 1 
ATOM   274  C  CD2 . LEU A 1 41  ? 5.633   2.607   -11.011 1.00 24.89 ? 38  LEU A CD2 1 
ATOM   275  N  N   . LEU A 1 42  ? 7.860   7.388   -9.775  1.00 25.11 ? 39  LEU A N   1 
ATOM   276  C  CA  . LEU A 1 42  ? 7.804   8.736   -9.249  1.00 26.79 ? 39  LEU A CA  1 
ATOM   277  C  C   . LEU A 1 42  ? 6.948   9.703   -10.107 1.00 27.55 ? 39  LEU A C   1 
ATOM   278  O  O   . LEU A 1 42  ? 6.102   10.401  -9.536  1.00 25.97 ? 39  LEU A O   1 
ATOM   279  C  CB  . LEU A 1 42  ? 9.208   9.263   -8.918  1.00 26.81 ? 39  LEU A CB  1 
ATOM   280  C  CG  . LEU A 1 42  ? 9.401   10.585  -8.151  1.00 29.83 ? 39  LEU A CG  1 
ATOM   281  C  CD1 . LEU A 1 42  ? 8.815   10.573  -6.755  1.00 25.01 ? 39  LEU A CD1 1 
ATOM   282  C  CD2 . LEU A 1 42  ? 10.906  10.883  -8.050  1.00 30.35 ? 39  LEU A CD2 1 
ATOM   283  N  N   . PRO A 1 43  ? 7.157   9.746   -11.453 1.00 29.03 ? 40  PRO A N   1 
ATOM   284  C  CA  . PRO A 1 43  ? 6.370   10.660  -12.304 1.00 29.22 ? 40  PRO A CA  1 
ATOM   285  C  C   . PRO A 1 43  ? 4.871   10.464  -12.293 1.00 29.91 ? 40  PRO A C   1 
ATOM   286  O  O   . PRO A 1 43  ? 4.165   11.349  -12.750 1.00 30.19 ? 40  PRO A O   1 
ATOM   287  C  CB  . PRO A 1 43  ? 6.871   10.346  -13.731 1.00 30.08 ? 40  PRO A CB  1 
ATOM   288  C  CG  . PRO A 1 43  ? 8.234   9.838   -13.574 1.00 28.94 ? 40  PRO A CG  1 
ATOM   289  C  CD  . PRO A 1 43  ? 8.145   9.006   -12.284 1.00 29.08 ? 40  PRO A CD  1 
ATOM   290  N  N   . LEU A 1 44  ? 4.372   9.326   -11.814 1.00 29.72 ? 41  LEU A N   1 
ATOM   291  C  CA  . LEU A 1 44  ? 2.945   9.126   -11.797 1.00 30.27 ? 41  LEU A CA  1 
ATOM   292  C  C   . LEU A 1 44  ? 2.266   9.996   -10.725 1.00 31.43 ? 41  LEU A C   1 
ATOM   293  O  O   . LEU A 1 44  ? 1.063   10.207  -10.812 1.00 31.71 ? 41  LEU A O   1 
ATOM   294  C  CB  . LEU A 1 44  ? 2.586   7.653   -11.581 1.00 29.98 ? 41  LEU A CB  1 
ATOM   295  C  CG  . LEU A 1 44  ? 3.024   6.643   -12.641 1.00 32.54 ? 41  LEU A CG  1 
ATOM   296  C  CD1 . LEU A 1 44  ? 2.738   5.218   -12.192 1.00 31.96 ? 41  LEU A CD1 1 
ATOM   297  C  CD2 . LEU A 1 44  ? 2.336   6.944   -13.991 1.00 32.39 ? 41  LEU A CD2 1 
ATOM   298  N  N   . PHE A 1 45  ? 3.014   10.470  -9.720  1.00 30.83 ? 42  PHE A N   1 
ATOM   299  C  CA  . PHE A 1 45  ? 2.433   11.274  -8.641  1.00 32.15 ? 42  PHE A CA  1 
ATOM   300  C  C   . PHE A 1 45  ? 2.599   12.761  -8.895  1.00 32.70 ? 42  PHE A C   1 
ATOM   301  O  O   . PHE A 1 45  ? 3.581   13.365  -8.487  1.00 32.72 ? 42  PHE A O   1 
ATOM   302  C  CB  . PHE A 1 45  ? 3.005   10.856  -7.271  1.00 31.17 ? 42  PHE A CB  1 
ATOM   303  C  CG  . PHE A 1 45  ? 2.671   9.448   -6.894  1.00 31.40 ? 42  PHE A CG  1 
ATOM   304  C  CD1 . PHE A 1 45  ? 1.496   9.159   -6.190  1.00 27.75 ? 42  PHE A CD1 1 
ATOM   305  C  CD2 . PHE A 1 45  ? 3.514   8.394   -7.263  1.00 29.86 ? 42  PHE A CD2 1 
ATOM   306  C  CE1 . PHE A 1 45  ? 1.191   7.842   -5.839  1.00 28.43 ? 42  PHE A CE1 1 
ATOM   307  C  CE2 . PHE A 1 45  ? 3.224   7.061   -6.907  1.00 29.29 ? 42  PHE A CE2 1 
ATOM   308  C  CZ  . PHE A 1 45  ? 2.061   6.784   -6.209  1.00 29.92 ? 42  PHE A CZ  1 
ATOM   309  N  N   . GLN A 1 46  ? 1.644   13.351  -9.598  1.00 35.00 ? 43  GLN A N   1 
ATOM   310  C  CA  . GLN A 1 46  ? 1.791   14.733  -10.041 1.00 37.45 ? 43  GLN A CA  1 
ATOM   311  C  C   . GLN A 1 46  ? 0.715   15.651  -9.475  1.00 38.87 ? 43  GLN A C   1 
ATOM   312  O  O   . GLN A 1 46  ? -0.481  15.346  -9.567  1.00 39.41 ? 43  GLN A O   1 
ATOM   313  C  CB  . GLN A 1 46  ? 1.818   14.811  -11.573 1.00 38.32 ? 43  GLN A CB  1 
ATOM   314  C  CG  . GLN A 1 46  ? 3.071   14.154  -12.170 1.00 41.23 ? 43  GLN A CG  1 
ATOM   315  C  CD  . GLN A 1 46  ? 3.202   14.391  -13.665 1.00 46.46 ? 43  GLN A CD  1 
ATOM   316  O  OE1 . GLN A 1 46  ? 3.050   15.528  -14.144 1.00 47.40 ? 43  GLN A OE1 1 
ATOM   317  N  NE2 . GLN A 1 46  ? 3.512   13.319  -14.414 1.00 45.50 ? 43  GLN A NE2 1 
ATOM   318  N  N   . TYR A 1 47  ? 1.160   16.757  -8.882  1.00 39.03 ? 44  TYR A N   1 
ATOM   319  C  CA  . TYR A 1 47  ? 0.282   17.727  -8.233  1.00 40.80 ? 44  TYR A CA  1 
ATOM   320  C  C   . TYR A 1 47  ? 0.642   19.075  -8.816  1.00 42.40 ? 44  TYR A C   1 
ATOM   321  O  O   . TYR A 1 47  ? 1.828   19.377  -8.990  1.00 43.27 ? 44  TYR A O   1 
ATOM   322  C  CB  . TYR A 1 47  ? 0.441   17.717  -6.696  1.00 39.83 ? 44  TYR A CB  1 
ATOM   323  C  CG  . TYR A 1 47  ? 0.279   16.321  -6.162  1.00 36.39 ? 44  TYR A CG  1 
ATOM   324  C  CD1 . TYR A 1 47  ? -0.982  15.728  -6.136  1.00 36.16 ? 44  TYR A CD1 1 
ATOM   325  C  CD2 . TYR A 1 47  ? 1.384   15.562  -5.778  1.00 32.10 ? 44  TYR A CD2 1 
ATOM   326  C  CE1 . TYR A 1 47  ? -1.153  14.431  -5.700  1.00 33.39 ? 44  TYR A CE1 1 
ATOM   327  C  CE2 . TYR A 1 47  ? 1.227   14.255  -5.333  1.00 32.42 ? 44  TYR A CE2 1 
ATOM   328  C  CZ  . TYR A 1 47  ? -0.044  13.706  -5.292  1.00 31.79 ? 44  TYR A CZ  1 
ATOM   329  O  OH  . TYR A 1 47  ? -0.245  12.434  -4.874  1.00 28.86 ? 44  TYR A OH  1 
ATOM   330  N  N   . ASN A 1 48  ? -0.385  19.859  -9.143  1.00 44.26 ? 45  ASN A N   1 
ATOM   331  C  CA  . ASN A 1 48  ? -0.222  21.141  -9.841  1.00 44.82 ? 45  ASN A CA  1 
ATOM   332  C  C   . ASN A 1 48  ? 0.494   21.000  -11.168 1.00 44.84 ? 45  ASN A C   1 
ATOM   333  O  O   . ASN A 1 48  ? 1.226   21.895  -11.552 1.00 45.98 ? 45  ASN A O   1 
ATOM   334  C  CB  . ASN A 1 48  ? 0.547   22.150  -8.987  1.00 45.08 ? 45  ASN A CB  1 
ATOM   335  N  N   . GLY A 1 49  ? 0.283   19.885  -11.862 1.00 44.83 ? 46  GLY A N   1 
ATOM   336  C  CA  . GLY A 1 49  ? 0.983   19.598  -13.115 1.00 44.11 ? 46  GLY A CA  1 
ATOM   337  C  C   . GLY A 1 49  ? 2.503   19.545  -13.033 1.00 43.61 ? 46  GLY A C   1 
ATOM   338  O  O   . GLY A 1 49  ? 3.184   19.799  -14.032 1.00 44.81 ? 46  GLY A O   1 
ATOM   339  N  N   . ARG A 1 50  ? 3.053   19.245  -11.856 1.00 41.53 ? 47  ARG A N   1 
ATOM   340  C  CA  . ARG A 1 50  ? 4.511   19.168  -11.705 1.00 39.67 ? 47  ARG A CA  1 
ATOM   341  C  C   . ARG A 1 50  ? 4.931   17.754  -11.330 1.00 37.53 ? 47  ARG A C   1 
ATOM   342  O  O   . ARG A 1 50  ? 4.164   17.003  -10.706 1.00 36.26 ? 47  ARG A O   1 
ATOM   343  C  CB  . ARG A 1 50  ? 5.038   20.114  -10.638 1.00 40.60 ? 47  ARG A CB  1 
ATOM   344  C  CG  . ARG A 1 50  ? 4.963   21.573  -10.975 1.00 45.21 ? 47  ARG A CG  1 
ATOM   345  C  CD  . ARG A 1 50  ? 5.722   22.370  -9.915  1.00 53.11 ? 47  ARG A CD  1 
ATOM   346  N  NE  . ARG A 1 50  ? 4.945   23.508  -9.419  1.00 59.06 ? 47  ARG A NE  1 
ATOM   347  C  CZ  . ARG A 1 50  ? 5.448   24.592  -8.828  1.00 61.13 ? 47  ARG A CZ  1 
ATOM   348  N  NH1 . ARG A 1 50  ? 6.765   24.737  -8.659  1.00 61.25 ? 47  ARG A NH1 1 
ATOM   349  N  NH2 . ARG A 1 50  ? 4.615   25.544  -8.410  1.00 63.21 ? 47  ARG A NH2 1 
ATOM   350  N  N   . GLN A 1 51  ? 6.153   17.425  -11.736 1.00 33.92 ? 48  GLN A N   1 
ATOM   351  C  CA  . GLN A 1 51  ? 6.743   16.131  -11.530 1.00 32.21 ? 48  GLN A CA  1 
ATOM   352  C  C   . GLN A 1 51  ? 7.709   16.328  -10.367 1.00 30.60 ? 48  GLN A C   1 
ATOM   353  O  O   . GLN A 1 51  ? 8.405   17.329  -10.337 1.00 30.52 ? 48  GLN A O   1 
ATOM   354  C  CB  . GLN A 1 51  ? 7.519   15.754  -12.799 1.00 31.84 ? 48  GLN A CB  1 
ATOM   355  C  CG  . GLN A 1 51  ? 7.461   14.293  -13.127 1.00 33.61 ? 48  GLN A CG  1 
ATOM   356  C  CD  . GLN A 1 51  ? 8.029   13.934  -14.478 1.00 30.71 ? 48  GLN A CD  1 
ATOM   357  O  OE1 . GLN A 1 51  ? 7.437   14.242  -15.539 1.00 30.53 ? 48  GLN A OE1 1 
ATOM   358  N  NE2 . GLN A 1 51  ? 9.164   13.235  -14.453 1.00 28.04 ? 48  GLN A NE2 1 
ATOM   359  N  N   . PHE A 1 52  ? 7.754   15.407  -9.406  1.00 28.07 ? 49  PHE A N   1 
ATOM   360  C  CA  . PHE A 1 52  ? 8.895   15.352  -8.482  1.00 25.39 ? 49  PHE A CA  1 
ATOM   361  C  C   . PHE A 1 52  ? 10.201  14.999  -9.200  1.00 24.94 ? 49  PHE A C   1 
ATOM   362  O  O   . PHE A 1 52  ? 10.220  14.067  -9.988  1.00 22.85 ? 49  PHE A O   1 
ATOM   363  C  CB  . PHE A 1 52  ? 8.629   14.338  -7.388  1.00 25.25 ? 49  PHE A CB  1 
ATOM   364  C  CG  . PHE A 1 52  ? 7.407   14.650  -6.571  1.00 23.77 ? 49  PHE A CG  1 
ATOM   365  C  CD1 . PHE A 1 52  ? 7.284   15.895  -5.924  1.00 20.32 ? 49  PHE A CD1 1 
ATOM   366  C  CD2 . PHE A 1 52  ? 6.369   13.722  -6.483  1.00 20.96 ? 49  PHE A CD2 1 
ATOM   367  C  CE1 . PHE A 1 52  ? 6.139   16.199  -5.147  1.00 21.09 ? 49  PHE A CE1 1 
ATOM   368  C  CE2 . PHE A 1 52  ? 5.210   14.012  -5.701  1.00 21.12 ? 49  PHE A CE2 1 
ATOM   369  C  CZ  . PHE A 1 52  ? 5.107   15.233  -5.046  1.00 21.44 ? 49  PHE A CZ  1 
ATOM   370  N  N   . SER A 1 53  ? 11.270  15.769  -8.973  1.00 24.50 ? 50  SER A N   1 
ATOM   371  C  CA  . SER A 1 53  ? 12.604  15.359  -9.446  1.00 25.81 ? 50  SER A CA  1 
ATOM   372  C  C   . SER A 1 53  ? 13.175  14.156  -8.711  1.00 25.36 ? 50  SER A C   1 
ATOM   373  O  O   . SER A 1 53  ? 13.605  13.188  -9.325  1.00 25.26 ? 50  SER A O   1 
ATOM   374  C  CB  . SER A 1 53  ? 13.617  16.486  -9.401  1.00 25.73 ? 50  SER A CB  1 
ATOM   375  O  OG  . SER A 1 53  ? 13.241  17.463  -10.358 1.00 30.19 ? 50  SER A OG  1 
ATOM   376  N  N   . SER A 1 54  ? 13.138  14.179  -7.390  1.00 25.79 ? 51  SER A N   1 
ATOM   377  C  CA  . SER A 1 54  ? 13.748  13.100  -6.643  1.00 26.37 ? 51  SER A CA  1 
ATOM   378  C  C   . SER A 1 54  ? 12.773  12.505  -5.621  1.00 25.32 ? 51  SER A C   1 
ATOM   379  O  O   . SER A 1 54  ? 11.758  13.112  -5.319  1.00 26.50 ? 51  SER A O   1 
ATOM   380  C  CB  . SER A 1 54  ? 15.045  13.594  -6.028  1.00 25.82 ? 51  SER A CB  1 
ATOM   381  O  OG  . SER A 1 54  ? 14.667  14.496  -5.016  1.00 34.12 ? 51  SER A OG  1 
ATOM   382  N  N   . PRO A 1 55  ? 13.020  11.271  -5.151  1.00 24.85 ? 52  PRO A N   1 
ATOM   383  C  CA  . PRO A 1 55  ? 12.121  10.683  -4.145  1.00 24.70 ? 52  PRO A CA  1 
ATOM   384  C  C   . PRO A 1 55  ? 11.875  11.549  -2.897  1.00 24.56 ? 52  PRO A C   1 
ATOM   385  O  O   . PRO A 1 55  ? 10.778  11.552  -2.378  1.00 24.82 ? 52  PRO A O   1 
ATOM   386  C  CB  . PRO A 1 55  ? 12.820  9.367   -3.793  1.00 24.69 ? 52  PRO A CB  1 
ATOM   387  C  CG  . PRO A 1 55  ? 13.580  9.005   -5.078  1.00 24.49 ? 52  PRO A CG  1 
ATOM   388  C  CD  . PRO A 1 55  ? 14.086  10.330  -5.561  1.00 25.08 ? 52  PRO A CD  1 
ATOM   389  N  N   . GLU A 1 56  ? 12.877  12.280  -2.425  1.00 24.31 ? 53  GLU A N   1 
ATOM   390  C  CA  . GLU A 1 56  ? 12.741  13.120  -1.236  1.00 24.25 ? 53  GLU A CA  1 
ATOM   391  C  C   . GLU A 1 56  ? 11.884  14.362  -1.463  1.00 23.62 ? 53  GLU A C   1 
ATOM   392  O  O   . GLU A 1 56  ? 11.344  14.877  -0.500  1.00 22.91 ? 53  GLU A O   1 
ATOM   393  C  CB  . GLU A 1 56  ? 14.111  13.490  -0.613  1.00 23.64 ? 53  GLU A CB  1 
ATOM   394  C  CG  . GLU A 1 56  ? 15.031  14.369  -1.443  1.00 24.58 ? 53  GLU A CG  1 
ATOM   395  C  CD  . GLU A 1 56  ? 15.932  13.603  -2.433  1.00 26.13 ? 53  GLU A CD  1 
ATOM   396  O  OE1 . GLU A 1 56  ? 15.693  12.402  -2.704  1.00 20.75 ? 53  GLU A OE1 1 
ATOM   397  O  OE2 . GLU A 1 56  ? 16.890  14.229  -2.945  1.00 27.38 ? 53  GLU A OE2 1 
ATOM   398  N  N   . ASP A 1 57  ? 11.754  14.814  -2.717  1.00 23.38 ? 54  ASP A N   1 
ATOM   399  C  CA  . ASP A 1 57  ? 10.741  15.810  -3.126  1.00 23.02 ? 54  ASP A CA  1 
ATOM   400  C  C   . ASP A 1 57  ? 9.310   15.353  -2.785  1.00 23.05 ? 54  ASP A C   1 
ATOM   401  O  O   . ASP A 1 57  ? 8.480   16.179  -2.403  1.00 22.80 ? 54  ASP A O   1 
ATOM   402  C  CB  . ASP A 1 57  ? 10.809  16.125  -4.639  1.00 23.20 ? 54  ASP A CB  1 
ATOM   403  C  CG  . ASP A 1 57  ? 12.130  16.791  -5.057  1.00 27.37 ? 54  ASP A CG  1 
ATOM   404  O  OD1 . ASP A 1 57  ? 12.781  17.502  -4.261  1.00 28.76 ? 54  ASP A OD1 1 
ATOM   405  O  OD2 . ASP A 1 57  ? 12.555  16.606  -6.211  1.00 32.15 ? 54  ASP A OD2 1 
ATOM   406  N  N   . SER A 1 58  ? 9.007   14.063  -2.933  1.00 22.48 ? 55  SER A N   1 
ATOM   407  C  CA  . SER A 1 58  ? 7.631   13.601  -2.693  1.00 22.98 ? 55  SER A CA  1 
ATOM   408  C  C   . SER A 1 58  ? 7.272   13.710  -1.197  1.00 22.76 ? 55  SER A C   1 
ATOM   409  O  O   . SER A 1 58  ? 6.164   14.083  -0.826  1.00 23.69 ? 55  SER A O   1 
ATOM   410  C  CB  . SER A 1 58  ? 7.402   12.191  -3.256  1.00 22.39 ? 55  SER A CB  1 
ATOM   411  O  OG  . SER A 1 58  ? 8.138   11.219  -2.570  1.00 21.27 ? 55  SER A OG  1 
ATOM   412  N  N   . LEU A 1 59  ? 8.265   13.465  -0.360  1.00 22.78 ? 56  LEU A N   1 
ATOM   413  C  CA  . LEU A 1 59  ? 8.171   13.533  1.086   1.00 22.80 ? 56  LEU A CA  1 
ATOM   414  C  C   . LEU A 1 59  ? 7.873   14.932  1.610   1.00 23.91 ? 56  LEU A C   1 
ATOM   415  O  O   . LEU A 1 59  ? 7.368   15.066  2.703   1.00 23.93 ? 56  LEU A O   1 
ATOM   416  C  CB  . LEU A 1 59  ? 9.448   12.944  1.715   1.00 22.31 ? 56  LEU A CB  1 
ATOM   417  C  CG  . LEU A 1 59  ? 9.615   11.440  1.470   1.00 20.08 ? 56  LEU A CG  1 
ATOM   418  C  CD1 . LEU A 1 59  ? 10.737  10.839  2.323   1.00 19.18 ? 56  LEU A CD1 1 
ATOM   419  C  CD2 . LEU A 1 59  ? 8.298   10.699  1.744   1.00 22.01 ? 56  LEU A CD2 1 
ATOM   420  N  N   . SER A 1 60  ? 8.174   15.978  0.841   1.00 25.15 ? 57  SER A N   1 
ATOM   421  C  CA  . SER A 1 60  ? 7.856   17.344  1.260   1.00 25.91 ? 57  SER A CA  1 
ATOM   422  C  C   . SER A 1 60  ? 6.510   17.888  0.739   1.00 25.56 ? 57  SER A C   1 
ATOM   423  O  O   . SER A 1 60  ? 6.170   19.029  1.014   1.00 27.14 ? 57  SER A O   1 
ATOM   424  C  CB  . SER A 1 60  ? 8.971   18.280  0.816   1.00 26.40 ? 57  SER A CB  1 
ATOM   425  O  OG  . SER A 1 60  ? 9.003   18.291  -0.604  1.00 29.61 ? 57  SER A OG  1 
ATOM   426  N  N   . SER A 1 61  ? 5.732   17.078  0.038   1.00 24.29 ? 58  SER A N   1 
ATOM   427  C  CA  . SER A 1 61  ? 4.512   17.525  -0.588  1.00 23.77 ? 58  SER A CA  1 
ATOM   428  C  C   . SER A 1 61  ? 3.320   17.094  0.272   1.00 24.90 ? 58  SER A C   1 
ATOM   429  O  O   . SER A 1 61  ? 3.121   15.883  0.455   1.00 23.85 ? 58  SER A O   1 
ATOM   430  C  CB  . SER A 1 61  ? 4.427   16.894  -2.001  1.00 23.38 ? 58  SER A CB  1 
ATOM   431  O  OG  . SER A 1 61  ? 3.081   16.670  -2.381  1.00 20.70 ? 58  SER A OG  1 
ATOM   432  N  N   . PRO A 1 62  ? 2.540   18.072  0.814   1.00 25.93 ? 59  PRO A N   1 
ATOM   433  C  CA  . PRO A 1 62  ? 1.291   17.777  1.539   1.00 25.96 ? 59  PRO A CA  1 
ATOM   434  C  C   . PRO A 1 62  ? 0.410   16.807  0.801   1.00 25.18 ? 59  PRO A C   1 
ATOM   435  O  O   . PRO A 1 62  ? -0.087  15.893  1.431   1.00 25.94 ? 59  PRO A O   1 
ATOM   436  C  CB  . PRO A 1 62  ? 0.550   19.138  1.615   1.00 26.34 ? 59  PRO A CB  1 
ATOM   437  C  CG  . PRO A 1 62  ? 1.684   20.194  1.566   1.00 28.32 ? 59  PRO A CG  1 
ATOM   438  C  CD  . PRO A 1 62  ? 2.829   19.526  0.773   1.00 26.46 ? 59  PRO A CD  1 
ATOM   439  N  N   . GLU A 1 63  ? 0.179   17.024  -0.492  1.00 24.51 ? 60  GLU A N   1 
ATOM   440  C  CA  . GLU A 1 63  ? -0.695  16.154  -1.264  1.00 25.17 ? 60  GLU A CA  1 
ATOM   441  C  C   . GLU A 1 63  ? -0.201  14.727  -1.328  1.00 23.84 ? 60  GLU A C   1 
ATOM   442  O  O   . GLU A 1 63  ? -1.023  13.822  -1.236  1.00 23.44 ? 60  GLU A O   1 
ATOM   443  C  CB  . GLU A 1 63  ? -0.896  16.623  -2.700  1.00 26.02 ? 60  GLU A CB  1 
ATOM   444  C  CG  . GLU A 1 63  ? -1.756  17.851  -2.865  1.00 32.46 ? 60  GLU A CG  1 
ATOM   445  C  CD  . GLU A 1 63  ? -0.943  19.142  -3.029  1.00 41.28 ? 60  GLU A CD  1 
ATOM   446  O  OE1 . GLU A 1 63  ? 0.236   19.265  -2.569  1.00 39.82 ? 60  GLU A OE1 1 
ATOM   447  O  OE2 . GLU A 1 63  ? -1.542  20.068  -3.622  1.00 47.21 ? 60  GLU A OE2 1 
ATOM   448  N  N   . PHE A 1 64  ? 1.108   14.527  -1.526  1.00 22.09 ? 61  PHE A N   1 
ATOM   449  C  CA  . PHE A 1 64  ? 1.672   13.179  -1.526  1.00 20.99 ? 61  PHE A CA  1 
ATOM   450  C  C   . PHE A 1 64  ? 1.546   12.492  -0.187  1.00 20.65 ? 61  PHE A C   1 
ATOM   451  O  O   . PHE A 1 64  ? 1.199   11.303  -0.132  1.00 21.85 ? 61  PHE A O   1 
ATOM   452  C  CB  . PHE A 1 64  ? 3.130   13.136  -2.035  1.00 20.74 ? 61  PHE A CB  1 
ATOM   453  C  CG  . PHE A 1 64  ? 3.668   11.738  -2.125  1.00 22.19 ? 61  PHE A CG  1 
ATOM   454  C  CD1 . PHE A 1 64  ? 3.166   10.842  -3.100  1.00 21.09 ? 61  PHE A CD1 1 
ATOM   455  C  CD2 . PHE A 1 64  ? 4.647   11.299  -1.219  1.00 18.19 ? 61  PHE A CD2 1 
ATOM   456  C  CE1 . PHE A 1 64  ? 3.635   9.517   -3.163  1.00 21.56 ? 61  PHE A CE1 1 
ATOM   457  C  CE2 . PHE A 1 64  ? 5.153   9.985   -1.289  1.00 17.24 ? 61  PHE A CE2 1 
ATOM   458  C  CZ  . PHE A 1 64  ? 4.648   9.086   -2.265  1.00 19.87 ? 61  PHE A CZ  1 
ATOM   459  N  N   . LEU A 1 65  ? 1.797   13.237  0.887   1.00 19.85 ? 62  LEU A N   1 
ATOM   460  C  CA  . LEU A 1 65  ? 1.635   12.763  2.258   1.00 20.10 ? 62  LEU A CA  1 
ATOM   461  C  C   . LEU A 1 65  ? 0.158   12.456  2.562   1.00 21.86 ? 62  LEU A C   1 
ATOM   462  O  O   . LEU A 1 65  ? -0.143  11.405  3.140   1.00 20.84 ? 62  LEU A O   1 
ATOM   463  C  CB  . LEU A 1 65  ? 2.254   13.739  3.262   1.00 18.65 ? 62  LEU A CB  1 
ATOM   464  C  CG  . LEU A 1 65  ? 3.782   13.962  3.183   1.00 20.09 ? 62  LEU A CG  1 
ATOM   465  C  CD1 . LEU A 1 65  ? 4.326   14.974  4.240   1.00 21.53 ? 62  LEU A CD1 1 
ATOM   466  C  CD2 . LEU A 1 65  ? 4.608   12.670  3.214   1.00 13.41 ? 62  LEU A CD2 1 
ATOM   467  N  N   A ASP A 1 66  ? -0.749  13.289  2.033   0.80 22.92 ? 63  ASP A N   1 
ATOM   468  N  N   B ASP A 1 66  ? -0.734  13.404  2.253   0.20 21.21 ? 63  ASP A N   1 
ATOM   469  C  CA  A ASP A 1 66  ? -2.167  12.932  1.951   0.80 24.14 ? 63  ASP A CA  1 
ATOM   470  C  CA  B ASP A 1 66  ? -2.165  13.276  2.547   0.20 21.21 ? 63  ASP A CA  1 
ATOM   471  C  C   A ASP A 1 66  ? -2.443  11.653  1.147   0.80 23.06 ? 63  ASP A C   1 
ATOM   472  C  C   B ASP A 1 66  ? -2.628  11.932  1.996   0.20 21.01 ? 63  ASP A C   1 
ATOM   473  O  O   A ASP A 1 66  ? -3.202  10.810  1.599   0.80 23.35 ? 63  ASP A O   1 
ATOM   474  O  O   B ASP A 1 66  ? -3.569  11.318  2.495   0.20 20.78 ? 63  ASP A O   1 
ATOM   475  C  CB  A ASP A 1 66  ? -3.032  14.099  1.445   0.80 25.17 ? 63  ASP A CB  1 
ATOM   476  C  CB  B ASP A 1 66  ? -2.986  14.400  1.891   0.20 21.25 ? 63  ASP A CB  1 
ATOM   477  C  CG  A ASP A 1 66  ? -3.155  15.224  2.455   0.80 29.37 ? 63  ASP A CG  1 
ATOM   478  C  CG  B ASP A 1 66  ? -2.708  15.787  2.481   0.20 21.76 ? 63  ASP A CG  1 
ATOM   479  O  OD1 A ASP A 1 66  ? -2.647  15.085  3.593   0.80 32.14 ? 63  ASP A OD1 1 
ATOM   480  O  OD1 B ASP A 1 66  ? -2.444  15.905  3.695   0.20 21.56 ? 63  ASP A OD1 1 
ATOM   481  O  OD2 A ASP A 1 66  ? -3.767  16.267  2.115   0.80 35.64 ? 63  ASP A OD2 1 
ATOM   482  O  OD2 B ASP A 1 66  ? -2.778  16.778  1.718   0.20 22.35 ? 63  ASP A OD2 1 
ATOM   483  N  N   A HIS A 1 67  ? -1.812  11.457  -0.006  0.83 22.94 ? 64  HIS A N   1 
ATOM   484  N  N   B HIS A 1 67  ? -1.927  11.502  0.947   0.17 20.94 ? 64  HIS A N   1 
ATOM   485  C  CA  A HIS A 1 67  ? -1.980  10.175  -0.707  0.83 22.26 ? 64  HIS A CA  1 
ATOM   486  C  CA  B HIS A 1 67  ? -2.170  10.252  0.227   0.17 20.88 ? 64  HIS A CA  1 
ATOM   487  C  C   A HIS A 1 67  ? -1.631  8.945   0.159   0.83 21.82 ? 64  HIS A C   1 
ATOM   488  C  C   B HIS A 1 67  ? -1.459  9.032   0.829   0.17 21.15 ? 64  HIS A C   1 
ATOM   489  O  O   A HIS A 1 67  ? -2.330  7.936   0.166   0.83 22.00 ? 64  HIS A O   1 
ATOM   490  O  O   B HIS A 1 67  ? -1.977  7.917   0.743   0.17 20.91 ? 64  HIS A O   1 
ATOM   491  C  CB  A HIS A 1 67  ? -1.169  10.138  -1.990  0.83 20.85 ? 64  HIS A CB  1 
ATOM   492  C  CB  B HIS A 1 67  ? -1.793  10.429  -1.253  0.17 20.77 ? 64  HIS A CB  1 
ATOM   493  C  CG  A HIS A 1 67  ? -1.238  8.811   -2.663  0.83 22.28 ? 64  HIS A CG  1 
ATOM   494  C  CG  B HIS A 1 67  ? -1.590  9.145   -1.993  0.17 20.23 ? 64  HIS A CG  1 
ATOM   495  N  ND1 A HIS A 1 67  ? -0.229  7.877   -2.570  0.83 23.47 ? 64  HIS A ND1 1 
ATOM   496  N  ND1 B HIS A 1 67  ? -0.349  8.565   -2.147  0.17 20.49 ? 64  HIS A ND1 1 
ATOM   497  C  CD2 A HIS A 1 67  ? -2.227  8.236   -3.388  0.83 21.63 ? 64  HIS A CD2 1 
ATOM   498  C  CD2 B HIS A 1 67  ? -2.468  8.326   -2.622  0.17 20.12 ? 64  HIS A CD2 1 
ATOM   499  C  CE1 A HIS A 1 67  ? -0.581  6.795   -3.235  0.83 24.57 ? 64  HIS A CE1 1 
ATOM   500  C  CE1 B HIS A 1 67  ? -0.472  7.445   -2.838  0.17 20.19 ? 64  HIS A CE1 1 
ATOM   501  N  NE2 A HIS A 1 67  ? -1.787  6.989   -3.746  0.83 24.04 ? 64  HIS A NE2 1 
ATOM   502  N  NE2 B HIS A 1 67  ? -1.747  7.279   -3.140  0.17 20.21 ? 64  HIS A NE2 1 
ATOM   503  N  N   A ILE A 1 68  ? -0.522  9.031   0.898   0.80 21.87 ? 65  ILE A N   1 
ATOM   504  N  N   B ILE A 1 68  ? -0.285  9.208   1.439   0.20 21.41 ? 65  ILE A N   1 
ATOM   505  C  CA  A ILE A 1 68  ? -0.094  7.951   1.790   0.80 21.19 ? 65  ILE A CA  1 
ATOM   506  C  CA  B ILE A 1 68  ? 0.274   8.082   2.165   0.20 21.72 ? 65  ILE A CA  1 
ATOM   507  C  C   A ILE A 1 68  ? -1.120  7.646   2.886   0.80 21.62 ? 65  ILE A C   1 
ATOM   508  C  C   B ILE A 1 68  ? -0.823  7.683   3.152   0.20 22.18 ? 65  ILE A C   1 
ATOM   509  O  O   A ILE A 1 68  ? -1.449  6.498   3.131   0.80 21.00 ? 65  ILE A O   1 
ATOM   510  O  O   B ILE A 1 68  ? -0.979  6.513   3.491   0.20 22.00 ? 65  ILE A O   1 
ATOM   511  C  CB  A ILE A 1 68  ? 1.310   8.216   2.424   0.80 21.31 ? 65  ILE A CB  1 
ATOM   512  C  CB  B ILE A 1 68  ? 1.614   8.424   2.852   0.20 21.69 ? 65  ILE A CB  1 
ATOM   513  C  CG1 A ILE A 1 68  ? 2.377   8.503   1.355   0.80 18.74 ? 65  ILE A CG1 1 
ATOM   514  C  CG1 B ILE A 1 68  ? 2.713   8.600   1.795   0.20 21.35 ? 65  ILE A CG1 1 
ATOM   515  C  CG2 A ILE A 1 68  ? 1.712   7.057   3.342   0.80 19.83 ? 65  ILE A CG2 1 
ATOM   516  C  CG2 B ILE A 1 68  ? 1.994   7.339   3.850   0.20 21.29 ? 65  ILE A CG2 1 
ATOM   517  C  CD1 A ILE A 1 68  ? 3.820   8.816   1.946   0.80 18.34 ? 65  ILE A CD1 1 
ATOM   518  C  CD1 B ILE A 1 68  ? 4.077   9.029   2.337   0.20 19.89 ? 65  ILE A CD1 1 
ATOM   519  N  N   . ARG A 1 69  ? -1.607  8.672   3.572   1.00 22.38 ? 66  ARG A N   1 
ATOM   520  C  CA  . ARG A 1 69  ? -2.625  8.458   4.573   1.00 24.03 ? 66  ARG A CA  1 
ATOM   521  C  C   . ARG A 1 69  ? -3.847  7.716   3.969   1.00 25.70 ? 66  ARG A C   1 
ATOM   522  O  O   . ARG A 1 69  ? -4.401  6.862   4.660   1.00 25.60 ? 66  ARG A O   1 
ATOM   523  C  CB  . ARG A 1 69  ? -2.999  9.777   5.280   1.00 25.72 ? 66  ARG A CB  1 
ATOM   524  C  CG  . ARG A 1 69  ? -1.871  10.473  6.058   1.00 22.94 ? 66  ARG A CG  1 
ATOM   525  C  CD  . ARG A 1 69  ? -2.451  11.603  6.927   1.00 28.52 ? 66  ARG A CD  1 
ATOM   526  N  NE  . ARG A 1 69  ? -1.429  12.259  7.745   1.00 23.28 ? 66  ARG A NE  1 
ATOM   527  C  CZ  . ARG A 1 69  ? -0.897  11.776  8.873   1.00 26.60 ? 66  ARG A CZ  1 
ATOM   528  N  NH1 . ARG A 1 69  ? -1.304  10.612  9.423   1.00 24.19 ? 66  ARG A NH1 1 
ATOM   529  N  NH2 . ARG A 1 69  ? 0.047   12.494  9.485   1.00 20.58 ? 66  ARG A NH2 1 
ATOM   530  N  N   A LYS A 1 70  ? -4.227  8.005   2.713   0.80 26.13 ? 67  LYS A N   1 
ATOM   531  N  N   B LYS A 1 70  ? -4.234  8.056   2.735   0.20 25.56 ? 67  LYS A N   1 
ATOM   532  C  CA  A LYS A 1 70  ? -5.365  7.335   2.061   0.80 27.33 ? 67  LYS A CA  1 
ATOM   533  C  CA  B LYS A 1 70  ? -5.314  7.378   2.006   0.20 25.97 ? 67  LYS A CA  1 
ATOM   534  C  C   A LYS A 1 70  ? -5.098  5.856   1.776   0.80 26.95 ? 67  LYS A C   1 
ATOM   535  C  C   B LYS A 1 70  ? -5.037  5.882   1.904   0.20 26.05 ? 67  LYS A C   1 
ATOM   536  O  O   A LYS A 1 70  ? -6.013  5.020   1.871   0.80 27.30 ? 67  LYS A O   1 
ATOM   537  O  O   B LYS A 1 70  ? -5.868  5.059   2.295   0.20 26.34 ? 67  LYS A O   1 
ATOM   538  C  CB  A LYS A 1 70  ? -5.750  7.979   0.714   0.80 28.08 ? 67  LYS A CB  1 
ATOM   539  C  CB  B LYS A 1 70  ? -5.465  7.932   0.581   0.20 25.98 ? 67  LYS A CB  1 
ATOM   540  C  CG  A LYS A 1 70  ? -6.019  9.481   0.681   0.80 32.26 ? 67  LYS A CG  1 
ATOM   541  C  CG  B LYS A 1 70  ? -6.584  8.947   0.340   0.20 26.11 ? 67  LYS A CG  1 
ATOM   542  C  CD  A LYS A 1 70  ? -6.318  9.944   -0.763  0.80 37.56 ? 67  LYS A CD  1 
ATOM   543  C  CD  B LYS A 1 70  ? -6.647  9.375   -1.138  0.20 25.58 ? 67  LYS A CD  1 
ATOM   544  C  CE  A LYS A 1 70  ? -5.622  11.275  -1.051  0.80 41.78 ? 67  LYS A CE  1 
ATOM   545  C  CE  B LYS A 1 70  ? -5.348  10.046  -1.595  0.20 24.92 ? 67  LYS A CE  1 
ATOM   546  N  NZ  A LYS A 1 70  ? -5.783  11.787  -2.464  0.80 45.61 ? 67  LYS A NZ  1 
ATOM   547  N  NZ  B LYS A 1 70  ? -5.048  9.978   -3.064  0.20 24.31 ? 67  LYS A NZ  1 
ATOM   548  N  N   . VAL A 1 71  ? -3.870  5.556   1.352   1.00 26.41 ? 68  VAL A N   1 
ATOM   549  C  CA  . VAL A 1 71  ? -3.387  4.179   1.197   1.00 25.45 ? 68  VAL A CA  1 
ATOM   550  C  C   . VAL A 1 71  ? -3.395  3.377   2.476   1.00 25.06 ? 68  VAL A C   1 
ATOM   551  O  O   . VAL A 1 71  ? -3.801  2.213   2.486   1.00 25.29 ? 68  VAL A O   1 
ATOM   552  C  CB  . VAL A 1 71  ? -1.939  4.166   0.652   1.00 26.23 ? 68  VAL A CB  1 
ATOM   553  C  CG1 . VAL A 1 71  ? -1.336  2.717   0.605   1.00 24.77 ? 68  VAL A CG1 1 
ATOM   554  C  CG2 . VAL A 1 71  ? -1.934  4.776   -0.720  1.00 24.60 ? 68  VAL A CG2 1 
ATOM   555  N  N   . MET A 1 72  ? -2.934  3.984   3.561   1.00 24.67 ? 69  MET A N   1 
ATOM   556  C  CA  . MET A 1 72  ? -2.876  3.284   4.831   1.00 23.29 ? 69  MET A CA  1 
ATOM   557  C  C   . MET A 1 72  ? -4.303  3.080   5.351   1.00 24.60 ? 69  MET A C   1 
ATOM   558  O  O   . MET A 1 72  ? -4.591  2.086   6.038   1.00 22.99 ? 69  MET A O   1 
ATOM   559  C  CB  . MET A 1 72  ? -2.003  4.068   5.821   1.00 23.38 ? 69  MET A CB  1 
ATOM   560  C  CG  . MET A 1 72  ? -0.527  4.178   5.392   1.00 23.59 ? 69  MET A CG  1 
ATOM   561  S  SD  . MET A 1 72  ? 0.275   2.565   5.319   1.00 26.22 ? 69  MET A SD  1 
ATOM   562  C  CE  . MET A 1 72  ? 0.514   2.205   7.035   1.00 23.61 ? 69  MET A CE  1 
ATOM   563  N  N   . LEU A 1 73  ? -5.202  4.015   5.025   1.00 24.81 ? 70  LEU A N   1 
ATOM   564  C  CA  . LEU A 1 73  ? -6.614  3.840   5.428   1.00 27.00 ? 70  LEU A CA  1 
ATOM   565  C  C   . LEU A 1 73  ? -7.237  2.649   4.680   1.00 26.30 ? 70  LEU A C   1 
ATOM   566  O  O   . LEU A 1 73  ? -7.953  1.855   5.265   1.00 26.51 ? 70  LEU A O   1 
ATOM   567  C  CB  . LEU A 1 73  ? -7.450  5.116   5.199   1.00 27.50 ? 70  LEU A CB  1 
ATOM   568  C  CG  . LEU A 1 73  ? -8.939  4.977   5.608   1.00 29.81 ? 70  LEU A CG  1 
ATOM   569  C  CD1 . LEU A 1 73  ? -9.124  5.621   6.929   1.00 32.01 ? 70  LEU A CD1 1 
ATOM   570  C  CD2 . LEU A 1 73  ? -9.904  5.594   4.626   1.00 35.07 ? 70  LEU A CD2 1 
ATOM   571  N  N   . VAL A 1 74  ? -6.945  2.510   3.394   1.00 26.73 ? 71  VAL A N   1 
ATOM   572  C  CA  . VAL A 1 74  ? -7.456  1.379   2.621   1.00 28.21 ? 71  VAL A CA  1 
ATOM   573  C  C   . VAL A 1 74  ? -6.878  0.012   3.042   1.00 28.93 ? 71  VAL A C   1 
ATOM   574  O  O   . VAL A 1 74  ? -7.603  -0.975  3.164   1.00 29.10 ? 71  VAL A O   1 
ATOM   575  C  CB  . VAL A 1 74  ? -7.328  1.647   1.123   1.00 28.92 ? 71  VAL A CB  1 
ATOM   576  C  CG1 . VAL A 1 74  ? -7.622  0.364   0.293   1.00 29.34 ? 71  VAL A CG1 1 
ATOM   577  C  CG2 . VAL A 1 74  ? -8.279  2.760   0.768   1.00 28.02 ? 71  VAL A CG2 1 
ATOM   578  N  N   . ILE A 1 75  ? -5.588  -0.030  3.364   1.00 29.56 ? 72  ILE A N   1 
ATOM   579  C  CA  . ILE A 1 75  ? -5.023  -1.222  3.961   1.00 29.42 ? 72  ILE A CA  1 
ATOM   580  C  C   . ILE A 1 75  ? -5.685  -1.532  5.299   1.00 30.65 ? 72  ILE A C   1 
ATOM   581  O  O   . ILE A 1 75  ? -5.913  -2.693  5.640   1.00 31.34 ? 72  ILE A O   1 
ATOM   582  C  CB  . ILE A 1 75  ? -3.500  -1.051  4.216   1.00 29.36 ? 72  ILE A CB  1 
ATOM   583  C  CG1 . ILE A 1 75  ? -2.756  -0.789  2.893   1.00 28.05 ? 72  ILE A CG1 1 
ATOM   584  C  CG2 . ILE A 1 75  ? -2.960  -2.264  5.022   1.00 26.46 ? 72  ILE A CG2 1 
ATOM   585  C  CD1 . ILE A 1 75  ? -1.262  -0.477  3.095   1.00 30.60 ? 72  ILE A CD1 1 
ATOM   586  N  N   . ASP A 1 76  ? -5.923  -0.503  6.101   1.00 31.36 ? 73  ASP A N   1 
ATOM   587  C  CA  . ASP A 1 76  ? -6.613  -0.685  7.370   1.00 32.23 ? 73  ASP A CA  1 
ATOM   588  C  C   . ASP A 1 76  ? -8.027  -1.275  7.170   1.00 32.88 ? 73  ASP A C   1 
ATOM   589  O  O   . ASP A 1 76  ? -8.473  -2.134  7.940   1.00 32.10 ? 73  ASP A O   1 
ATOM   590  C  CB  . ASP A 1 76  ? -6.701  0.655   8.108   1.00 32.39 ? 73  ASP A CB  1 
ATOM   591  C  CG  . ASP A 1 76  ? -7.246  0.505   9.516   1.00 35.41 ? 73  ASP A CG  1 
ATOM   592  O  OD1 . ASP A 1 76  ? -6.541  0.022   10.437  1.00 39.85 ? 73  ASP A OD1 1 
ATOM   593  O  OD2 . ASP A 1 76  ? -8.398  0.896   9.715   1.00 41.93 ? 73  ASP A OD2 1 
ATOM   594  N  N   . ALA A 1 77  ? -8.728  -0.798  6.144   1.00 32.68 ? 74  ALA A N   1 
ATOM   595  C  CA  . ALA A 1 77  ? -10.022 -1.364  5.802   1.00 34.13 ? 74  ALA A CA  1 
ATOM   596  C  C   . ALA A 1 77  ? -9.849  -2.871  5.533   1.00 34.75 ? 74  ALA A C   1 
ATOM   597  O  O   . ALA A 1 77  ? -10.551 -3.698  6.124   1.00 35.41 ? 74  ALA A O   1 
ATOM   598  C  CB  . ALA A 1 77  ? -10.655 -0.632  4.605   1.00 32.85 ? 74  ALA A CB  1 
ATOM   599  N  N   . ALA A 1 78  ? -8.896  -3.231  4.678   1.00 35.41 ? 75  ALA A N   1 
ATOM   600  C  CA  . ALA A 1 78  ? -8.585  -4.646  4.414   1.00 35.58 ? 75  ALA A CA  1 
ATOM   601  C  C   . ALA A 1 78  ? -8.201  -5.462  5.662   1.00 36.84 ? 75  ALA A C   1 
ATOM   602  O  O   . ALA A 1 78  ? -8.552  -6.637  5.777   1.00 36.72 ? 75  ALA A O   1 
ATOM   603  C  CB  . ALA A 1 78  ? -7.530  -4.764  3.355   1.00 35.07 ? 75  ALA A CB  1 
ATOM   604  N  N   . VAL A 1 79  ? -7.491  -4.855  6.605   1.00 37.39 ? 76  VAL A N   1 
ATOM   605  C  CA  . VAL A 1 79  ? -7.200  -5.554  7.849   1.00 39.11 ? 76  VAL A CA  1 
ATOM   606  C  C   . VAL A 1 79  ? -8.459  -5.785  8.705   1.00 41.24 ? 76  VAL A C   1 
ATOM   607  O  O   . VAL A 1 79  ? -8.665  -6.877  9.235   1.00 41.52 ? 76  VAL A O   1 
ATOM   608  C  CB  . VAL A 1 79  ? -6.109  -4.851  8.681   1.00 38.89 ? 76  VAL A CB  1 
ATOM   609  C  CG1 . VAL A 1 79  ? -5.987  -5.507  10.055  1.00 37.43 ? 76  VAL A CG1 1 
ATOM   610  C  CG2 . VAL A 1 79  ? -4.775  -4.899  7.954   1.00 37.47 ? 76  VAL A CG2 1 
ATOM   611  N  N   . THR A 1 80  ? -9.296  -4.757  8.833   1.00 43.63 ? 77  THR A N   1 
ATOM   612  C  CA  . THR A 1 80  ? -10.529 -4.858  9.617   1.00 45.55 ? 77  THR A CA  1 
ATOM   613  C  C   . THR A 1 80  ? -11.464 -5.899  9.020   1.00 46.55 ? 77  THR A C   1 
ATOM   614  O  O   . THR A 1 80  ? -12.111 -6.629  9.764   1.00 46.81 ? 77  THR A O   1 
ATOM   615  C  CB  . THR A 1 80  ? -11.260 -3.509  9.759   1.00 45.53 ? 77  THR A CB  1 
ATOM   616  O  OG1 . THR A 1 80  ? -10.378 -2.568  10.368  1.00 44.57 ? 77  THR A OG1 1 
ATOM   617  C  CG2 . THR A 1 80  ? -12.518 -3.662  10.649  1.00 47.50 ? 77  THR A CG2 1 
ATOM   618  N  N   . ASN A 1 81  ? -11.490 -5.986  7.689   1.00 47.99 ? 78  ASN A N   1 
ATOM   619  C  CA  . ASN A 1 81  ? -12.294 -6.964  6.967   1.00 48.75 ? 78  ASN A CA  1 
ATOM   620  C  C   . ASN A 1 81  ? -11.521 -8.170  6.411   1.00 49.47 ? 78  ASN A C   1 
ATOM   621  O  O   . ASN A 1 81  ? -11.808 -8.634  5.307   1.00 49.35 ? 78  ASN A O   1 
ATOM   622  C  CB  . ASN A 1 81  ? -13.005 -6.258  5.822   1.00 49.38 ? 78  ASN A CB  1 
ATOM   623  C  CG  . ASN A 1 81  ? -13.924 -5.156  6.308   1.00 51.10 ? 78  ASN A CG  1 
ATOM   624  O  OD1 . ASN A 1 81  ? -13.619 -3.970  6.170   1.00 53.77 ? 78  ASN A OD1 1 
ATOM   625  N  ND2 . ASN A 1 81  ? -15.054 -5.543  6.885   1.00 52.04 ? 78  ASN A ND2 1 
ATOM   626  N  N   . VAL A 1 82  ? -10.554 -8.689  7.161   1.00 50.28 ? 79  VAL A N   1 
ATOM   627  C  CA  . VAL A 1 82  ? -9.711  -9.778  6.639   1.00 51.33 ? 79  VAL A CA  1 
ATOM   628  C  C   . VAL A 1 82  ? -10.391 -11.163 6.546   1.00 52.57 ? 79  VAL A C   1 
ATOM   629  O  O   . VAL A 1 82  ? -10.076 -11.948 5.640   1.00 52.30 ? 79  VAL A O   1 
ATOM   630  C  CB  . VAL A 1 82  ? -8.327  -9.848  7.329   1.00 50.95 ? 79  VAL A CB  1 
ATOM   631  C  CG1 . VAL A 1 82  ? -8.466  -10.129 8.824   1.00 50.56 ? 79  VAL A CG1 1 
ATOM   632  C  CG2 . VAL A 1 82  ? -7.421  -10.874 6.624   1.00 50.08 ? 79  VAL A CG2 1 
ATOM   633  N  N   . GLU A 1 83  ? -11.327 -11.438 7.454   1.00 53.98 ? 80  GLU A N   1 
ATOM   634  C  CA  . GLU A 1 83  ? -12.125 -12.667 7.440   1.00 55.32 ? 80  GLU A CA  1 
ATOM   635  C  C   . GLU A 1 83  ? -13.107 -12.725 6.250   1.00 56.12 ? 80  GLU A C   1 
ATOM   636  O  O   . GLU A 1 83  ? -13.390 -13.802 5.713   1.00 56.10 ? 80  GLU A O   1 
ATOM   637  C  CB  . GLU A 1 83  ? -12.879 -12.814 8.769   1.00 55.79 ? 80  GLU A CB  1 
ATOM   638  C  CG  . GLU A 1 83  ? -11.992 -12.841 10.019  1.00 57.22 ? 80  GLU A CG  1 
ATOM   639  C  CD  . GLU A 1 83  ? -11.669 -14.253 10.505  1.00 61.12 ? 80  GLU A CD  1 
ATOM   640  O  OE1 . GLU A 1 83  ? -12.033 -15.223 9.799   1.00 61.92 ? 80  GLU A OE1 1 
ATOM   641  O  OE2 . GLU A 1 83  ? -11.062 -14.401 11.599  1.00 60.34 ? 80  GLU A OE2 1 
ATOM   642  N  N   . ASP A 1 84  ? -13.636 -11.576 5.837   1.00 56.65 ? 81  ASP A N   1 
ATOM   643  C  CA  . ASP A 1 84  ? -14.467 -11.525 4.631   1.00 57.09 ? 81  ASP A CA  1 
ATOM   644  C  C   . ASP A 1 84  ? -14.255 -10.213 3.891   1.00 57.08 ? 81  ASP A C   1 
ATOM   645  O  O   . ASP A 1 84  ? -14.712 -9.145  4.312   1.00 56.69 ? 81  ASP A O   1 
ATOM   646  C  CB  . ASP A 1 84  ? -15.955 -11.781 4.938   1.00 57.51 ? 81  ASP A CB  1 
ATOM   647  N  N   . LEU A 1 85  ? -13.523 -10.328 2.790   1.00 57.70 ? 82  LEU A N   1 
ATOM   648  C  CA  . LEU A 1 85  ? -13.132 -9.197  1.964   1.00 57.94 ? 82  LEU A CA  1 
ATOM   649  C  C   . LEU A 1 85  ? -14.159 -8.946  0.878   1.00 58.44 ? 82  LEU A C   1 
ATOM   650  O  O   . LEU A 1 85  ? -14.167 -7.881  0.249   1.00 58.54 ? 82  LEU A O   1 
ATOM   651  C  CB  . LEU A 1 85  ? -11.755 -9.454  1.353   1.00 58.06 ? 82  LEU A CB  1 
ATOM   652  C  CG  . LEU A 1 85  ? -10.551 -9.359  2.295   1.00 57.31 ? 82  LEU A CG  1 
ATOM   653  C  CD1 . LEU A 1 85  ? -9.408  -10.186 1.730   1.00 57.35 ? 82  LEU A CD1 1 
ATOM   654  C  CD2 . LEU A 1 85  ? -10.140 -7.909  2.508   1.00 55.01 ? 82  LEU A CD2 1 
ATOM   655  N  N   . SER A 1 86  ? -15.012 -9.947  0.656   1.00 58.80 ? 83  SER A N   1 
ATOM   656  C  CA  . SER A 1 86  ? -16.244 -9.798  -0.131  1.00 58.77 ? 83  SER A CA  1 
ATOM   657  C  C   . SER A 1 86  ? -16.957 -8.500  0.249   1.00 58.08 ? 83  SER A C   1 
ATOM   658  O  O   . SER A 1 86  ? -17.421 -7.771  -0.622  1.00 58.15 ? 83  SER A O   1 
ATOM   659  C  CB  . SER A 1 86  ? -17.179 -11.013 0.063   1.00 59.05 ? 83  SER A CB  1 
ATOM   660  O  OG  . SER A 1 86  ? -17.397 -11.301 1.441   1.00 59.31 ? 83  SER A OG  1 
ATOM   661  N  N   . SER A 1 87  ? -17.010 -8.209  1.548   1.00 57.79 ? 84  SER A N   1 
ATOM   662  C  CA  . SER A 1 87  ? -17.550 -6.940  2.041   1.00 57.20 ? 84  SER A CA  1 
ATOM   663  C  C   . SER A 1 87  ? -16.744 -5.674  1.665   1.00 56.98 ? 84  SER A C   1 
ATOM   664  O  O   . SER A 1 87  ? -17.196 -4.551  1.947   1.00 57.29 ? 84  SER A O   1 
ATOM   665  C  CB  . SER A 1 87  ? -17.779 -7.014  3.558   1.00 57.57 ? 84  SER A CB  1 
ATOM   666  O  OG  . SER A 1 87  ? -16.565 -7.186  4.279   1.00 57.87 ? 84  SER A OG  1 
ATOM   667  N  N   . LEU A 1 88  ? -15.578 -5.855  1.029   1.00 56.12 ? 85  LEU A N   1 
ATOM   668  C  CA  . LEU A 1 88  ? -14.713 -4.761  0.529   1.00 54.96 ? 85  LEU A CA  1 
ATOM   669  C  C   . LEU A 1 88  ? -14.437 -4.826  -0.988  1.00 53.87 ? 85  LEU A C   1 
ATOM   670  O  O   . LEU A 1 88  ? -13.912 -3.888  -1.595  1.00 53.91 ? 85  LEU A O   1 
ATOM   671  C  CB  . LEU A 1 88  ? -13.378 -4.777  1.291   1.00 54.37 ? 85  LEU A CB  1 
ATOM   672  C  CG  . LEU A 1 88  ? -12.525 -3.505  1.291   1.00 55.09 ? 85  LEU A CG  1 
ATOM   673  C  CD1 . LEU A 1 88  ? -13.192 -2.362  2.060   1.00 54.21 ? 85  LEU A CD1 1 
ATOM   674  C  CD2 . LEU A 1 88  ? -11.160 -3.804  1.880   1.00 54.14 ? 85  LEU A CD2 1 
ATOM   675  N  N   . GLU A 1 89  ? -14.798 -5.941  -1.602  1.00 52.95 ? 86  GLU A N   1 
ATOM   676  C  CA  . GLU A 1 89  ? -14.430 -6.213  -2.990  1.00 51.91 ? 86  GLU A CA  1 
ATOM   677  C  C   . GLU A 1 89  ? -14.903 -5.158  -3.987  1.00 50.59 ? 86  GLU A C   1 
ATOM   678  O  O   . GLU A 1 89  ? -14.191 -4.844  -4.943  1.00 50.80 ? 86  GLU A O   1 
ATOM   679  C  CB  . GLU A 1 89  ? -14.934 -7.606  -3.408  1.00 52.69 ? 86  GLU A CB  1 
ATOM   680  N  N   . GLU A 1 90  ? -16.109 -4.635  -3.772  1.00 49.32 ? 87  GLU A N   1 
ATOM   681  C  CA  . GLU A 1 90  ? -16.698 -3.612  -4.648  1.00 47.89 ? 87  GLU A CA  1 
ATOM   682  C  C   . GLU A 1 90  ? -15.907 -2.303  -4.639  1.00 45.54 ? 87  GLU A C   1 
ATOM   683  O  O   . GLU A 1 90  ? -15.665 -1.696  -5.689  1.00 43.65 ? 87  GLU A O   1 
ATOM   684  C  CB  . GLU A 1 90  ? -18.155 -3.318  -4.245  1.00 48.39 ? 87  GLU A CB  1 
ATOM   685  C  CG  . GLU A 1 90  ? -19.078 -4.541  -4.179  1.00 50.35 ? 87  GLU A CG  1 
ATOM   686  C  CD  . GLU A 1 90  ? -19.697 -4.859  -5.513  1.00 52.89 ? 87  GLU A CD  1 
ATOM   687  O  OE1 . GLU A 1 90  ? -18.987 -4.751  -6.539  1.00 50.56 ? 87  GLU A OE1 1 
ATOM   688  O  OE2 . GLU A 1 90  ? -20.902 -5.210  -5.520  1.00 57.19 ? 87  GLU A OE2 1 
ATOM   689  N  N   . TYR A 1 91  ? -15.529 -1.866  -3.441  1.00 44.43 ? 88  TYR A N   1 
ATOM   690  C  CA  . TYR A 1 91  ? -14.631 -0.704  -3.323  1.00 43.65 ? 88  TYR A CA  1 
ATOM   691  C  C   . TYR A 1 91  ? -13.329 -0.927  -4.124  1.00 42.89 ? 88  TYR A C   1 
ATOM   692  O  O   . TYR A 1 91  ? -13.012 -0.139  -5.003  1.00 43.34 ? 88  TYR A O   1 
ATOM   693  C  CB  . TYR A 1 91  ? -14.365 -0.299  -1.856  1.00 43.20 ? 88  TYR A CB  1 
ATOM   694  C  CG  . TYR A 1 91  ? -13.273 0.747   -1.823  1.00 44.43 ? 88  TYR A CG  1 
ATOM   695  C  CD1 . TYR A 1 91  ? -13.534 2.051   -2.256  1.00 42.62 ? 88  TYR A CD1 1 
ATOM   696  C  CD2 . TYR A 1 91  ? -11.963 0.412   -1.455  1.00 42.82 ? 88  TYR A CD2 1 
ATOM   697  C  CE1 . TYR A 1 91  ? -12.539 3.000   -2.287  1.00 43.45 ? 88  TYR A CE1 1 
ATOM   698  C  CE2 . TYR A 1 91  ? -10.948 1.368   -1.486  1.00 43.74 ? 88  TYR A CE2 1 
ATOM   699  C  CZ  . TYR A 1 91  ? -11.251 2.656   -1.904  1.00 42.42 ? 88  TYR A CZ  1 
ATOM   700  O  OH  . TYR A 1 91  ? -10.288 3.620   -1.938  1.00 41.42 ? 88  TYR A OH  1 
ATOM   701  N  N   . LEU A 1 92  ? -12.622 -2.033  -3.873  1.00 42.50 ? 89  LEU A N   1 
ATOM   702  C  CA  . LEU A 1 92  ? -11.325 -2.342  -4.545  1.00 41.38 ? 89  LEU A CA  1 
ATOM   703  C  C   . LEU A 1 92  ? -11.387 -2.413  -6.062  1.00 41.32 ? 89  LEU A C   1 
ATOM   704  O  O   . LEU A 1 92  ? -10.507 -1.898  -6.777  1.00 40.63 ? 89  LEU A O   1 
ATOM   705  C  CB  . LEU A 1 92  ? -10.714 -3.639  -3.985  1.00 40.44 ? 89  LEU A CB  1 
ATOM   706  C  CG  . LEU A 1 92  ? -10.424 -3.550  -2.484  1.00 38.77 ? 89  LEU A CG  1 
ATOM   707  C  CD1 . LEU A 1 92  ? -10.177 -4.925  -1.878  1.00 40.24 ? 89  LEU A CD1 1 
ATOM   708  C  CD2 . LEU A 1 92  ? -9.256  -2.575  -2.195  1.00 38.41 ? 89  LEU A CD2 1 
ATOM   709  N  N   . THR A 1 93  ? -12.447 -3.030  -6.565  1.00 41.61 ? 90  THR A N   1 
ATOM   710  C  CA  . THR A 1 93  ? -12.618 -3.086  -8.006  1.00 41.95 ? 90  THR A CA  1 
ATOM   711  C  C   . THR A 1 93  ? -12.728 -1.678  -8.573  1.00 42.03 ? 90  THR A C   1 
ATOM   712  O  O   . THR A 1 93  ? -12.140 -1.379  -9.615  1.00 42.63 ? 90  THR A O   1 
ATOM   713  C  CB  . THR A 1 93  ? -13.840 -3.946  -8.374  1.00 42.77 ? 90  THR A CB  1 
ATOM   714  O  OG1 . THR A 1 93  ? -13.776 -5.189  -7.649  1.00 43.99 ? 90  THR A OG1 1 
ATOM   715  C  CG2 . THR A 1 93  ? -13.854 -4.226  -9.859  1.00 40.84 ? 90  THR A CG2 1 
ATOM   716  N  N   . SER A 1 94  ? -13.454 -0.796  -7.888  1.00 42.14 ? 91  SER A N   1 
ATOM   717  C  CA  . SER A 1 94  ? -13.509 0.601   -8.346  1.00 43.01 ? 91  SER A CA  1 
ATOM   718  C  C   . SER A 1 94  ? -12.158 1.312   -8.177  1.00 42.93 ? 91  SER A C   1 
ATOM   719  O  O   . SER A 1 94  ? -11.675 1.961   -9.107  1.00 43.02 ? 91  SER A O   1 
ATOM   720  C  CB  . SER A 1 94  ? -14.666 1.394   -7.710  1.00 42.94 ? 91  SER A CB  1 
ATOM   721  O  OG  . SER A 1 94  ? -14.714 1.357   -6.291  1.00 41.42 ? 91  SER A OG  1 
ATOM   722  N  N   . LEU A 1 95  ? -11.546 1.145   -7.004  1.00 42.42 ? 92  LEU A N   1 
ATOM   723  C  CA  . LEU A 1 95  ? -10.129 1.519   -6.807  1.00 42.30 ? 92  LEU A CA  1 
ATOM   724  C  C   . LEU A 1 95  ? -9.223  1.051   -7.961  1.00 41.81 ? 92  LEU A C   1 
ATOM   725  O  O   . LEU A 1 95  ? -8.393  1.808   -8.485  1.00 41.74 ? 92  LEU A O   1 
ATOM   726  C  CB  . LEU A 1 95  ? -9.617  1.048   -5.429  1.00 40.83 ? 92  LEU A CB  1 
ATOM   727  C  CG  . LEU A 1 95  ? -8.252  1.607   -5.042  1.00 41.30 ? 92  LEU A CG  1 
ATOM   728  C  CD1 . LEU A 1 95  ? -8.300  3.135   -5.004  1.00 41.83 ? 92  LEU A CD1 1 
ATOM   729  C  CD2 . LEU A 1 95  ? -7.727  1.035   -3.727  1.00 38.87 ? 92  LEU A CD2 1 
ATOM   730  N  N   . GLY A 1 96  ? -9.389  -0.195  -8.374  1.00 42.23 ? 93  GLY A N   1 
ATOM   731  C  CA  . GLY A 1 96  ? -8.617  -0.684  -9.502  1.00 43.99 ? 93  GLY A CA  1 
ATOM   732  C  C   . GLY A 1 96  ? -8.790  0.163   -10.746 1.00 45.62 ? 93  GLY A C   1 
ATOM   733  O  O   . GLY A 1 96  ? -7.817  0.480   -11.429 1.00 45.82 ? 93  GLY A O   1 
ATOM   734  N  N   . ARG A 1 97  ? -10.043 0.519   -11.036 1.00 47.31 ? 94  ARG A N   1 
ATOM   735  C  CA  . ARG A 1 97  ? -10.432 1.283   -12.230 1.00 48.68 ? 94  ARG A CA  1 
ATOM   736  C  C   . ARG A 1 97  ? -9.777  2.660   -12.249 1.00 49.22 ? 94  ARG A C   1 
ATOM   737  O  O   . ARG A 1 97  ? -9.235  3.105   -13.267 1.00 49.35 ? 94  ARG A O   1 
ATOM   738  C  CB  . ARG A 1 97  ? -11.967 1.439   -12.283 1.00 49.02 ? 94  ARG A CB  1 
ATOM   739  C  CG  . ARG A 1 97  ? -12.683 0.442   -13.198 1.00 50.52 ? 94  ARG A CG  1 
ATOM   740  C  CD  . ARG A 1 97  ? -14.207 0.611   -13.197 1.00 51.69 ? 94  ARG A CD  1 
ATOM   741  N  NE  . ARG A 1 97  ? -14.868 -0.119  -12.111 1.00 52.54 ? 94  ARG A NE  1 
ATOM   742  C  CZ  . ARG A 1 97  ? -15.721 0.428   -11.242 1.00 52.90 ? 94  ARG A CZ  1 
ATOM   743  N  NH1 . ARG A 1 97  ? -16.045 1.718   -11.344 1.00 52.60 ? 94  ARG A NH1 1 
ATOM   744  N  NH2 . ARG A 1 97  ? -16.266 -0.321  -10.282 1.00 47.72 ? 94  ARG A NH2 1 
ATOM   745  N  N   . LYS A 1 98  ? -9.845  3.327   -11.099 1.00 49.88 ? 95  LYS A N   1 
ATOM   746  C  CA  . LYS A 1 98  ? -9.177  4.609   -10.885 1.00 49.98 ? 95  LYS A CA  1 
ATOM   747  C  C   . LYS A 1 98  ? -7.664  4.514   -11.200 1.00 49.85 ? 95  LYS A C   1 
ATOM   748  O  O   . LYS A 1 98  ? -7.090  5.460   -11.727 1.00 49.94 ? 95  LYS A O   1 
ATOM   749  C  CB  . LYS A 1 98  ? -9.544  5.097   -9.467  1.00 49.65 ? 95  LYS A CB  1 
ATOM   750  C  CG  . LYS A 1 98  ? -8.640  6.092   -8.752  1.00 49.96 ? 95  LYS A CG  1 
ATOM   751  C  CD  . LYS A 1 98  ? -8.799  7.539   -9.184  1.00 49.37 ? 95  LYS A CD  1 
ATOM   752  C  CE  . LYS A 1 98  ? -7.740  8.409   -8.503  1.00 47.67 ? 95  LYS A CE  1 
ATOM   753  N  NZ  . LYS A 1 98  ? -7.375  9.649   -9.259  1.00 47.77 ? 95  LYS A NZ  1 
ATOM   754  N  N   A HIS A 1 99  ? -7.054  3.367   -10.889 0.83 49.97 ? 96  HIS A N   1 
ATOM   755  N  N   B HIS A 1 99  ? -7.045  3.374   -10.899 0.17 50.27 ? 96  HIS A N   1 
ATOM   756  C  CA  A HIS A 1 99  ? -5.626  3.111   -11.138 0.83 50.09 ? 96  HIS A CA  1 
ATOM   757  C  CA  B HIS A 1 99  ? -5.610  3.188   -11.139 0.17 50.56 ? 96  HIS A CA  1 
ATOM   758  C  C   A HIS A 1 99  ? -5.241  2.933   -12.594 0.83 50.33 ? 96  HIS A C   1 
ATOM   759  C  C   B HIS A 1 99  ? -5.223  2.926   -12.600 0.17 50.96 ? 96  HIS A C   1 
ATOM   760  O  O   A HIS A 1 99  ? -4.315  3.587   -13.067 0.83 49.76 ? 96  HIS A O   1 
ATOM   761  O  O   B HIS A 1 99  ? -4.275  3.535   -13.096 0.17 50.80 ? 96  HIS A O   1 
ATOM   762  C  CB  A HIS A 1 99  ? -5.137  1.895   -10.348 0.83 49.49 ? 96  HIS A CB  1 
ATOM   763  C  CB  B HIS A 1 99  ? -5.019  2.138   -10.192 0.17 50.42 ? 96  HIS A CB  1 
ATOM   764  C  CG  A HIS A 1 99  ? -4.789  2.221   -8.938  0.83 49.16 ? 96  HIS A CG  1 
ATOM   765  C  CG  B HIS A 1 99  ? -4.646  2.689   -8.851  0.17 50.17 ? 96  HIS A CG  1 
ATOM   766  N  ND1 A HIS A 1 99  ? -5.657  2.010   -7.891  0.83 48.90 ? 96  HIS A ND1 1 
ATOM   767  N  ND1 B HIS A 1 99  ? -5.556  2.836   -7.827  0.17 49.83 ? 96  HIS A ND1 1 
ATOM   768  C  CD2 A HIS A 1 99  ? -3.686  2.790   -8.408  0.83 49.05 ? 96  HIS A CD2 1 
ATOM   769  C  CD2 B HIS A 1 99  ? -3.466  3.147   -8.372  0.17 49.92 ? 96  HIS A CD2 1 
ATOM   770  C  CE1 A HIS A 1 99  ? -5.095  2.417   -6.769  0.83 48.77 ? 96  HIS A CE1 1 
ATOM   771  C  CE1 B HIS A 1 99  ? -4.952  3.353   -6.773  0.17 49.78 ? 96  HIS A CE1 1 
ATOM   772  N  NE2 A HIS A 1 99  ? -3.899  2.896   -7.056  0.83 49.48 ? 96  HIS A NE2 1 
ATOM   773  N  NE2 B HIS A 1 99  ? -3.682  3.552   -7.078  0.17 49.69 ? 96  HIS A NE2 1 
ATOM   774  N  N   . ARG A 1 100 ? -5.948  2.037   -13.279 1.00 51.26 ? 97  ARG A N   1 
ATOM   775  C  CA  . ARG A 1 100 ? -5.732  1.768   -14.711 1.00 52.97 ? 97  ARG A CA  1 
ATOM   776  C  C   . ARG A 1 100 ? -5.890  3.030   -15.550 1.00 53.48 ? 97  ARG A C   1 
ATOM   777  O  O   . ARG A 1 100 ? -5.181  3.216   -16.542 1.00 52.54 ? 97  ARG A O   1 
ATOM   778  C  CB  . ARG A 1 100 ? -6.719  0.722   -15.242 1.00 53.67 ? 97  ARG A CB  1 
ATOM   779  C  CG  . ARG A 1 100 ? -6.475  0.299   -16.706 1.00 56.23 ? 97  ARG A CG  1 
ATOM   780  C  CD  . ARG A 1 100 ? -7.705  -0.378  -17.320 1.00 62.39 ? 97  ARG A CD  1 
ATOM   781  N  NE  . ARG A 1 100 ? -7.821  -0.200  -18.772 1.00 64.80 ? 97  ARG A NE  1 
ATOM   782  C  CZ  . ARG A 1 100 ? -8.847  -0.638  -19.506 1.00 65.80 ? 97  ARG A CZ  1 
ATOM   783  N  NH1 . ARG A 1 100 ? -9.851  -1.297  -18.932 1.00 65.20 ? 97  ARG A NH1 1 
ATOM   784  N  NH2 . ARG A 1 100 ? -8.872  -0.423  -20.819 1.00 65.14 ? 97  ARG A NH2 1 
ATOM   785  N  N   . ALA A 1 101 ? -6.843  3.865   -15.134 1.00 54.41 ? 98  ALA A N   1 
ATOM   786  C  CA  . ALA A 1 101 ? -7.149  5.123   -15.807 1.00 55.54 ? 98  ALA A CA  1 
ATOM   787  C  C   . ALA A 1 101 ? -6.024  6.139   -15.629 1.00 55.98 ? 98  ALA A C   1 
ATOM   788  O  O   . ALA A 1 101 ? -5.835  7.005   -16.488 1.00 55.88 ? 98  ALA A O   1 
ATOM   789  C  CB  . ALA A 1 101 ? -8.469  5.694   -15.290 1.00 55.48 ? 98  ALA A CB  1 
ATOM   790  N  N   . VAL A 1 102 ? -5.283  6.041   -14.523 1.00 56.39 ? 99  VAL A N   1 
ATOM   791  C  CA  . VAL A 1 102 ? -4.227  7.031   -14.257 1.00 56.69 ? 99  VAL A CA  1 
ATOM   792  C  C   . VAL A 1 102 ? -2.803  6.606   -14.649 1.00 56.61 ? 99  VAL A C   1 
ATOM   793  O  O   . VAL A 1 102 ? -1.827  7.230   -14.211 1.00 56.63 ? 99  VAL A O   1 
ATOM   794  C  CB  . VAL A 1 102 ? -4.290  7.650   -12.823 1.00 57.04 ? 99  VAL A CB  1 
ATOM   795  C  CG1 . VAL A 1 102 ? -5.629  8.372   -12.605 1.00 58.33 ? 99  VAL A CG1 1 
ATOM   796  C  CG2 . VAL A 1 102 ? -4.025  6.630   -11.729 1.00 57.00 ? 99  VAL A CG2 1 
ATOM   797  N  N   . GLY A 1 103 ? -2.702  5.553   -15.468 1.00 56.11 ? 100 GLY A N   1 
ATOM   798  C  CA  . GLY A 1 103 ? -1.432  5.117   -16.058 1.00 56.12 ? 100 GLY A CA  1 
ATOM   799  C  C   . GLY A 1 103 ? -0.694  3.978   -15.355 1.00 56.47 ? 100 GLY A C   1 
ATOM   800  O  O   . GLY A 1 103 ? 0.420   3.610   -15.756 1.00 55.73 ? 100 GLY A O   1 
ATOM   801  N  N   . VAL A 1 104 ? -1.320  3.418   -14.315 1.00 56.18 ? 101 VAL A N   1 
ATOM   802  C  CA  . VAL A 1 104 ? -0.713  2.379   -13.490 1.00 55.10 ? 101 VAL A CA  1 
ATOM   803  C  C   . VAL A 1 104 ? -0.739  1.049   -14.218 1.00 55.07 ? 101 VAL A C   1 
ATOM   804  O  O   . VAL A 1 104 ? -1.778  0.626   -14.737 1.00 54.92 ? 101 VAL A O   1 
ATOM   805  C  CB  . VAL A 1 104 ? -1.453  2.204   -12.133 1.00 55.39 ? 101 VAL A CB  1 
ATOM   806  C  CG1 . VAL A 1 104 ? -0.951  0.957   -11.358 1.00 53.08 ? 101 VAL A CG1 1 
ATOM   807  C  CG2 . VAL A 1 104 ? -1.370  3.476   -11.311 1.00 54.31 ? 101 VAL A CG2 1 
ATOM   808  N  N   . ARG A 1 105 ? 0.409   0.384   -14.231 1.00 54.56 ? 102 ARG A N   1 
ATOM   809  C  CA  . ARG A 1 105 ? 0.466   -0.946  -14.804 1.00 54.40 ? 102 ARG A CA  1 
ATOM   810  C  C   . ARG A 1 105 ? 0.241   -2.026  -13.745 1.00 53.33 ? 102 ARG A C   1 
ATOM   811  O  O   . ARG A 1 105 ? 0.731   -1.919  -12.618 1.00 53.12 ? 102 ARG A O   1 
ATOM   812  C  CB  . ARG A 1 105 ? 1.763   -1.137  -15.586 1.00 54.87 ? 102 ARG A CB  1 
ATOM   813  C  CG  . ARG A 1 105 ? 1.785   -0.264  -16.834 1.00 58.39 ? 102 ARG A CG  1 
ATOM   814  C  CD  . ARG A 1 105 ? 2.672   -0.804  -17.959 1.00 65.30 ? 102 ARG A CD  1 
ATOM   815  N  NE  . ARG A 1 105 ? 2.494   -0.008  -19.180 1.00 69.49 ? 102 ARG A NE  1 
ATOM   816  C  CZ  . ARG A 1 105 ? 3.021   1.202   -19.375 1.00 70.98 ? 102 ARG A CZ  1 
ATOM   817  N  NH1 . ARG A 1 105 ? 3.775   1.765   -18.435 1.00 71.48 ? 102 ARG A NH1 1 
ATOM   818  N  NH2 . ARG A 1 105 ? 2.797   1.852   -20.513 1.00 71.05 ? 102 ARG A NH2 1 
ATOM   819  N  N   . LEU A 1 106 ? -0.533  -3.042  -14.125 1.00 51.90 ? 103 LEU A N   1 
ATOM   820  C  CA  . LEU A 1 106 ? -0.743  -4.244  -13.331 1.00 50.55 ? 103 LEU A CA  1 
ATOM   821  C  C   . LEU A 1 106 ? 0.565   -4.857  -12.801 1.00 49.39 ? 103 LEU A C   1 
ATOM   822  O  O   . LEU A 1 106 ? 0.597   -5.355  -11.670 1.00 49.29 ? 103 LEU A O   1 
ATOM   823  C  CB  . LEU A 1 106 ? -1.544  -5.297  -14.129 1.00 50.47 ? 103 LEU A CB  1 
ATOM   824  C  CG  . LEU A 1 106 ? -3.078  -5.200  -14.160 1.00 51.02 ? 103 LEU A CG  1 
ATOM   825  C  CD1 . LEU A 1 106 ? -3.665  -5.941  -15.346 1.00 53.76 ? 103 LEU A CD1 1 
ATOM   826  C  CD2 . LEU A 1 106 ? -3.742  -5.682  -12.884 1.00 51.70 ? 103 LEU A CD2 1 
ATOM   827  N  N   . SER A 1 107 ? 1.627   -4.842  -13.605 1.00 47.31 ? 104 SER A N   1 
ATOM   828  C  CA  . SER A 1 107 ? 2.880   -5.478  -13.195 1.00 46.14 ? 104 SER A CA  1 
ATOM   829  C  C   . SER A 1 107 ? 3.605   -4.718  -12.091 1.00 44.69 ? 104 SER A C   1 
ATOM   830  O  O   . SER A 1 107 ? 4.467   -5.284  -11.407 1.00 45.04 ? 104 SER A O   1 
ATOM   831  C  CB  . SER A 1 107 ? 3.805   -5.762  -14.384 1.00 47.03 ? 104 SER A CB  1 
ATOM   832  O  OG  . SER A 1 107 ? 4.243   -4.575  -15.030 1.00 49.75 ? 104 SER A OG  1 
ATOM   833  N  N   . SER A 1 108 ? 3.219   -3.460  -11.892 1.00 41.89 ? 105 SER A N   1 
ATOM   834  C  CA  . SER A 1 108 ? 3.711   -2.658  -10.783 1.00 40.18 ? 105 SER A CA  1 
ATOM   835  C  C   . SER A 1 108 ? 3.239   -3.075  -9.395  1.00 38.87 ? 105 SER A C   1 
ATOM   836  O  O   . SER A 1 108 ? 3.797   -2.624  -8.403  1.00 38.52 ? 105 SER A O   1 
ATOM   837  C  CB  . SER A 1 108 ? 3.390   -1.183  -11.012 1.00 40.15 ? 105 SER A CB  1 
ATOM   838  O  OG  . SER A 1 108 ? 4.264   -0.681  -11.998 1.00 39.37 ? 105 SER A OG  1 
ATOM   839  N  N   . PHE A 1 109 ? 2.222   -3.931  -9.343  1.00 38.27 ? 106 PHE A N   1 
ATOM   840  C  CA  . PHE A 1 109 ? 1.613   -4.423  -8.106  1.00 36.95 ? 106 PHE A CA  1 
ATOM   841  C  C   . PHE A 1 109 ? 2.584   -5.256  -7.262  1.00 34.32 ? 106 PHE A C   1 
ATOM   842  O  O   . PHE A 1 109 ? 2.552   -5.198  -6.038  1.00 33.87 ? 106 PHE A O   1 
ATOM   843  C  CB  . PHE A 1 109 ? 0.357   -5.274  -8.411  1.00 37.98 ? 106 PHE A CB  1 
ATOM   844  C  CG  . PHE A 1 109 ? -0.948  -4.478  -8.485  1.00 41.37 ? 106 PHE A CG  1 
ATOM   845  C  CD1 . PHE A 1 109 ? -1.511  -3.911  -7.342  1.00 43.63 ? 106 PHE A CD1 1 
ATOM   846  C  CD2 . PHE A 1 109 ? -1.631  -4.342  -9.697  1.00 45.17 ? 106 PHE A CD2 1 
ATOM   847  C  CE1 . PHE A 1 109 ? -2.710  -3.196  -7.407  1.00 45.16 ? 106 PHE A CE1 1 
ATOM   848  C  CE2 . PHE A 1 109 ? -2.827  -3.617  -9.783  1.00 47.20 ? 106 PHE A CE2 1 
ATOM   849  C  CZ  . PHE A 1 109 ? -3.363  -3.044  -8.629  1.00 46.93 ? 106 PHE A CZ  1 
ATOM   850  N  N   . SER A 1 110 ? 3.411   -6.055  -7.914  1.00 31.19 ? 107 SER A N   1 
ATOM   851  C  CA  . SER A 1 110 ? 4.398   -6.856  -7.192  1.00 30.40 ? 107 SER A CA  1 
ATOM   852  C  C   . SER A 1 110 ? 5.427   -6.025  -6.403  1.00 27.72 ? 107 SER A C   1 
ATOM   853  O  O   . SER A 1 110 ? 5.701   -6.346  -5.261  1.00 27.58 ? 107 SER A O   1 
ATOM   854  C  CB  . SER A 1 110 ? 5.062   -7.860  -8.132  1.00 29.22 ? 107 SER A CB  1 
ATOM   855  O  OG  . SER A 1 110 ? 5.541   -7.123  -9.235  1.00 34.48 ? 107 SER A OG  1 
ATOM   856  N  N   . THR A 1 111 ? 5.934   -4.940  -6.993  1.00 26.78 ? 108 THR A N   1 
ATOM   857  C  CA  . THR A 1 111 ? 6.849   -3.994  -6.356  1.00 25.27 ? 108 THR A CA  1 
ATOM   858  C  C   . THR A 1 111 ? 6.208   -3.311  -5.158  1.00 24.09 ? 108 THR A C   1 
ATOM   859  O  O   . THR A 1 111 ? 6.850   -3.090  -4.131  1.00 22.84 ? 108 THR A O   1 
ATOM   860  C  CB  . THR A 1 111 ? 7.293   -2.887  -7.351  1.00 26.24 ? 108 THR A CB  1 
ATOM   861  O  OG1 . THR A 1 111 ? 7.508   -3.465  -8.646  1.00 29.99 ? 108 THR A OG1 1 
ATOM   862  C  CG2 . THR A 1 111 ? 8.598   -2.204  -6.877  1.00 25.35 ? 108 THR A CG2 1 
ATOM   863  N  N   . VAL A 1 112 ? 4.923   -2.978  -5.295  1.00 23.39 ? 109 VAL A N   1 
ATOM   864  C  CA  . VAL A 1 112 ? 4.167   -2.332  -4.216  1.00 21.06 ? 109 VAL A CA  1 
ATOM   865  C  C   . VAL A 1 112 ? 3.986   -3.341  -3.106  1.00 19.24 ? 109 VAL A C   1 
ATOM   866  O  O   . VAL A 1 112 ? 4.090   -2.998  -1.927  1.00 18.80 ? 109 VAL A O   1 
ATOM   867  C  CB  . VAL A 1 112 ? 2.760   -1.763  -4.699  1.00 20.67 ? 109 VAL A CB  1 
ATOM   868  C  CG1 . VAL A 1 112 ? 1.899   -1.422  -3.516  1.00 19.41 ? 109 VAL A CG1 1 
ATOM   869  C  CG2 . VAL A 1 112 ? 2.915   -0.453  -5.496  1.00 21.46 ? 109 VAL A CG2 1 
ATOM   870  N  N   . GLY A 1 113 ? 3.693   -4.586  -3.471  1.00 18.77 ? 110 GLY A N   1 
ATOM   871  C  CA  . GLY A 1 113 ? 3.566   -5.616  -2.430  1.00 19.22 ? 110 GLY A CA  1 
ATOM   872  C  C   . GLY A 1 113 ? 4.869   -5.876  -1.678  1.00 19.19 ? 110 GLY A C   1 
ATOM   873  O  O   . GLY A 1 113 ? 4.886   -6.034  -0.439  1.00 18.65 ? 110 GLY A O   1 
ATOM   874  N  N   . GLU A 1 114 ? 5.971   -5.944  -2.432  1.00 18.98 ? 111 GLU A N   1 
ATOM   875  C  CA  . GLU A 1 114 ? 7.305   -6.107  -1.804  1.00 20.17 ? 111 GLU A CA  1 
ATOM   876  C  C   . GLU A 1 114 ? 7.688   -4.923  -0.918  1.00 19.35 ? 111 GLU A C   1 
ATOM   877  O  O   . GLU A 1 114 ? 8.352   -5.141  0.090   1.00 20.74 ? 111 GLU A O   1 
ATOM   878  C  CB  . GLU A 1 114 ? 8.404   -6.350  -2.859  1.00 20.01 ? 111 GLU A CB  1 
ATOM   879  C  CG  . GLU A 1 114 ? 8.183   -7.558  -3.760  1.00 21.65 ? 111 GLU A CG  1 
ATOM   880  C  CD  . GLU A 1 114 ? 8.277   -8.875  -3.037  1.00 29.75 ? 111 GLU A CD  1 
ATOM   881  O  OE1 . GLU A 1 114 ? 8.541   -8.909  -1.804  1.00 33.23 ? 111 GLU A OE1 1 
ATOM   882  O  OE2 . GLU A 1 114 ? 8.097   -9.916  -3.720  1.00 36.04 ? 111 GLU A OE2 1 
ATOM   883  N  N   . SER A 1 115 ? 7.287   -3.696  -1.283  1.00 18.21 ? 112 SER A N   1 
ATOM   884  C  CA  . SER A 1 115 ? 7.540   -2.513  -0.431  1.00 18.50 ? 112 SER A CA  1 
ATOM   885  C  C   . SER A 1 115 ? 6.670   -2.517  0.832   1.00 19.05 ? 112 SER A C   1 
ATOM   886  O  O   . SER A 1 115 ? 7.109   -2.082  1.901   1.00 18.68 ? 112 SER A O   1 
ATOM   887  C  CB  . SER A 1 115 ? 7.262   -1.190  -1.191  1.00 17.70 ? 112 SER A CB  1 
ATOM   888  O  OG  . SER A 1 115 ? 7.916   -1.170  -2.444  1.00 19.83 ? 112 SER A OG  1 
ATOM   889  N  N   . LEU A 1 116 ? 5.407   -2.931  0.704   1.00 18.79 ? 113 LEU A N   1 
ATOM   890  C  CA  . LEU A 1 116 ? 4.594   -3.256  1.912   1.00 20.31 ? 113 LEU A CA  1 
ATOM   891  C  C   . LEU A 1 116 ? 5.200   -4.334  2.860   1.00 20.40 ? 113 LEU A C   1 
ATOM   892  O  O   . LEU A 1 116 ? 5.333   -4.116  4.070   1.00 21.68 ? 113 LEU A O   1 
ATOM   893  C  CB  . LEU A 1 116 ? 3.169   -3.650  1.482   1.00 19.41 ? 113 LEU A CB  1 
ATOM   894  C  CG  . LEU A 1 116 ? 2.222   -4.206  2.543   1.00 21.95 ? 113 LEU A CG  1 
ATOM   895  C  CD1 . LEU A 1 116 ? 1.786   -3.034  3.444   1.00 20.21 ? 113 LEU A CD1 1 
ATOM   896  C  CD2 . LEU A 1 116 ? 1.028   -4.867  1.878   1.00 19.69 ? 113 LEU A CD2 1 
ATOM   897  N  N   . LEU A 1 117 ? 5.574   -5.491  2.317   1.00 20.28 ? 114 LEU A N   1 
ATOM   898  C  CA  . LEU A 1 117 ? 6.272   -6.508  3.097   1.00 21.22 ? 114 LEU A CA  1 
ATOM   899  C  C   . LEU A 1 117 ? 7.568   -6.000  3.739   1.00 21.55 ? 114 LEU A C   1 
ATOM   900  O  O   . LEU A 1 117 ? 7.877   -6.296  4.910   1.00 21.41 ? 114 LEU A O   1 
ATOM   901  C  CB  . LEU A 1 117 ? 6.575   -7.733  2.214   1.00 22.07 ? 114 LEU A CB  1 
ATOM   902  C  CG  . LEU A 1 117 ? 5.367   -8.637  1.909   1.00 25.42 ? 114 LEU A CG  1 
ATOM   903  C  CD1 . LEU A 1 117 ? 5.824   -9.661  0.903   1.00 29.62 ? 114 LEU A CD1 1 
ATOM   904  C  CD2 . LEU A 1 117 ? 4.836   -9.387  3.160   1.00 27.39 ? 114 LEU A CD2 1 
ATOM   905  N  N   . TYR A 1 118 ? 8.319   -5.214  2.976   1.00 20.99 ? 115 TYR A N   1 
ATOM   906  C  CA  . TYR A 1 118 ? 9.530   -4.613  3.507   1.00 22.03 ? 115 TYR A CA  1 
ATOM   907  C  C   . TYR A 1 118 ? 9.234   -3.731  4.711   1.00 21.33 ? 115 TYR A C   1 
ATOM   908  O  O   . TYR A 1 118 ? 9.872   -3.838  5.742   1.00 22.45 ? 115 TYR A O   1 
ATOM   909  C  CB  . TYR A 1 118 ? 10.225  -3.774  2.405   1.00 21.55 ? 115 TYR A CB  1 
ATOM   910  C  CG  . TYR A 1 118 ? 11.305  -2.862  2.951   1.00 24.16 ? 115 TYR A CG  1 
ATOM   911  C  CD1 . TYR A 1 118 ? 12.626  -3.316  3.081   1.00 22.67 ? 115 TYR A CD1 1 
ATOM   912  C  CD2 . TYR A 1 118 ? 10.997  -1.525  3.338   1.00 25.65 ? 115 TYR A CD2 1 
ATOM   913  C  CE1 . TYR A 1 118 ? 13.643  -2.452  3.585   1.00 22.65 ? 115 TYR A CE1 1 
ATOM   914  C  CE2 . TYR A 1 118 ? 11.975  -0.673  3.815   1.00 24.51 ? 115 TYR A CE2 1 
ATOM   915  C  CZ  . TYR A 1 118 ? 13.297  -1.154  3.932   1.00 25.36 ? 115 TYR A CZ  1 
ATOM   916  O  OH  . TYR A 1 118 ? 14.266  -0.327  4.434   1.00 26.15 ? 115 TYR A OH  1 
ATOM   917  N  N   . MET A 1 119 ? 8.286   -2.821  4.568   1.00 21.33 ? 116 MET A N   1 
ATOM   918  C  CA  . MET A 1 119 ? 7.874   -1.959  5.658   1.00 21.46 ? 116 MET A CA  1 
ATOM   919  C  C   . MET A 1 119 ? 7.391   -2.756  6.888   1.00 22.41 ? 116 MET A C   1 
ATOM   920  O  O   . MET A 1 119 ? 7.750   -2.423  8.012   1.00 21.28 ? 116 MET A O   1 
ATOM   921  C  CB  . MET A 1 119 ? 6.798   -0.985  5.147   1.00 21.71 ? 116 MET A CB  1 
ATOM   922  C  CG  . MET A 1 119 ? 6.334   0.018   6.220   1.00 23.50 ? 116 MET A CG  1 
ATOM   923  S  SD  . MET A 1 119 ? 5.076   -0.720  7.291   1.00 32.42 ? 116 MET A SD  1 
ATOM   924  C  CE  . MET A 1 119 ? 3.657   -0.477  6.245   1.00 24.23 ? 116 MET A CE  1 
ATOM   925  N  N   . LEU A 1 120 ? 6.579   -3.797  6.679   1.00 22.34 ? 117 LEU A N   1 
ATOM   926  C  CA  . LEU A 1 120 ? 6.135   -4.644  7.804   1.00 23.17 ? 117 LEU A CA  1 
ATOM   927  C  C   . LEU A 1 120 ? 7.303   -5.355  8.486   1.00 24.49 ? 117 LEU A C   1 
ATOM   928  O  O   . LEU A 1 120 ? 7.410   -5.360  9.708   1.00 24.93 ? 117 LEU A O   1 
ATOM   929  C  CB  . LEU A 1 120 ? 5.070   -5.676  7.353   1.00 22.20 ? 117 LEU A CB  1 
ATOM   930  C  CG  . LEU A 1 120 ? 3.737   -5.099  6.819   1.00 21.37 ? 117 LEU A CG  1 
ATOM   931  C  CD1 . LEU A 1 120 ? 2.887   -6.151  6.066   1.00 19.09 ? 117 LEU A CD1 1 
ATOM   932  C  CD2 . LEU A 1 120 ? 2.936   -4.405  7.943   1.00 22.40 ? 117 LEU A CD2 1 
ATOM   933  N  N   . GLU A 1 121 ? 8.173   -5.969  7.699   1.00 25.50 ? 118 GLU A N   1 
ATOM   934  C  CA  . GLU A 1 121 ? 9.365   -6.631  8.244   1.00 27.55 ? 118 GLU A CA  1 
ATOM   935  C  C   . GLU A 1 121 ? 10.259  -5.651  9.018   1.00 27.67 ? 118 GLU A C   1 
ATOM   936  O  O   . GLU A 1 121 ? 10.726  -5.961  10.153  1.00 27.56 ? 118 GLU A O   1 
ATOM   937  C  CB  . GLU A 1 121 ? 10.154  -7.315  7.088   1.00 27.98 ? 118 GLU A CB  1 
ATOM   938  C  CG  . GLU A 1 121 ? 11.517  -7.876  7.473   1.00 33.51 ? 118 GLU A CG  1 
ATOM   939  C  CD  . GLU A 1 121 ? 12.414  -8.261  6.286   1.00 39.16 ? 118 GLU A CD  1 
ATOM   940  O  OE1 . GLU A 1 121 ? 11.980  -8.232  5.104   1.00 38.40 ? 118 GLU A OE1 1 
ATOM   941  O  OE2 . GLU A 1 121 ? 13.593  -8.591  6.559   1.00 44.00 ? 118 GLU A OE2 1 
ATOM   942  N  N   . LYS A 1 122 ? 10.515  -4.473  8.432   1.00 27.42 ? 119 LYS A N   1 
ATOM   943  C  CA  . LYS A 1 122 ? 11.352  -3.491  9.143   1.00 28.41 ? 119 LYS A CA  1 
ATOM   944  C  C   . LYS A 1 122 ? 10.710  -2.993  10.440  1.00 28.84 ? 119 LYS A C   1 
ATOM   945  O  O   . LYS A 1 122 ? 11.387  -2.734  11.418  1.00 28.97 ? 119 LYS A O   1 
ATOM   946  C  CB  . LYS A 1 122 ? 11.741  -2.309  8.260   1.00 28.65 ? 119 LYS A CB  1 
ATOM   947  C  CG  . LYS A 1 122 ? 12.476  -2.683  6.976   1.00 28.60 ? 119 LYS A CG  1 
ATOM   948  C  CD  . LYS A 1 122 ? 13.719  -3.497  7.272   1.00 30.77 ? 119 LYS A CD  1 
ATOM   949  C  CE  . LYS A 1 122 ? 14.681  -2.799  8.222   1.00 29.76 ? 119 LYS A CE  1 
ATOM   950  N  NZ  . LYS A 1 122 ? 16.064  -3.414  8.094   1.00 32.87 ? 119 LYS A NZ  1 
ATOM   951  N  N   . SER A 1 123 ? 9.402   -2.840  10.431  1.00 29.38 ? 120 SER A N   1 
ATOM   952  C  CA  . SER A 1 123 ? 8.660   -2.407  11.608  1.00 31.90 ? 120 SER A CA  1 
ATOM   953  C  C   . SER A 1 123 ? 8.591   -3.493  12.711  1.00 32.76 ? 120 SER A C   1 
ATOM   954  O  O   . SER A 1 123 ? 8.861   -3.226  13.882  1.00 31.75 ? 120 SER A O   1 
ATOM   955  C  CB  . SER A 1 123 ? 7.245   -2.001  11.187  1.00 31.13 ? 120 SER A CB  1 
ATOM   956  O  OG  . SER A 1 123 ? 6.518   -1.673  12.360  1.00 36.90 ? 120 SER A OG  1 
ATOM   957  N  N   . LEU A 1 124 ? 8.281   -4.723  12.309  1.00 33.62 ? 121 LEU A N   1 
ATOM   958  C  CA  . LEU A 1 124 ? 8.067   -5.808  13.251  1.00 35.59 ? 121 LEU A CA  1 
ATOM   959  C  C   . LEU A 1 124 ? 9.346   -6.493  13.782  1.00 37.76 ? 121 LEU A C   1 
ATOM   960  O  O   . LEU A 1 124 ? 9.349   -6.991  14.911  1.00 38.48 ? 121 LEU A O   1 
ATOM   961  C  CB  . LEU A 1 124 ? 7.112   -6.825  12.638  1.00 35.04 ? 121 LEU A CB  1 
ATOM   962  C  CG  . LEU A 1 124 ? 5.689   -6.253  12.485  1.00 36.96 ? 121 LEU A CG  1 
ATOM   963  C  CD1 . LEU A 1 124 ? 4.851   -7.145  11.586  1.00 38.29 ? 121 LEU A CD1 1 
ATOM   964  C  CD2 . LEU A 1 124 ? 5.003   -6.058  13.861  1.00 38.64 ? 121 LEU A CD2 1 
ATOM   965  N  N   . GLY A 1 125 ? 10.417  -6.501  12.989  1.00 38.95 ? 122 GLY A N   1 
ATOM   966  C  CA  . GLY A 1 125 ? 11.653  -7.181  13.367  1.00 41.65 ? 122 GLY A CA  1 
ATOM   967  C  C   . GLY A 1 125 ? 11.475  -8.680  13.614  1.00 43.28 ? 122 GLY A C   1 
ATOM   968  O  O   . GLY A 1 125 ? 10.984  -9.413  12.738  1.00 43.28 ? 122 GLY A O   1 
ATOM   969  N  N   . PRO A 1 126 ? 11.846  -9.147  14.821  1.00 44.37 ? 123 PRO A N   1 
ATOM   970  C  CA  . PRO A 1 126 ? 11.744  -10.582 15.110  1.00 45.04 ? 123 PRO A CA  1 
ATOM   971  C  C   . PRO A 1 126 ? 10.296  -11.094 15.052  1.00 45.11 ? 123 PRO A C   1 
ATOM   972  O  O   . PRO A 1 126 ? 10.074  -12.274 14.786  1.00 46.29 ? 123 PRO A O   1 
ATOM   973  C  CB  . PRO A 1 126 ? 12.323  -10.712 16.527  1.00 45.15 ? 123 PRO A CB  1 
ATOM   974  C  CG  . PRO A 1 126 ? 13.047  -9.409  16.810  1.00 45.42 ? 123 PRO A CG  1 
ATOM   975  C  CD  . PRO A 1 126 ? 12.353  -8.371  15.969  1.00 44.78 ? 123 PRO A CD  1 
ATOM   976  N  N   . ASP A 1 127 ? 9.324   -10.215 15.264  1.00 45.02 ? 124 ASP A N   1 
ATOM   977  C  CA  . ASP A 1 127 ? 7.911   -10.584 15.193  1.00 45.12 ? 124 ASP A CA  1 
ATOM   978  C  C   . ASP A 1 127 ? 7.382   -10.800 13.780  1.00 45.15 ? 124 ASP A C   1 
ATOM   979  O  O   . ASP A 1 127 ? 6.185   -11.057 13.612  1.00 44.42 ? 124 ASP A O   1 
ATOM   980  C  CB  . ASP A 1 127 ? 7.036   -9.529  15.878  1.00 45.85 ? 124 ASP A CB  1 
ATOM   981  C  CG  . ASP A 1 127 ? 7.358   -9.361  17.359  1.00 47.51 ? 124 ASP A CG  1 
ATOM   982  O  OD1 . ASP A 1 127 ? 8.138   -10.185 17.888  1.00 48.75 ? 124 ASP A OD1 1 
ATOM   983  O  OD2 . ASP A 1 127 ? 6.827   -8.408  17.986  1.00 47.56 ? 124 ASP A OD2 1 
ATOM   984  N  N   . PHE A 1 128 ? 8.245   -10.661 12.769  1.00 45.46 ? 125 PHE A N   1 
ATOM   985  C  CA  . PHE A 1 128 ? 7.820   -10.882 11.393  1.00 45.93 ? 125 PHE A CA  1 
ATOM   986  C  C   . PHE A 1 128 ? 8.152   -12.302 10.939  1.00 46.08 ? 125 PHE A C   1 
ATOM   987  O  O   . PHE A 1 128 ? 8.935   -12.524 10.024  1.00 46.07 ? 125 PHE A O   1 
ATOM   988  C  CB  . PHE A 1 128 ? 8.364   -9.814  10.428  1.00 46.42 ? 125 PHE A CB  1 
ATOM   989  C  CG  . PHE A 1 128 ? 7.578   -9.700  9.130   1.00 45.32 ? 125 PHE A CG  1 
ATOM   990  C  CD1 . PHE A 1 128 ? 6.264   -9.264  9.131   1.00 47.49 ? 125 PHE A CD1 1 
ATOM   991  C  CD2 . PHE A 1 128 ? 8.164   -10.016 7.918   1.00 45.88 ? 125 PHE A CD2 1 
ATOM   992  C  CE1 . PHE A 1 128 ? 5.543   -9.147  7.946   1.00 46.51 ? 125 PHE A CE1 1 
ATOM   993  C  CE2 . PHE A 1 128 ? 7.458   -9.888  6.721   1.00 46.54 ? 125 PHE A CE2 1 
ATOM   994  C  CZ  . PHE A 1 128 ? 6.143   -9.455  6.736   1.00 45.46 ? 125 PHE A CZ  1 
ATOM   995  N  N   . THR A 1 129 ? 7.517   -13.261 11.597  1.00 46.80 ? 126 THR A N   1 
ATOM   996  C  CA  . THR A 1 129 ? 7.704   -14.681 11.305  1.00 46.81 ? 126 THR A CA  1 
ATOM   997  C  C   . THR A 1 129 ? 7.161   -15.027 9.930   1.00 46.92 ? 126 THR A C   1 
ATOM   998  O  O   . THR A 1 129 ? 6.221   -14.386 9.468   1.00 47.17 ? 126 THR A O   1 
ATOM   999  C  CB  . THR A 1 129 ? 6.970   -15.535 12.322  1.00 46.73 ? 126 THR A CB  1 
ATOM   1000 O  OG1 . THR A 1 129 ? 5.552   -15.298 12.216  1.00 46.19 ? 126 THR A OG1 1 
ATOM   1001 C  CG2 . THR A 1 129 ? 7.484   -15.192 13.702  1.00 45.82 ? 126 THR A CG2 1 
ATOM   1002 N  N   . PRO A 1 130 ? 7.754   -16.042 9.280   1.00 46.68 ? 127 PRO A N   1 
ATOM   1003 C  CA  . PRO A 1 130 ? 7.303   -16.499 7.960   1.00 45.76 ? 127 PRO A CA  1 
ATOM   1004 C  C   . PRO A 1 130 ? 5.784   -16.696 7.869   1.00 44.23 ? 127 PRO A C   1 
ATOM   1005 O  O   . PRO A 1 130 ? 5.211   -16.509 6.801   1.00 44.60 ? 127 PRO A O   1 
ATOM   1006 C  CB  . PRO A 1 130 ? 8.032   -17.842 7.788   1.00 45.92 ? 127 PRO A CB  1 
ATOM   1007 C  CG  . PRO A 1 130 ? 9.308   -17.678 8.597   1.00 47.02 ? 127 PRO A CG  1 
ATOM   1008 C  CD  . PRO A 1 130 ? 8.915   -16.815 9.779   1.00 47.14 ? 127 PRO A CD  1 
ATOM   1009 N  N   . ALA A 1 131 ? 5.137   -17.086 8.961   1.00 43.10 ? 128 ALA A N   1 
ATOM   1010 C  CA  . ALA A 1 131 ? 3.670   -17.172 8.976   1.00 42.39 ? 128 ALA A CA  1 
ATOM   1011 C  C   . ALA A 1 131 ? 3.027   -15.791 8.721   1.00 41.28 ? 128 ALA A C   1 
ATOM   1012 O  O   . ALA A 1 131 ? 2.089   -15.683 7.947   1.00 40.99 ? 128 ALA A O   1 
ATOM   1013 C  CB  . ALA A 1 131 ? 3.166   -17.774 10.290  1.00 41.78 ? 128 ALA A CB  1 
ATOM   1014 N  N   . THR A 1 132 ? 3.548   -14.758 9.380   1.00 40.78 ? 129 THR A N   1 
ATOM   1015 C  CA  . THR A 1 132 ? 3.131   -13.356 9.196   1.00 40.34 ? 129 THR A CA  1 
ATOM   1016 C  C   . THR A 1 132 ? 3.405   -12.875 7.762   1.00 38.91 ? 129 THR A C   1 
ATOM   1017 O  O   . THR A 1 132 ? 2.505   -12.451 7.096   1.00 39.44 ? 129 THR A O   1 
ATOM   1018 C  CB  . THR A 1 132 ? 3.761   -12.450 10.286  1.00 40.95 ? 129 THR A CB  1 
ATOM   1019 O  OG1 . THR A 1 132 ? 3.428   -12.981 11.585  1.00 41.24 ? 129 THR A OG1 1 
ATOM   1020 C  CG2 . THR A 1 132 ? 3.233   -11.017 10.191  1.00 41.28 ? 129 THR A CG2 1 
ATOM   1021 N  N   . ARG A 1 133 ? 4.622   -13.005 7.258   1.00 38.18 ? 130 ARG A N   1 
ATOM   1022 C  CA  . ARG A 1 133 ? 4.887   -12.791 5.838   1.00 37.45 ? 130 ARG A CA  1 
ATOM   1023 C  C   . ARG A 1 133 ? 3.890   -13.448 4.879   1.00 35.51 ? 130 ARG A C   1 
ATOM   1024 O  O   . ARG A 1 133 ? 3.380   -12.762 3.985   1.00 33.62 ? 130 ARG A O   1 
ATOM   1025 C  CB  . ARG A 1 133 ? 6.317   -13.219 5.482   1.00 38.37 ? 130 ARG A CB  1 
ATOM   1026 C  CG  . ARG A 1 133 ? 6.766   -12.747 4.099   1.00 42.83 ? 130 ARG A CG  1 
ATOM   1027 C  CD  . ARG A 1 133 ? 7.755   -13.689 3.426   1.00 49.14 ? 130 ARG A CD  1 
ATOM   1028 N  NE  . ARG A 1 133 ? 7.831   -13.466 1.980   1.00 54.90 ? 130 ARG A NE  1 
ATOM   1029 C  CZ  . ARG A 1 133 ? 6.871   -13.771 1.100   1.00 58.13 ? 130 ARG A CZ  1 
ATOM   1030 N  NH1 . ARG A 1 133 ? 5.725   -14.313 1.502   1.00 59.01 ? 130 ARG A NH1 1 
ATOM   1031 N  NH2 . ARG A 1 133 ? 7.043   -13.521 -0.199  1.00 58.78 ? 130 ARG A NH2 1 
ATOM   1032 N  N   . THR A 1 134 ? 3.652   -14.759 5.046   1.00 33.81 ? 131 THR A N   1 
ATOM   1033 C  CA  . THR A 1 134 ? 2.694   -15.543 4.235   1.00 32.81 ? 131 THR A CA  1 
ATOM   1034 C  C   . THR A 1 134 ? 1.270   -15.010 4.323   1.00 32.03 ? 131 THR A C   1 
ATOM   1035 O  O   . THR A 1 134 ? 0.582   -14.890 3.300   1.00 32.07 ? 131 THR A O   1 
ATOM   1036 C  CB  . THR A 1 134 ? 2.673   -17.094 4.618   1.00 34.00 ? 131 THR A CB  1 
ATOM   1037 O  OG1 . THR A 1 134 ? 3.933   -17.687 4.300   1.00 33.07 ? 131 THR A OG1 1 
ATOM   1038 C  CG2 . THR A 1 134 ? 1.585   -17.891 3.846   1.00 31.43 ? 131 THR A CG2 1 
ATOM   1039 N  N   . ALA A 1 135 ? 0.822   -14.684 5.535   1.00 31.47 ? 132 ALA A N   1 
ATOM   1040 C  CA  . ALA A 1 135 ? -0.541  -14.147 5.726   1.00 31.52 ? 132 ALA A CA  1 
ATOM   1041 C  C   . ALA A 1 135 ? -0.716  -12.817 4.994   1.00 31.47 ? 132 ALA A C   1 
ATOM   1042 O  O   . ALA A 1 135 ? -1.678  -12.604 4.242   1.00 32.50 ? 132 ALA A O   1 
ATOM   1043 C  CB  . ALA A 1 135 ? -0.837  -13.968 7.198   1.00 31.20 ? 132 ALA A CB  1 
ATOM   1044 N  N   . TRP A 1 136 ? 0.251   -11.923 5.182   1.00 31.12 ? 133 TRP A N   1 
ATOM   1045 C  CA  . TRP A 1 136 ? 0.213   -10.627 4.510   1.00 30.22 ? 133 TRP A CA  1 
ATOM   1046 C  C   . TRP A 1 136 ? 0.298   -10.755 2.996   1.00 31.06 ? 133 TRP A C   1 
ATOM   1047 O  O   . TRP A 1 136 ? -0.382  -10.045 2.262   1.00 31.08 ? 133 TRP A O   1 
ATOM   1048 C  CB  . TRP A 1 136 ? 1.325   -9.741  5.071   1.00 29.60 ? 133 TRP A CB  1 
ATOM   1049 C  CG  . TRP A 1 136 ? 0.902   -8.980  6.292   1.00 25.12 ? 133 TRP A CG  1 
ATOM   1050 C  CD1 . TRP A 1 136 ? 1.268   -9.215  7.583   1.00 24.57 ? 133 TRP A CD1 1 
ATOM   1051 C  CD2 . TRP A 1 136 ? 0.055   -7.830  6.309   1.00 21.78 ? 133 TRP A CD2 1 
ATOM   1052 N  NE1 . TRP A 1 136 ? 0.706   -8.257  8.420   1.00 25.77 ? 133 TRP A NE1 1 
ATOM   1053 C  CE2 . TRP A 1 136 ? -0.048  -7.402  7.651   1.00 24.95 ? 133 TRP A CE2 1 
ATOM   1054 C  CE3 . TRP A 1 136 ? -0.608  -7.102  5.312   1.00 22.62 ? 133 TRP A CE3 1 
ATOM   1055 C  CZ2 . TRP A 1 136 ? -0.823  -6.296  8.023   1.00 25.58 ? 133 TRP A CZ2 1 
ATOM   1056 C  CZ3 . TRP A 1 136 ? -1.394  -5.996  5.690   1.00 23.23 ? 133 TRP A CZ3 1 
ATOM   1057 C  CH2 . TRP A 1 136 ? -1.471  -5.595  7.023   1.00 20.93 ? 133 TRP A CH2 1 
ATOM   1058 N  N   . SER A 1 137 ? 1.102   -11.698 2.517   1.00 32.16 ? 134 SER A N   1 
ATOM   1059 C  CA  . SER A 1 137 ? 1.218   -11.912 1.079   1.00 32.86 ? 134 SER A CA  1 
ATOM   1060 C  C   . SER A 1 137 ? -0.079  -12.429 0.450   1.00 33.81 ? 134 SER A C   1 
ATOM   1061 O  O   . SER A 1 137 ? -0.440  -12.053 -0.671  1.00 34.48 ? 134 SER A O   1 
ATOM   1062 C  CB  . SER A 1 137 ? 2.399   -12.833 0.810   1.00 32.95 ? 134 SER A CB  1 
ATOM   1063 O  OG  . SER A 1 137 ? 2.401   -13.247 -0.542  1.00 35.84 ? 134 SER A OG  1 
ATOM   1064 N  N   . ARG A 1 138 ? -0.779  -13.292 1.181   1.00 35.19 ? 135 ARG A N   1 
ATOM   1065 C  CA  . ARG A 1 138 ? -2.125  -13.745 0.812   1.00 36.79 ? 135 ARG A CA  1 
ATOM   1066 C  C   . ARG A 1 138 ? -3.170  -12.600 0.854   1.00 35.67 ? 135 ARG A C   1 
ATOM   1067 O  O   . ARG A 1 138 ? -3.953  -12.422 -0.092  1.00 34.72 ? 135 ARG A O   1 
ATOM   1068 C  CB  . ARG A 1 138 ? -2.545  -14.903 1.732   1.00 37.80 ? 135 ARG A CB  1 
ATOM   1069 C  CG  . ARG A 1 138 ? -3.656  -15.787 1.148   1.00 44.54 ? 135 ARG A CG  1 
ATOM   1070 C  CD  . ARG A 1 138 ? -4.137  -16.920 2.097   1.00 50.41 ? 135 ARG A CD  1 
ATOM   1071 N  NE  . ARG A 1 138 ? -5.521  -17.268 1.753   1.00 57.10 ? 135 ARG A NE  1 
ATOM   1072 C  CZ  . ARG A 1 138 ? -6.415  -17.829 2.570   1.00 60.26 ? 135 ARG A CZ  1 
ATOM   1073 N  NH1 . ARG A 1 138 ? -7.647  -18.081 2.128   1.00 62.22 ? 135 ARG A NH1 1 
ATOM   1074 N  NH2 . ARG A 1 138 ? -6.096  -18.141 3.822   1.00 61.30 ? 135 ARG A NH2 1 
ATOM   1075 N  N   . LEU A 1 139 ? -3.182  -11.820 1.943   1.00 35.19 ? 136 LEU A N   1 
ATOM   1076 C  CA  . LEU A 1 139 ? -4.064  -10.640 1.986   1.00 34.42 ? 136 LEU A CA  1 
ATOM   1077 C  C   . LEU A 1 139 ? -3.764  -9.671  0.842   1.00 33.38 ? 136 LEU A C   1 
ATOM   1078 O  O   . LEU A 1 139 ? -4.658  -9.290  0.084   1.00 34.05 ? 136 LEU A O   1 
ATOM   1079 C  CB  . LEU A 1 139 ? -4.028  -9.935  3.336   1.00 34.90 ? 136 LEU A CB  1 
ATOM   1080 C  CG  . LEU A 1 139 ? -4.963  -8.727  3.434   1.00 34.19 ? 136 LEU A CG  1 
ATOM   1081 C  CD1 . LEU A 1 139 ? -6.397  -9.204  3.528   1.00 34.48 ? 136 LEU A CD1 1 
ATOM   1082 C  CD2 . LEU A 1 139 ? -4.614  -7.896  4.641   1.00 32.59 ? 136 LEU A CD2 1 
ATOM   1083 N  N   . TYR A 1 140 ? -2.505  -9.307  0.662   1.00 32.40 ? 137 TYR A N   1 
ATOM   1084 C  CA  . TYR A 1 140 ? -2.184  -8.422  -0.457  1.00 31.42 ? 137 TYR A CA  1 
ATOM   1085 C  C   . TYR A 1 140 ? -2.595  -9.018  -1.819  1.00 32.71 ? 137 TYR A C   1 
ATOM   1086 O  O   . TYR A 1 140 ? -3.071  -8.282  -2.709  1.00 33.44 ? 137 TYR A O   1 
ATOM   1087 C  CB  . TYR A 1 140 ? -0.692  -8.015  -0.434  1.00 30.53 ? 137 TYR A CB  1 
ATOM   1088 C  CG  . TYR A 1 140 ? -0.314  -7.067  -1.552  1.00 28.52 ? 137 TYR A CG  1 
ATOM   1089 C  CD1 . TYR A 1 140 ? -0.566  -5.697  -1.435  1.00 26.24 ? 137 TYR A CD1 1 
ATOM   1090 C  CD2 . TYR A 1 140 ? 0.248   -7.537  -2.732  1.00 24.94 ? 137 TYR A CD2 1 
ATOM   1091 C  CE1 . TYR A 1 140 ? -0.241  -4.819  -2.452  1.00 26.49 ? 137 TYR A CE1 1 
ATOM   1092 C  CE2 . TYR A 1 140 ? 0.565   -6.655  -3.779  1.00 25.13 ? 137 TYR A CE2 1 
ATOM   1093 C  CZ  . TYR A 1 140 ? 0.320   -5.295  -3.607  1.00 23.98 ? 137 TYR A CZ  1 
ATOM   1094 O  OH  . TYR A 1 140 ? 0.585   -4.380  -4.586  1.00 27.63 ? 137 TYR A OH  1 
ATOM   1095 N  N   . GLY A 1 141 ? -2.394  -10.331 -1.999  1.00 31.96 ? 138 GLY A N   1 
ATOM   1096 C  CA  . GLY A 1 141 ? -2.792  -10.976 -3.240  1.00 32.49 ? 138 GLY A CA  1 
ATOM   1097 C  C   . GLY A 1 141 ? -4.298  -10.909 -3.507  1.00 33.43 ? 138 GLY A C   1 
ATOM   1098 O  O   . GLY A 1 141 ? -4.708  -10.732 -4.658  1.00 33.27 ? 138 GLY A O   1 
ATOM   1099 N  N   . ALA A 1 142 ? -5.111  -11.043 -2.455  1.00 33.93 ? 139 ALA A N   1 
ATOM   1100 C  CA  . ALA A 1 142 ? -6.570  -10.929 -2.570  1.00 35.63 ? 139 ALA A CA  1 
ATOM   1101 C  C   . ALA A 1 142 ? -6.984  -9.512  -2.959  1.00 36.79 ? 139 ALA A C   1 
ATOM   1102 O  O   . ALA A 1 142 ? -7.785  -9.316  -3.896  1.00 36.95 ? 139 ALA A O   1 
ATOM   1103 C  CB  . ALA A 1 142 ? -7.256  -11.365 -1.276  1.00 36.41 ? 139 ALA A CB  1 
ATOM   1104 N  N   . VAL A 1 143 ? -6.400  -8.532  -2.263  1.00 36.75 ? 140 VAL A N   1 
ATOM   1105 C  CA  . VAL A 1 143 ? -6.558  -7.119  -2.621  1.00 36.03 ? 140 VAL A CA  1 
ATOM   1106 C  C   . VAL A 1 143 ? -6.214  -6.822  -4.075  1.00 37.14 ? 140 VAL A C   1 
ATOM   1107 O  O   . VAL A 1 143 ? -6.963  -6.116  -4.781  1.00 37.55 ? 140 VAL A O   1 
ATOM   1108 C  CB  . VAL A 1 143 ? -5.775  -6.186  -1.647  1.00 35.89 ? 140 VAL A CB  1 
ATOM   1109 C  CG1 . VAL A 1 143 ? -5.863  -4.742  -2.066  1.00 33.38 ? 140 VAL A CG1 1 
ATOM   1110 C  CG2 . VAL A 1 143 ? -6.316  -6.333  -0.216  1.00 34.04 ? 140 VAL A CG2 1 
ATOM   1111 N  N   . VAL A 1 144 ? -5.080  -7.335  -4.535  1.00 37.92 ? 141 VAL A N   1 
ATOM   1112 C  CA  . VAL A 1 144 ? -4.677  -7.098  -5.920  1.00 39.12 ? 141 VAL A CA  1 
ATOM   1113 C  C   . VAL A 1 144 ? -5.610  -7.805  -6.915  1.00 39.82 ? 141 VAL A C   1 
ATOM   1114 O  O   . VAL A 1 144 ? -5.873  -7.283  -7.986  1.00 40.22 ? 141 VAL A O   1 
ATOM   1115 C  CB  . VAL A 1 144 ? -3.186  -7.470  -6.181  1.00 39.57 ? 141 VAL A CB  1 
ATOM   1116 C  CG1 . VAL A 1 144 ? -2.836  -7.306  -7.647  1.00 38.37 ? 141 VAL A CG1 1 
ATOM   1117 C  CG2 . VAL A 1 144 ? -2.260  -6.622  -5.305  1.00 38.07 ? 141 VAL A CG2 1 
ATOM   1118 N  N   . GLN A 1 145 ? -6.112  -8.977  -6.556  1.00 41.31 ? 142 GLN A N   1 
ATOM   1119 C  CA  . GLN A 1 145 ? -7.089  -9.675  -7.393  1.00 43.94 ? 142 GLN A CA  1 
ATOM   1120 C  C   . GLN A 1 145 ? -8.300  -8.781  -7.694  1.00 43.61 ? 142 GLN A C   1 
ATOM   1121 O  O   . GLN A 1 145 ? -8.706  -8.631  -8.850  1.00 43.42 ? 142 GLN A O   1 
ATOM   1122 C  CB  . GLN A 1 145 ? -7.568  -10.951 -6.694  1.00 44.26 ? 142 GLN A CB  1 
ATOM   1123 C  CG  . GLN A 1 145 ? -8.322  -11.902 -7.598  1.00 49.03 ? 142 GLN A CG  1 
ATOM   1124 C  CD  . GLN A 1 145 ? -8.245  -13.349 -7.130  1.00 54.04 ? 142 GLN A CD  1 
ATOM   1125 O  OE1 . GLN A 1 145 ? -8.375  -13.639 -5.939  1.00 58.57 ? 142 GLN A OE1 1 
ATOM   1126 N  NE2 . GLN A 1 145 ? -8.045  -14.267 -8.071  1.00 55.82 ? 142 GLN A NE2 1 
ATOM   1127 N  N   . ALA A 1 146 ? -8.852  -8.188  -6.643  1.00 43.81 ? 143 ALA A N   1 
ATOM   1128 C  CA  . ALA A 1 146 ? -10.034 -7.329  -6.749  1.00 44.47 ? 143 ALA A CA  1 
ATOM   1129 C  C   . ALA A 1 146 ? -9.753  -6.110  -7.609  1.00 45.09 ? 143 ALA A C   1 
ATOM   1130 O  O   . ALA A 1 146 ? -10.543 -5.788  -8.501  1.00 46.02 ? 143 ALA A O   1 
ATOM   1131 C  CB  . ALA A 1 146 ? -10.509 -6.931  -5.377  1.00 44.22 ? 143 ALA A CB  1 
ATOM   1132 N  N   . MET A 1 147 ? -8.617  -5.452  -7.367  1.00 45.65 ? 144 MET A N   1 
ATOM   1133 C  CA  . MET A 1 147 ? -8.252  -4.242  -8.091  1.00 45.15 ? 144 MET A CA  1 
ATOM   1134 C  C   . MET A 1 147 ? -7.936  -4.554  -9.557  1.00 46.88 ? 144 MET A C   1 
ATOM   1135 O  O   . MET A 1 147 ? -8.103  -3.704  -10.444 1.00 46.50 ? 144 MET A O   1 
ATOM   1136 C  CB  . MET A 1 147 ? -7.064  -3.538  -7.419  1.00 44.69 ? 144 MET A CB  1 
ATOM   1137 C  CG  . MET A 1 147 ? -7.250  -3.126  -5.950  1.00 40.65 ? 144 MET A CG  1 
ATOM   1138 S  SD  . MET A 1 147 ? -5.761  -2.285  -5.286  1.00 34.28 ? 144 MET A SD  1 
ATOM   1139 C  CE  . MET A 1 147 ? -5.541  -0.992  -6.503  1.00 30.13 ? 144 MET A CE  1 
ATOM   1140 N  N   . SER A 1 148 ? -7.468  -5.771  -9.821  1.00 47.96 ? 145 SER A N   1 
ATOM   1141 C  CA  . SER A 1 148 ? -7.181  -6.167  -11.201 1.00 50.01 ? 145 SER A CA  1 
ATOM   1142 C  C   . SER A 1 148 ? -8.442  -6.256  -12.074 1.00 51.11 ? 145 SER A C   1 
ATOM   1143 O  O   . SER A 1 148 ? -8.372  -5.984  -13.265 1.00 51.58 ? 145 SER A O   1 
ATOM   1144 C  CB  . SER A 1 148 ? -6.390  -7.476  -11.255 1.00 49.72 ? 145 SER A CB  1 
ATOM   1145 O  OG  . SER A 1 148 ? -7.086  -8.490  -10.560 1.00 50.82 ? 145 SER A OG  1 
ATOM   1146 N  N   . ARG A 1 149 ? -9.581  -6.609  -11.478 1.00 52.99 ? 146 ARG A N   1 
ATOM   1147 C  CA  . ARG A 1 149 ? -10.883 -6.560  -12.159 1.00 55.39 ? 146 ARG A CA  1 
ATOM   1148 C  C   . ARG A 1 149 ? -11.136 -5.223  -12.867 1.00 57.07 ? 146 ARG A C   1 
ATOM   1149 O  O   . ARG A 1 149 ? -11.491 -5.190  -14.052 1.00 57.57 ? 146 ARG A O   1 
ATOM   1150 C  CB  . ARG A 1 149 ? -12.015 -6.898  -11.186 1.00 54.95 ? 146 ARG A CB  1 
ATOM   1151 C  CG  . ARG A 1 149 ? -12.031 -8.358  -10.751 1.00 55.35 ? 146 ARG A CG  1 
ATOM   1152 C  CD  . ARG A 1 149 ? -13.013 -8.598  -9.612  1.00 57.86 ? 146 ARG A CD  1 
ATOM   1153 N  NE  . ARG A 1 149 ? -12.733 -9.849  -8.906  1.00 58.65 ? 146 ARG A NE  1 
ATOM   1154 N  N   . GLY A 1 150 ? -10.907 -4.123  -12.148 1.00 58.88 ? 147 GLY A N   1 
ATOM   1155 C  CA  . GLY A 1 150 ? -10.986 -2.780  -12.704 1.00 60.55 ? 147 GLY A CA  1 
ATOM   1156 C  C   . GLY A 1 150 ? -10.140 -2.486  -13.932 1.00 61.99 ? 147 GLY A C   1 
ATOM   1157 O  O   . GLY A 1 150 ? -10.371 -1.483  -14.626 1.00 62.76 ? 147 GLY A O   1 
ATOM   1158 N  N   . TRP A 1 151 ? -9.159  -3.333  -14.225 1.00 62.67 ? 148 TRP A N   1 
ATOM   1159 C  CA  . TRP A 1 151 ? -8.441  -3.187  -15.491 1.00 63.42 ? 148 TRP A CA  1 
ATOM   1160 C  C   . TRP A 1 151 ? -9.284  -3.724  -16.650 1.00 64.06 ? 148 TRP A C   1 
ATOM   1161 O  O   . TRP A 1 151 ? -8.821  -4.522  -17.471 1.00 65.05 ? 148 TRP A O   1 
ATOM   1162 C  CB  . TRP A 1 151 ? -7.066  -3.857  -15.448 1.00 63.40 ? 148 TRP A CB  1 
ATOM   1163 C  CG  . TRP A 1 151 ? -5.926  -2.928  -15.116 1.00 62.27 ? 148 TRP A CG  1 
ATOM   1164 C  CD1 . TRP A 1 151 ? -4.996  -2.430  -15.985 1.00 62.71 ? 148 TRP A CD1 1 
ATOM   1165 C  CD2 . TRP A 1 151 ? -5.582  -2.409  -13.824 1.00 60.46 ? 148 TRP A CD2 1 
ATOM   1166 N  NE1 . TRP A 1 151 ? -4.100  -1.626  -15.317 1.00 62.36 ? 148 TRP A NE1 1 
ATOM   1167 C  CE2 . TRP A 1 151 ? -4.435  -1.601  -13.988 1.00 60.62 ? 148 TRP A CE2 1 
ATOM   1168 C  CE3 . TRP A 1 151 ? -6.127  -2.551  -12.546 1.00 59.93 ? 148 TRP A CE3 1 
ATOM   1169 C  CZ2 . TRP A 1 151 ? -3.829  -0.934  -12.923 1.00 59.09 ? 148 TRP A CZ2 1 
ATOM   1170 C  CZ3 . TRP A 1 151 ? -5.517  -1.890  -11.486 1.00 60.47 ? 148 TRP A CZ3 1 
ATOM   1171 C  CH2 . TRP A 1 151 ? -4.378  -1.095  -11.684 1.00 58.87 ? 148 TRP A CH2 1 
HETATM 1172 S  S   . SO4 B 2 .   ? 1.480   9.630   11.916  0.90 27.23 ? 152 SO4 A S   1 
HETATM 1173 O  O1  . SO4 B 2 .   ? 1.303   9.480   13.361  0.90 29.90 ? 152 SO4 A O1  1 
HETATM 1174 O  O2  . SO4 B 2 .   ? 2.690   8.866   11.560  0.90 29.22 ? 152 SO4 A O2  1 
HETATM 1175 O  O3  . SO4 B 2 .   ? 0.314   9.205   11.169  0.90 26.90 ? 152 SO4 A O3  1 
HETATM 1176 O  O4  . SO4 B 2 .   ? 1.659   11.049  11.573  0.90 31.04 ? 152 SO4 A O4  1 
HETATM 1177 XE XE  . XE  C 3 .   ? -10.022 6.229   0.486   0.40 61.11 ? 153 XE  A XE  1 
HETATM 1178 XE XE  . XE  D 3 .   ? 9.056   8.756   -0.573  0.40 47.76 ? 154 XE  A XE  1 
HETATM 1179 XE XE  A XE  E 3 .   ? -3.199  -5.158  1.547   0.53 29.43 ? 155 XE  A XE  1 
HETATM 1180 XE XE  B XE  E 3 .   ? -3.057  -5.397  2.568   0.25 20.86 ? 155 XE  A XE  1 
HETATM 1181 XE XE  . XE  F 3 .   ? -0.330  -1.144  -0.555  0.40 26.84 ? 156 XE  A XE  1 
HETATM 1182 C  C   . CMO G 4 .   ? -1.354  4.056   -4.447  0.83 31.79 ? 157 CMO A C   1 
HETATM 1183 O  O   . CMO G 4 .   ? -0.130  4.138   -4.317  0.83 31.92 ? 157 CMO A O   1 
HETATM 1184 C  CHA A HEM H 5 .   ? -4.200  6.173   -5.821  0.83 34.20 ? 158 HEM A CHA 1 
HETATM 1185 C  CHA B HEM H 5 .   ? -4.867  8.006   -5.532  0.17 27.58 ? 158 HEM A CHA 1 
HETATM 1186 C  CHB A HEM H 5 .   ? -0.346  4.211   -8.075  0.83 30.25 ? 158 HEM A CHB 1 
HETATM 1187 C  CHB B HEM H 5 .   ? -0.884  6.448   -7.835  0.17 29.40 ? 158 HEM A CHB 1 
HETATM 1188 C  CHC A HEM H 5 .   ? -1.412  -0.047  -5.993  0.83 31.44 ? 158 HEM A CHC 1 
HETATM 1189 C  CHC B HEM H 5 .   ? -1.047  2.275   -5.387  0.17 29.29 ? 158 HEM A CHC 1 
HETATM 1190 C  CHD A HEM H 5 .   ? -4.287  2.264   -2.733  0.83 30.82 ? 158 HEM A CHD 1 
HETATM 1191 C  CHD B HEM H 5 .   ? -4.677  4.031   -2.682  0.17 28.23 ? 158 HEM A CHD 1 
HETATM 1192 C  C1A A HEM H 5 .   ? -3.116  6.026   -6.662  0.83 33.63 ? 158 HEM A C1A 1 
HETATM 1193 C  C1A B HEM H 5 .   ? -3.770  7.951   -6.358  0.17 28.49 ? 158 HEM A C1A 1 
HETATM 1194 C  C2A A HEM H 5 .   ? -2.566  6.996   -7.620  0.83 34.31 ? 158 HEM A C2A 1 
HETATM 1195 C  C2A B HEM H 5 .   ? -3.317  9.016   -7.236  0.17 29.44 ? 158 HEM A C2A 1 
HETATM 1196 C  C3A A HEM H 5 .   ? -1.484  6.432   -8.213  0.83 33.06 ? 158 HEM A C3A 1 
HETATM 1197 C  C3A B HEM H 5 .   ? -2.220  8.572   -7.866  0.17 29.61 ? 158 HEM A C3A 1 
HETATM 1198 C  C4A A HEM H 5 .   ? -1.338  5.087   -7.694  0.83 32.68 ? 158 HEM A C4A 1 
HETATM 1199 C  C4A B HEM H 5 .   ? -1.940  7.227   -7.409  0.17 29.33 ? 158 HEM A C4A 1 
HETATM 1200 C  CMA A HEM H 5 .   ? -0.526  7.009   -9.286  0.83 31.95 ? 158 HEM A CMA 1 
HETATM 1201 C  CMA B HEM H 5 .   ? -1.365  9.323   -8.906  0.17 29.15 ? 158 HEM A CMA 1 
HETATM 1202 C  CAA A HEM H 5 .   ? -3.099  8.439   -7.854  0.83 38.44 ? 158 HEM A CAA 1 
HETATM 1203 C  CAA B HEM H 5 .   ? -4.002  10.397  -7.407  0.17 29.11 ? 158 HEM A CAA 1 
HETATM 1204 C  CBA A HEM H 5 .   ? -2.575  9.329   -6.705  0.83 39.56 ? 158 HEM A CBA 1 
HETATM 1205 C  CBA B HEM H 5 .   ? -3.141  11.536  -6.860  0.17 29.02 ? 158 HEM A CBA 1 
HETATM 1206 C  CGA A HEM H 5 .   ? -3.206  10.708  -6.565  0.83 41.27 ? 158 HEM A CGA 1 
HETATM 1207 C  CGA B HEM H 5 .   ? -3.957  12.465  -6.001  0.17 29.16 ? 158 HEM A CGA 1 
HETATM 1208 O  O1A A HEM H 5 .   ? -3.519  11.313  -7.628  0.83 39.85 ? 158 HEM A O1A 1 
HETATM 1209 O  O1A B HEM H 5 .   ? -4.783  13.237  -6.562  0.17 29.62 ? 158 HEM A O1A 1 
HETATM 1210 O  O2A A HEM H 5 .   ? -3.377  11.223  -5.404  0.83 41.26 ? 158 HEM A O2A 1 
HETATM 1211 O  O2A B HEM H 5 .   ? -3.778  12.431  -4.755  0.17 27.79 ? 158 HEM A O2A 1 
HETATM 1212 C  C1B A HEM H 5 .   ? -0.271  2.871   -7.772  0.83 30.78 ? 158 HEM A C1B 1 
HETATM 1213 C  C1B B HEM H 5 .   ? -0.639  5.146   -7.459  0.17 29.91 ? 158 HEM A C1B 1 
HETATM 1214 C  C2B A HEM H 5 .   ? 0.653   1.880   -8.290  0.83 31.47 ? 158 HEM A C2B 1 
HETATM 1215 C  C2B B HEM H 5 .   ? 0.243   4.209   -8.118  0.17 30.62 ? 158 HEM A C2B 1 
HETATM 1216 C  C3B A HEM H 5 .   ? 0.355   0.713   -7.692  0.83 32.16 ? 158 HEM A C3B 1 
HETATM 1217 C  C3B B HEM H 5 .   ? 0.198   3.052   -7.453  0.17 30.63 ? 158 HEM A C3B 1 
HETATM 1218 C  C4B A HEM H 5 .   ? -0.777  0.889   -6.795  0.83 30.58 ? 158 HEM A C4B 1 
HETATM 1219 C  C4B B HEM H 5 .   ? -0.710  3.220   -6.331  0.17 29.68 ? 158 HEM A C4B 1 
HETATM 1220 C  CMB A HEM H 5 .   ? 1.796   2.130   -9.304  0.83 27.90 ? 158 HEM A CMB 1 
HETATM 1221 C  CMB B HEM H 5 .   ? 1.092   4.503   -9.374  0.17 32.15 ? 158 HEM A CMB 1 
HETATM 1222 C  CAB A HEM H 5 .   ? 1.058   -0.633  -7.949  0.83 32.46 ? 158 HEM A CAB 1 
HETATM 1223 C  CAB B HEM H 5 .   ? 0.993   1.774   -7.817  0.17 31.61 ? 158 HEM A CAB 1 
HETATM 1224 C  CBB A HEM H 5 .   ? 0.266   -1.511  -8.586  0.83 35.25 ? 158 HEM A CBB 1 
HETATM 1225 C  CBB B HEM H 5 .   ? 0.370   0.606   -8.010  0.17 31.81 ? 158 HEM A CBB 1 
HETATM 1226 C  C1C A HEM H 5 .   ? -2.224  0.177   -4.895  0.83 29.65 ? 158 HEM A C1C 1 
HETATM 1227 C  C1C B HEM H 5 .   ? -2.014  2.395   -4.411  0.17 28.80 ? 158 HEM A C1C 1 
HETATM 1228 C  C2C A HEM H 5 .   ? -2.694  -0.785  -3.917  0.83 30.66 ? 158 HEM A C2C 1 
HETATM 1229 C  C2C B HEM H 5 .   ? -2.314  1.415   -3.388  0.17 29.30 ? 158 HEM A C2C 1 
HETATM 1230 C  C3C A HEM H 5 .   ? -3.475  -0.153  -3.020  0.83 31.02 ? 158 HEM A C3C 1 
HETATM 1231 C  C3C B HEM H 5 .   ? -3.320  1.891   -2.637  0.17 29.01 ? 158 HEM A C3C 1 
HETATM 1232 C  C4C A HEM H 5 .   ? -3.566  1.252   -3.376  0.83 33.01 ? 158 HEM A C4C 1 
HETATM 1233 C  C4C B HEM H 5 .   ? -3.689  3.195   -3.163  0.17 28.49 ? 158 HEM A C4C 1 
HETATM 1234 C  CMC A HEM H 5 .   ? -2.367  -2.293  -3.869  0.83 31.01 ? 158 HEM A CMC 1 
HETATM 1235 C  CMC B HEM H 5 .   ? -1.572  0.064   -3.238  0.17 29.71 ? 158 HEM A CMC 1 
HETATM 1236 C  CAC A HEM H 5 .   ? -4.157  -0.811  -1.807  0.83 32.74 ? 158 HEM A CAC 1 
HETATM 1237 C  CAC B HEM H 5 .   ? -3.989  1.210   -1.419  0.17 29.56 ? 158 HEM A CAC 1 
HETATM 1238 C  CBC A HEM H 5 .   ? -5.418  -1.228  -1.934  0.83 37.24 ? 158 HEM A CBC 1 
HETATM 1239 C  CBC B HEM H 5 .   ? -4.415  -0.057  -1.457  0.17 29.69 ? 158 HEM A CBC 1 
HETATM 1240 C  C1D A HEM H 5 .   ? -4.636  3.502   -3.299  0.83 32.51 ? 158 HEM A C1D 1 
HETATM 1241 C  C1D B HEM H 5 .   ? -5.121  5.221   -3.227  0.17 27.18 ? 158 HEM A C1D 1 
HETATM 1242 C  C2D A HEM H 5 .   ? -5.669  4.443   -2.863  0.83 32.49 ? 158 HEM A C2D 1 
HETATM 1243 C  C2D B HEM H 5 .   ? -6.313  5.932   -2.815  0.17 26.76 ? 158 HEM A C2D 1 
HETATM 1244 C  C3D A HEM H 5 .   ? -5.623  5.651   -3.811  0.83 31.98 ? 158 HEM A C3D 1 
HETATM 1245 C  C3D B HEM H 5 .   ? -6.383  7.181   -3.708  0.17 26.43 ? 158 HEM A C3D 1 
HETATM 1246 C  C4D A HEM H 5 .   ? -4.576  5.345   -4.765  0.83 34.37 ? 158 HEM A C4D 1 
HETATM 1247 C  C4D B HEM H 5 .   ? -5.215  7.090   -4.561  0.17 27.15 ? 158 HEM A C4D 1 
HETATM 1248 C  CMD A HEM H 5 .   ? -6.657  4.312   -1.687  0.83 30.91 ? 158 HEM A CMD 1 
HETATM 1249 C  CMD B HEM H 5 .   ? -7.307  5.513   -1.711  0.17 26.77 ? 158 HEM A CMD 1 
HETATM 1250 C  CAD A HEM H 5 .   ? -6.541  6.889   -3.766  0.83 33.05 ? 158 HEM A CAD 1 
HETATM 1251 C  CAD B HEM H 5 .   ? -7.461  8.292   -3.677  0.17 26.31 ? 158 HEM A CAD 1 
HETATM 1252 C  CBD A HEM H 5 .   ? -7.744  6.576   -4.659  0.83 38.98 ? 158 HEM A CBD 1 
HETATM 1253 C  CBD B HEM H 5 .   ? -8.302  8.343   -4.951  0.17 26.54 ? 158 HEM A CBD 1 
HETATM 1254 C  CGD A HEM H 5 .   ? -8.708  7.735   -4.726  0.83 41.73 ? 158 HEM A CGD 1 
HETATM 1255 C  CGD B HEM H 5 .   ? -9.133  9.605   -5.004  0.17 27.30 ? 158 HEM A CGD 1 
HETATM 1256 O  O1D A HEM H 5 .   ? -8.265  8.849   -4.397  0.83 44.09 ? 158 HEM A O1D 1 
HETATM 1257 O  O1D B HEM H 5 .   ? -8.562  10.718  -5.176  0.17 27.34 ? 158 HEM A O1D 1 
HETATM 1258 O  O2D A HEM H 5 .   ? -9.900  7.582   -5.109  0.83 45.11 ? 158 HEM A O2D 1 
HETATM 1259 O  O2D B HEM H 5 .   ? -10.380 9.504   -4.872  0.17 26.74 ? 158 HEM A O2D 1 
HETATM 1260 N  NA  A HEM H 5 .   ? -2.353  4.869   -6.744  0.83 32.92 ? 158 HEM A NA  1 
HETATM 1261 N  NA  B HEM H 5 .   ? -2.906  6.873   -6.479  0.17 28.81 ? 158 HEM A NA  1 
HETATM 1262 N  NB  A HEM H 5 .   ? -1.095  2.227   -6.860  0.83 33.86 ? 158 HEM A NB  1 
HETATM 1263 N  NB  B HEM H 5 .   ? -1.201  4.509   -6.370  0.17 29.35 ? 158 HEM A NB  1 
HETATM 1264 N  NC  A HEM H 5 .   ? -2.774  1.396   -4.532  0.83 33.03 ? 158 HEM A NC  1 
HETATM 1265 N  NC  B HEM H 5 .   ? -2.869  3.466   -4.239  0.17 28.35 ? 158 HEM A NC  1 
HETATM 1266 N  ND  A HEM H 5 .   ? -4.025  4.096   -4.414  0.83 33.34 ? 158 HEM A ND  1 
HETATM 1267 N  ND  B HEM H 5 .   ? -4.505  5.933   -4.249  0.17 27.87 ? 158 HEM A ND  1 
HETATM 1268 FE FE  A HEM H 5 .   ? -2.474  3.183   -5.578  0.83 31.39 ? 158 HEM A FE  1 
HETATM 1269 FE FE  B HEM H 5 .   ? -2.547  5.363   -5.009  0.17 28.10 ? 158 HEM A FE  1 
HETATM 1270 O  O   . HOH I 6 .   ? 1.143   -4.230  -17.109 1.00 50.94 ? 159 HOH A O   1 
HETATM 1271 O  O   . HOH I 6 .   ? -17.262 -3.449  -0.562  1.00 40.72 ? 160 HOH A O   1 
HETATM 1272 O  O   . HOH I 6 .   ? 7.913   -1.603  -10.536 1.00 43.11 ? 161 HOH A O   1 
HETATM 1273 O  O   . HOH I 6 .   ? 5.987   13.159  -9.590  1.00 24.89 ? 162 HOH A O   1 
HETATM 1274 O  O   . HOH I 6 .   ? -3.669  8.915   8.825   1.00 27.11 ? 163 HOH A O   1 
HETATM 1275 O  O   . HOH I 6 .   ? -1.989  -3.054  -17.386 1.00 61.00 ? 164 HOH A O   1 
HETATM 1276 O  O   . HOH I 6 .   ? -11.078 5.173   -3.860  1.00 50.22 ? 165 HOH A O   1 
HETATM 1277 O  O   . HOH I 6 .   ? -1.870  -18.574 3.219   1.00 83.02 ? 166 HOH A O   1 
HETATM 1278 O  O   . HOH I 6 .   ? 12.483  8.329   -8.437  1.00 41.98 ? 167 HOH A O   1 
HETATM 1279 O  O   . HOH I 6 .   ? 8.482   0.022   8.612   1.00 37.92 ? 168 HOH A O   1 
HETATM 1280 O  O   . HOH I 6 .   ? 13.744  -1.342  -10.776 1.00 24.88 ? 169 HOH A O   1 
HETATM 1281 O  O   . HOH I 6 .   ? -12.132 -9.664  10.115  1.00 47.54 ? 170 HOH A O   1 
HETATM 1282 O  O   . HOH I 6 .   ? 2.826   1.361   -13.103 1.00 45.00 ? 171 HOH A O   1 
HETATM 1283 O  O   . HOH I 6 .   ? -1.153  11.987  -9.512  1.00 43.48 ? 172 HOH A O   1 
HETATM 1284 O  O   . HOH I 6 .   ? 0.629   21.265  -6.412  1.00 60.01 ? 173 HOH A O   1 
HETATM 1285 O  O   . HOH I 6 .   ? 1.220   -7.687  -10.224 1.00 57.15 ? 174 HOH A O   1 
HETATM 1286 O  O   . HOH I 6 .   ? 4.455   18.832  -6.867  1.00 35.50 ? 175 HOH A O   1 
HETATM 1287 O  O   . HOH I 6 .   ? -3.138  6.086   14.924  1.00 59.87 ? 176 HOH A O   1 
HETATM 1288 O  O   . HOH I 6 .   ? 17.051  3.124   -7.098  1.00 35.31 ? 177 HOH A O   1 
HETATM 1289 O  O   . HOH I 6 .   ? 13.268  6.544   -1.654  1.00 29.59 ? 178 HOH A O   1 
HETATM 1290 O  O   . HOH I 6 .   ? 12.891  -11.490 11.418  1.00 47.09 ? 179 HOH A O   1 
HETATM 1291 O  O   . HOH I 6 .   ? 15.736  10.067  -1.175  1.00 38.34 ? 180 HOH A O   1 
HETATM 1292 O  O   . HOH I 6 .   ? 4.352   16.467  -8.121  1.00 34.97 ? 181 HOH A O   1 
HETATM 1293 O  O   . HOH I 6 .   ? 8.717   1.270   11.134  1.00 30.19 ? 182 HOH A O   1 
HETATM 1294 O  O   . HOH I 6 .   ? -5.986  5.958   -8.783  1.00 36.44 ? 183 HOH A O   1 
HETATM 1295 O  O   . HOH I 6 .   ? 2.586   3.076   -6.206  1.00 49.43 ? 184 HOH A O   1 
HETATM 1296 O  O   . HOH I 6 .   ? -12.927 -2.084  8.191   1.00 91.88 ? 185 HOH A O   1 
HETATM 1297 O  O   . HOH I 6 .   ? -4.016  20.313  -0.576  1.00 55.94 ? 186 HOH A O   1 
HETATM 1298 O  O   . HOH I 6 .   ? -6.545  -14.084 -4.083  1.00 50.54 ? 187 HOH A O   1 
HETATM 1299 O  O   . HOH I 6 .   ? 15.198  5.961   -6.693  1.00 40.32 ? 188 HOH A O   1 
HETATM 1300 O  O   . HOH I 6 .   ? -12.679 -8.646  -1.587  1.00 60.11 ? 189 HOH A O   1 
HETATM 1301 O  O   . HOH I 6 .   ? -0.820  17.301  -12.225 1.00 86.37 ? 190 HOH A O   1 
HETATM 1302 O  O   . HOH I 6 .   ? 13.433  9.059   -0.042  1.00 29.24 ? 191 HOH A O   1 
HETATM 1303 O  O   . HOH I 6 .   ? 8.371   3.833   10.875  1.00 26.47 ? 192 HOH A O   1 
HETATM 1304 O  O   . HOH I 6 .   ? -5.972  18.644  -0.851  1.00 42.61 ? 193 HOH A O   1 
HETATM 1305 O  O   . HOH I 6 .   ? 9.304   7.116   8.699   1.00 19.27 ? 194 HOH A O   1 
HETATM 1306 O  O   . HOH I 6 .   ? 4.229   -10.223 -1.913  1.00 46.59 ? 195 HOH A O   1 
HETATM 1307 O  O   . HOH I 6 .   ? 4.133   -9.470  -4.368  1.00 43.35 ? 196 HOH A O   1 
HETATM 1308 O  O   . HOH I 6 .   ? 8.153   7.951   16.433  1.00 41.00 ? 197 HOH A O   1 
HETATM 1309 O  O   . HOH I 6 .   ? 7.859   6.727   -15.537 1.00 33.44 ? 198 HOH A O   1 
HETATM 1310 O  O   . HOH I 6 .   ? -9.865  -6.666  -16.390 1.00 53.76 ? 199 HOH A O   1 
HETATM 1311 O  O   . HOH I 6 .   ? 6.489   11.245  9.111   0.50 21.74 ? 200 HOH A O   1 
HETATM 1312 O  O   . HOH I 6 .   ? 6.367   11.719  6.488   1.00 14.66 ? 201 HOH A O   1 
HETATM 1313 O  O   . HOH I 6 .   ? -8.862  -11.697 13.686  1.00 57.97 ? 202 HOH A O   1 
HETATM 1314 O  O   . HOH I 6 .   ? 11.968  -0.945  -14.007 0.33 44.11 ? 203 HOH A O   1 
HETATM 1315 O  O   . HOH I 6 .   ? -4.136  7.028   7.379   1.00 26.33 ? 204 HOH A O   1 
HETATM 1316 O  O   . HOH I 6 .   ? 7.299   -16.729 4.349   1.00 50.74 ? 205 HOH A O   1 
# 
loop_
_pdbx_poly_seq_scheme.asym_id 
_pdbx_poly_seq_scheme.entity_id 
_pdbx_poly_seq_scheme.seq_id 
_pdbx_poly_seq_scheme.mon_id 
_pdbx_poly_seq_scheme.ndb_seq_num 
_pdbx_poly_seq_scheme.pdb_seq_num 
_pdbx_poly_seq_scheme.auth_seq_num 
_pdbx_poly_seq_scheme.pdb_mon_id 
_pdbx_poly_seq_scheme.auth_mon_id 
_pdbx_poly_seq_scheme.pdb_strand_id 
_pdbx_poly_seq_scheme.pdb_ins_code 
_pdbx_poly_seq_scheme.hetero 
A 1 1   GLY 1   -2  ?   ?   ?   A . n 
A 1 2   SER 2   -1  ?   ?   ?   A . n 
A 1 3   HIS 3   0   ?   ?   ?   A . n 
A 1 4   MET 4   1   ?   ?   ?   A . n 
A 1 5   GLU 5   2   ?   ?   ?   A . n 
A 1 6   ARG 6   3   3   ARG ALA A . n 
A 1 7   PRO 7   4   4   PRO PRO A . n 
A 1 8   GLU 8   5   5   GLU GLU A . n 
A 1 9   SER 9   6   6   SER SER A . n 
A 1 10  GLU 10  7   7   GLU GLU A . n 
A 1 11  LEU 11  8   8   LEU LEU A . n 
A 1 12  ILE 12  9   9   ILE ILE A . n 
A 1 13  ARG 13  10  10  ARG ARG A . n 
A 1 14  GLN 14  11  11  GLN GLN A . n 
A 1 15  SER 15  12  12  SER SER A . n 
A 1 16  TRP 16  13  13  TRP TRP A . n 
A 1 17  ARG 17  14  14  ARG ARG A . n 
A 1 18  VAL 18  15  15  VAL VAL A . n 
A 1 19  VAL 19  16  16  VAL VAL A . n 
A 1 20  SER 20  17  17  SER SER A . n 
A 1 21  ARG 21  18  18  ARG ARG A . n 
A 1 22  SER 22  19  19  SER SER A . n 
A 1 23  PRO 23  20  20  PRO PRO A . n 
A 1 24  LEU 24  21  21  LEU LEU A . n 
A 1 25  GLU 25  22  22  GLU GLU A . n 
A 1 26  HIS 26  23  23  HIS HIS A . n 
A 1 27  GLY 27  24  24  GLY GLY A . n 
A 1 28  THR 28  25  25  THR THR A . n 
A 1 29  VAL 29  26  26  VAL VAL A . n 
A 1 30  LEU 30  27  27  LEU LEU A . n 
A 1 31  PHE 31  28  28  PHE PHE A . n 
A 1 32  ALA 32  29  29  ALA ALA A . n 
A 1 33  ARG 33  30  30  ARG ARG A . n 
A 1 34  LEU 34  31  31  LEU LEU A . n 
A 1 35  PHE 35  32  32  PHE PHE A . n 
A 1 36  ALA 36  33  33  ALA ALA A . n 
A 1 37  LEU 37  34  34  LEU LEU A . n 
A 1 38  GLU 38  35  35  GLU GLU A . n 
A 1 39  PRO 39  36  36  PRO PRO A . n 
A 1 40  SER 40  37  37  SER SER A . n 
A 1 41  LEU 41  38  38  LEU LEU A . n 
A 1 42  LEU 42  39  39  LEU LEU A . n 
A 1 43  PRO 43  40  40  PRO PRO A . n 
A 1 44  LEU 44  41  41  LEU LEU A . n 
A 1 45  PHE 45  42  42  PHE PHE A . n 
A 1 46  GLN 46  43  43  GLN GLN A . n 
A 1 47  TYR 47  44  44  TYR TYR A . n 
A 1 48  ASN 48  45  45  ASN ASN A . n 
A 1 49  GLY 49  46  46  GLY GLY A . n 
A 1 50  ARG 50  47  47  ARG ARG A . n 
A 1 51  GLN 51  48  48  GLN GLN A . n 
A 1 52  PHE 52  49  49  PHE PHE A . n 
A 1 53  SER 53  50  50  SER SER A . n 
A 1 54  SER 54  51  51  SER SER A . n 
A 1 55  PRO 55  52  52  PRO PRO A . n 
A 1 56  GLU 56  53  53  GLU GLU A . n 
A 1 57  ASP 57  54  54  ASP ASP A . n 
A 1 58  SER 58  55  55  SER SER A . n 
A 1 59  LEU 59  56  56  LEU LEU A . n 
A 1 60  SER 60  57  57  SER SER A . n 
A 1 61  SER 61  58  58  SER SER A . n 
A 1 62  PRO 62  59  59  PRO PRO A . n 
A 1 63  GLU 63  60  60  GLU GLU A . n 
A 1 64  PHE 64  61  61  PHE PHE A . n 
A 1 65  LEU 65  62  62  LEU LEU A . n 
A 1 66  ASP 66  63  63  ASP ASP A . n 
A 1 67  HIS 67  64  64  HIS HIS A . n 
A 1 68  ILE 68  65  65  ILE ILE A . n 
A 1 69  ARG 69  66  66  ARG ARG A . n 
A 1 70  LYS 70  67  67  LYS LYS A . n 
A 1 71  VAL 71  68  68  VAL VAL A . n 
A 1 72  MET 72  69  69  MET MET A . n 
A 1 73  LEU 73  70  70  LEU LEU A . n 
A 1 74  VAL 74  71  71  VAL VAL A . n 
A 1 75  ILE 75  72  72  ILE ILE A . n 
A 1 76  ASP 76  73  73  ASP ASP A . n 
A 1 77  ALA 77  74  74  ALA ALA A . n 
A 1 78  ALA 78  75  75  ALA ALA A . n 
A 1 79  VAL 79  76  76  VAL VAL A . n 
A 1 80  THR 80  77  77  THR THR A . n 
A 1 81  ASN 81  78  78  ASN ASN A . n 
A 1 82  VAL 82  79  79  VAL VAL A . n 
A 1 83  GLU 83  80  80  GLU GLU A . n 
A 1 84  ASP 84  81  81  ASP ASP A . n 
A 1 85  LEU 85  82  82  LEU LEU A . n 
A 1 86  SER 86  83  83  SER SER A . n 
A 1 87  SER 87  84  84  SER SER A . n 
A 1 88  LEU 88  85  85  LEU LEU A . n 
A 1 89  GLU 89  86  86  GLU GLU A . n 
A 1 90  GLU 90  87  87  GLU GLU A . n 
A 1 91  TYR 91  88  88  TYR TYR A . n 
A 1 92  LEU 92  89  89  LEU LEU A . n 
A 1 93  THR 93  90  90  THR THR A . n 
A 1 94  SER 94  91  91  SER SER A . n 
A 1 95  LEU 95  92  92  LEU LEU A . n 
A 1 96  GLY 96  93  93  GLY GLY A . n 
A 1 97  ARG 97  94  94  ARG ARG A . n 
A 1 98  LYS 98  95  95  LYS LYS A . n 
A 1 99  HIS 99  96  96  HIS HIS A . n 
A 1 100 ARG 100 97  97  ARG ARG A . n 
A 1 101 ALA 101 98  98  ALA ALA A . n 
A 1 102 VAL 102 99  99  VAL VAL A . n 
A 1 103 GLY 103 100 100 GLY GLY A . n 
A 1 104 VAL 104 101 101 VAL VAL A . n 
A 1 105 ARG 105 102 102 ARG ARG A . n 
A 1 106 LEU 106 103 103 LEU LEU A . n 
A 1 107 SER 107 104 104 SER SER A . n 
A 1 108 SER 108 105 105 SER SER A . n 
A 1 109 PHE 109 106 106 PHE PHE A . n 
A 1 110 SER 110 107 107 SER SER A . n 
A 1 111 THR 111 108 108 THR THR A . n 
A 1 112 VAL 112 109 109 VAL VAL A . n 
A 1 113 GLY 113 110 110 GLY GLY A . n 
A 1 114 GLU 114 111 111 GLU GLU A . n 
A 1 115 SER 115 112 112 SER SER A . n 
A 1 116 LEU 116 113 113 LEU LEU A . n 
A 1 117 LEU 117 114 114 LEU LEU A . n 
A 1 118 TYR 118 115 115 TYR TYR A . n 
A 1 119 MET 119 116 116 MET MET A . n 
A 1 120 LEU 120 117 117 LEU LEU A . n 
A 1 121 GLU 121 118 118 GLU GLU A . n 
A 1 122 LYS 122 119 119 LYS LYS A . n 
A 1 123 SER 123 120 120 SER SER A . n 
A 1 124 LEU 124 121 121 LEU LEU A . n 
A 1 125 GLY 125 122 122 GLY GLY A . n 
A 1 126 PRO 126 123 123 PRO PRO A . n 
A 1 127 ASP 127 124 124 ASP ASP A . n 
A 1 128 PHE 128 125 125 PHE PHE A . n 
A 1 129 THR 129 126 126 THR THR A . n 
A 1 130 PRO 130 127 127 PRO PRO A . n 
A 1 131 ALA 131 128 128 ALA ALA A . n 
A 1 132 THR 132 129 129 THR THR A . n 
A 1 133 ARG 133 130 130 ARG ARG A . n 
A 1 134 THR 134 131 131 THR THR A . n 
A 1 135 ALA 135 132 132 ALA ALA A . n 
A 1 136 TRP 136 133 133 TRP TRP A . n 
A 1 137 SER 137 134 134 SER SER A . n 
A 1 138 ARG 138 135 135 ARG ARG A . n 
A 1 139 LEU 139 136 136 LEU LEU A . n 
A 1 140 TYR 140 137 137 TYR TYR A . n 
A 1 141 GLY 141 138 138 GLY GLY A . n 
A 1 142 ALA 142 139 139 ALA ALA A . n 
A 1 143 VAL 143 140 140 VAL VAL A . n 
A 1 144 VAL 144 141 141 VAL VAL A . n 
A 1 145 GLN 145 142 142 GLN GLN A . n 
A 1 146 ALA 146 143 143 ALA ALA A . n 
A 1 147 MET 147 144 144 MET MET A . n 
A 1 148 SER 148 145 145 SER SER A . n 
A 1 149 ARG 149 146 146 ARG ARG A . n 
A 1 150 GLY 150 147 147 GLY GLY A . n 
A 1 151 TRP 151 148 148 TRP TRP A . n 
A 1 152 ASP 152 149 ?   ?   ?   A . n 
A 1 153 GLY 153 150 ?   ?   ?   A . n 
A 1 154 GLU 154 151 ?   ?   ?   A . n 
# 
loop_
_pdbx_nonpoly_scheme.asym_id 
_pdbx_nonpoly_scheme.entity_id 
_pdbx_nonpoly_scheme.mon_id 
_pdbx_nonpoly_scheme.ndb_seq_num 
_pdbx_nonpoly_scheme.pdb_seq_num 
_pdbx_nonpoly_scheme.auth_seq_num 
_pdbx_nonpoly_scheme.pdb_mon_id 
_pdbx_nonpoly_scheme.auth_mon_id 
_pdbx_nonpoly_scheme.pdb_strand_id 
_pdbx_nonpoly_scheme.pdb_ins_code 
B 2 SO4 1  152 1  SO4 SO4 A . 
C 3 XE  1  153 1  XE  XE  A . 
D 3 XE  1  154 2  XE  XE  A . 
E 3 XE  1  155 3  XE  XE  A . 
F 3 XE  1  156 4  XE  XE  A . 
G 4 CMO 1  157 1  CMO CMO A . 
H 5 HEM 1  158 1  HEM HEM A . 
I 6 HOH 1  159 1  HOH HOH A . 
I 6 HOH 2  160 2  HOH HOH A . 
I 6 HOH 3  161 3  HOH HOH A . 
I 6 HOH 4  162 4  HOH HOH A . 
I 6 HOH 5  163 5  HOH HOH A . 
I 6 HOH 6  164 6  HOH HOH A . 
I 6 HOH 7  165 7  HOH HOH A . 
I 6 HOH 8  166 8  HOH HOH A . 
I 6 HOH 9  167 9  HOH HOH A . 
I 6 HOH 10 168 10 HOH HOH A . 
I 6 HOH 11 169 11 HOH HOH A . 
I 6 HOH 12 170 12 HOH HOH A . 
I 6 HOH 13 171 13 HOH HOH A . 
I 6 HOH 14 172 14 HOH HOH A . 
I 6 HOH 15 173 15 HOH HOH A . 
I 6 HOH 16 174 17 HOH HOH A . 
I 6 HOH 17 175 18 HOH HOH A . 
I 6 HOH 18 176 19 HOH HOH A . 
I 6 HOH 19 177 20 HOH HOH A . 
I 6 HOH 20 178 21 HOH HOH A . 
I 6 HOH 21 179 22 HOH HOH A . 
I 6 HOH 22 180 23 HOH HOH A . 
I 6 HOH 23 181 24 HOH HOH A . 
I 6 HOH 24 182 25 HOH HOH A . 
I 6 HOH 25 183 26 HOH HOH A . 
I 6 HOH 26 184 27 HOH HOH A . 
I 6 HOH 27 185 28 HOH HOH A . 
I 6 HOH 28 186 29 HOH HOH A . 
I 6 HOH 29 187 30 HOH HOH A . 
I 6 HOH 30 188 31 HOH HOH A . 
I 6 HOH 31 189 32 HOH HOH A . 
I 6 HOH 32 190 33 HOH HOH A . 
I 6 HOH 33 191 34 HOH HOH A . 
I 6 HOH 34 192 35 HOH HOH A . 
I 6 HOH 35 193 36 HOH HOH A . 
I 6 HOH 36 194 37 HOH HOH A . 
I 6 HOH 37 195 38 HOH HOH A . 
I 6 HOH 38 196 39 HOH HOH A . 
I 6 HOH 39 197 40 HOH HOH A . 
I 6 HOH 40 198 41 HOH HOH A . 
I 6 HOH 41 199 42 HOH HOH A . 
I 6 HOH 42 200 43 HOH HOH A . 
I 6 HOH 43 201 44 HOH HOH A . 
I 6 HOH 44 202 45 HOH HOH A . 
I 6 HOH 45 203 46 HOH HOH A . 
I 6 HOH 46 204 47 HOH HOH A . 
I 6 HOH 47 205 48 HOH HOH A . 
# 
loop_
_pdbx_struct_assembly.id 
_pdbx_struct_assembly.details 
_pdbx_struct_assembly.method_details 
_pdbx_struct_assembly.oligomeric_details 
_pdbx_struct_assembly.oligomeric_count 
1 author_defined_assembly   ?    monomeric 1 
2 software_defined_assembly PISA dimeric   2 
# 
loop_
_pdbx_struct_assembly_gen.assembly_id 
_pdbx_struct_assembly_gen.oper_expression 
_pdbx_struct_assembly_gen.asym_id_list 
1 1   A,B,C,D,E,F,G,H,I 
2 1,2 A,B,C,D,E,F,G,H,I 
# 
loop_
_pdbx_struct_assembly_prop.biol_id 
_pdbx_struct_assembly_prop.type 
_pdbx_struct_assembly_prop.value 
_pdbx_struct_assembly_prop.details 
2 'ABSA (A^2)' 6710  ? 
2 MORE         -98   ? 
2 'SSA (A^2)'  13380 ? 
# 
loop_
_pdbx_struct_oper_list.id 
_pdbx_struct_oper_list.type 
_pdbx_struct_oper_list.name 
_pdbx_struct_oper_list.symmetry_operation 
_pdbx_struct_oper_list.matrix[1][1] 
_pdbx_struct_oper_list.matrix[1][2] 
_pdbx_struct_oper_list.matrix[1][3] 
_pdbx_struct_oper_list.vector[1] 
_pdbx_struct_oper_list.matrix[2][1] 
_pdbx_struct_oper_list.matrix[2][2] 
_pdbx_struct_oper_list.matrix[2][3] 
_pdbx_struct_oper_list.vector[2] 
_pdbx_struct_oper_list.matrix[3][1] 
_pdbx_struct_oper_list.matrix[3][2] 
_pdbx_struct_oper_list.matrix[3][3] 
_pdbx_struct_oper_list.vector[3] 
1 'identity operation'         1_555  x,y,z                  1.0000000000  0.0000000000 0.0000000000  0.0000000000   0.0000000000 1.0000000000  0.0000000000  0.0000000000  0.0000000000  0.0000000000  1.0000000000 0.0000000000 
2 'crystal symmetry operation' 18_655 -x+4/3,-x+y+2/3,-z+2/3 -0.9623514756 0.1675985669 -0.2139868167 -21.2459821960 0.1675985669 -0.2539075541 -0.9525973306 10.8918420553 -0.2139868167 -0.9525973306 0.2162590298 4.7927122653 
# 
loop_
_pdbx_struct_special_symmetry.id 
_pdbx_struct_special_symmetry.PDB_model_num 
_pdbx_struct_special_symmetry.auth_asym_id 
_pdbx_struct_special_symmetry.auth_comp_id 
_pdbx_struct_special_symmetry.auth_seq_id 
_pdbx_struct_special_symmetry.PDB_ins_code 
_pdbx_struct_special_symmetry.label_asym_id 
_pdbx_struct_special_symmetry.label_comp_id 
_pdbx_struct_special_symmetry.label_seq_id 
1 1 A HOH 200 ? I HOH . 
2 1 A HOH 203 ? I HOH . 
# 
loop_
_pdbx_struct_conn_angle.id 
_pdbx_struct_conn_angle.ptnr1_label_atom_id 
_pdbx_struct_conn_angle.ptnr1_label_alt_id 
_pdbx_struct_conn_angle.ptnr1_label_asym_id 
_pdbx_struct_conn_angle.ptnr1_label_comp_id 
_pdbx_struct_conn_angle.ptnr1_label_seq_id 
_pdbx_struct_conn_angle.ptnr1_auth_atom_id 
_pdbx_struct_conn_angle.ptnr1_auth_asym_id 
_pdbx_struct_conn_angle.ptnr1_auth_comp_id 
_pdbx_struct_conn_angle.ptnr1_auth_seq_id 
_pdbx_struct_conn_angle.ptnr1_PDB_ins_code 
_pdbx_struct_conn_angle.ptnr1_symmetry 
_pdbx_struct_conn_angle.ptnr2_label_atom_id 
_pdbx_struct_conn_angle.ptnr2_label_alt_id 
_pdbx_struct_conn_angle.ptnr2_label_asym_id 
_pdbx_struct_conn_angle.ptnr2_label_comp_id 
_pdbx_struct_conn_angle.ptnr2_label_seq_id 
_pdbx_struct_conn_angle.ptnr2_auth_atom_id 
_pdbx_struct_conn_angle.ptnr2_auth_asym_id 
_pdbx_struct_conn_angle.ptnr2_auth_comp_id 
_pdbx_struct_conn_angle.ptnr2_auth_seq_id 
_pdbx_struct_conn_angle.ptnr2_PDB_ins_code 
_pdbx_struct_conn_angle.ptnr2_symmetry 
_pdbx_struct_conn_angle.ptnr3_label_atom_id 
_pdbx_struct_conn_angle.ptnr3_label_alt_id 
_pdbx_struct_conn_angle.ptnr3_label_asym_id 
_pdbx_struct_conn_angle.ptnr3_label_comp_id 
_pdbx_struct_conn_angle.ptnr3_label_seq_id 
_pdbx_struct_conn_angle.ptnr3_auth_atom_id 
_pdbx_struct_conn_angle.ptnr3_auth_asym_id 
_pdbx_struct_conn_angle.ptnr3_auth_comp_id 
_pdbx_struct_conn_angle.ptnr3_auth_seq_id 
_pdbx_struct_conn_angle.ptnr3_PDB_ins_code 
_pdbx_struct_conn_angle.ptnr3_symmetry 
_pdbx_struct_conn_angle.value 
_pdbx_struct_conn_angle.value_esd 
1  NE2 A A HIS 99 ? A HIS 96  ? 1_555 FE A H HEM . ? A HEM 158 ? 1_555 NA A H HEM . ? A HEM 158 ? 1_555 75.5  ? 
2  NE2 A A HIS 99 ? A HIS 96  ? 1_555 FE A H HEM . ? A HEM 158 ? 1_555 NB A H HEM . ? A HEM 158 ? 1_555 87.3  ? 
3  NA  A H HEM .  ? A HEM 158 ? 1_555 FE A H HEM . ? A HEM 158 ? 1_555 NB A H HEM . ? A HEM 158 ? 1_555 89.3  ? 
4  NE2 A A HIS 99 ? A HIS 96  ? 1_555 FE A H HEM . ? A HEM 158 ? 1_555 NC A H HEM . ? A HEM 158 ? 1_555 98.0  ? 
5  NA  A H HEM .  ? A HEM 158 ? 1_555 FE A H HEM . ? A HEM 158 ? 1_555 NC A H HEM . ? A HEM 158 ? 1_555 173.5 ? 
6  NB  A H HEM .  ? A HEM 158 ? 1_555 FE A H HEM . ? A HEM 158 ? 1_555 NC A H HEM . ? A HEM 158 ? 1_555 90.6  ? 
7  NE2 A A HIS 99 ? A HIS 96  ? 1_555 FE A H HEM . ? A HEM 158 ? 1_555 ND A H HEM . ? A HEM 158 ? 1_555 87.1  ? 
8  NA  A H HEM .  ? A HEM 158 ? 1_555 FE A H HEM . ? A HEM 158 ? 1_555 ND A H HEM . ? A HEM 158 ? 1_555 90.1  ? 
9  NB  A H HEM .  ? A HEM 158 ? 1_555 FE A H HEM . ? A HEM 158 ? 1_555 ND A H HEM . ? A HEM 158 ? 1_555 174.3 ? 
10 NC  A H HEM .  ? A HEM 158 ? 1_555 FE A H HEM . ? A HEM 158 ? 1_555 ND A H HEM . ? A HEM 158 ? 1_555 89.3  ? 
# 
loop_
_pdbx_audit_revision_history.ordinal 
_pdbx_audit_revision_history.data_content_type 
_pdbx_audit_revision_history.major_revision 
_pdbx_audit_revision_history.minor_revision 
_pdbx_audit_revision_history.revision_date 
1 'Structure model' 1 0 2009-09-22 
2 'Structure model' 1 1 2011-07-13 
3 'Structure model' 1 2 2018-10-17 
4 'Structure model' 1 3 2021-11-10 
5 'Structure model' 1 4 2023-11-01 
# 
_pdbx_audit_revision_details.ordinal             1 
_pdbx_audit_revision_details.revision_ordinal    1 
_pdbx_audit_revision_details.data_content_type   'Structure model' 
_pdbx_audit_revision_details.provider            repository 
_pdbx_audit_revision_details.type                'Initial release' 
_pdbx_audit_revision_details.description         ? 
_pdbx_audit_revision_details.details             ? 
# 
loop_
_pdbx_audit_revision_group.ordinal 
_pdbx_audit_revision_group.revision_ordinal 
_pdbx_audit_revision_group.data_content_type 
_pdbx_audit_revision_group.group 
1 2 'Structure model' 'Version format compliance' 
2 3 'Structure model' 'Data collection'           
3 3 'Structure model' 'Database references'       
4 4 'Structure model' 'Database references'       
5 4 'Structure model' 'Derived calculations'      
6 5 'Structure model' 'Data collection'           
7 5 'Structure model' 'Refinement description'    
# 
loop_
_pdbx_audit_revision_category.ordinal 
_pdbx_audit_revision_category.revision_ordinal 
_pdbx_audit_revision_category.data_content_type 
_pdbx_audit_revision_category.category 
1 3 'Structure model' citation                      
2 3 'Structure model' citation_author               
3 4 'Structure model' database_2                    
4 4 'Structure model' struct_ref_seq_dif            
5 4 'Structure model' struct_site                   
6 5 'Structure model' chem_comp_atom                
7 5 'Structure model' chem_comp_bond                
8 5 'Structure model' pdbx_initial_refinement_model 
# 
loop_
_pdbx_audit_revision_item.ordinal 
_pdbx_audit_revision_item.revision_ordinal 
_pdbx_audit_revision_item.data_content_type 
_pdbx_audit_revision_item.item 
1  3 'Structure model' '_citation.journal_abbrev'            
2  3 'Structure model' '_citation.journal_id_ISSN'           
3  3 'Structure model' '_citation.pdbx_database_id_DOI'      
4  3 'Structure model' '_citation.pdbx_database_id_PubMed'   
5  3 'Structure model' '_citation.title'                     
6  3 'Structure model' '_citation_author.name'               
7  4 'Structure model' '_database_2.pdbx_DOI'                
8  4 'Structure model' '_database_2.pdbx_database_accession' 
9  4 'Structure model' '_struct_ref_seq_dif.details'         
10 4 'Structure model' '_struct_site.pdbx_auth_asym_id'      
11 4 'Structure model' '_struct_site.pdbx_auth_comp_id'      
12 4 'Structure model' '_struct_site.pdbx_auth_seq_id'       
# 
_software.name             REFMAC 
_software.classification   refinement 
_software.version          5.2.0019 
_software.citation_id      ? 
_software.pdbx_ordinal     1 
# 
loop_
_pdbx_unobs_or_zero_occ_atoms.id 
_pdbx_unobs_or_zero_occ_atoms.PDB_model_num 
_pdbx_unobs_or_zero_occ_atoms.polymer_flag 
_pdbx_unobs_or_zero_occ_atoms.occupancy_flag 
_pdbx_unobs_or_zero_occ_atoms.auth_asym_id 
_pdbx_unobs_or_zero_occ_atoms.auth_comp_id 
_pdbx_unobs_or_zero_occ_atoms.auth_seq_id 
_pdbx_unobs_or_zero_occ_atoms.PDB_ins_code 
_pdbx_unobs_or_zero_occ_atoms.auth_atom_id 
_pdbx_unobs_or_zero_occ_atoms.label_alt_id 
_pdbx_unobs_or_zero_occ_atoms.label_asym_id 
_pdbx_unobs_or_zero_occ_atoms.label_comp_id 
_pdbx_unobs_or_zero_occ_atoms.label_seq_id 
_pdbx_unobs_or_zero_occ_atoms.label_atom_id 
1  1 Y 1 A ARG 3   ? N   ? A ARG 6   N   
2  1 Y 1 A ARG 3   ? CA  ? A ARG 6   CA  
3  1 Y 1 A ARG 3   ? CB  ? A ARG 6   CB  
4  1 Y 1 A ARG 3   ? CG  ? A ARG 6   CG  
5  1 Y 1 A ARG 3   ? CD  ? A ARG 6   CD  
6  1 Y 1 A ARG 3   ? NE  ? A ARG 6   NE  
7  1 Y 1 A ARG 3   ? CZ  ? A ARG 6   CZ  
8  1 Y 1 A ARG 3   ? NH1 ? A ARG 6   NH1 
9  1 Y 1 A ARG 3   ? NH2 ? A ARG 6   NH2 
10 1 Y 1 A ARG 10  ? NE  ? A ARG 13  NE  
11 1 Y 1 A ARG 10  ? CZ  ? A ARG 13  CZ  
12 1 Y 1 A ARG 10  ? NH1 ? A ARG 13  NH1 
13 1 Y 1 A ARG 10  ? NH2 ? A ARG 13  NH2 
14 1 Y 1 A GLN 11  ? CG  ? A GLN 14  CG  
15 1 Y 1 A GLN 11  ? CD  ? A GLN 14  CD  
16 1 Y 1 A GLN 11  ? OE1 ? A GLN 14  OE1 
17 1 Y 1 A GLN 11  ? NE2 ? A GLN 14  NE2 
18 1 Y 1 A ARG 14  ? NE  ? A ARG 17  NE  
19 1 Y 1 A ARG 14  ? CZ  ? A ARG 17  CZ  
20 1 Y 1 A ARG 14  ? NH1 ? A ARG 17  NH1 
21 1 Y 1 A ARG 14  ? NH2 ? A ARG 17  NH2 
22 1 Y 1 A ASN 45  ? CG  ? A ASN 48  CG  
23 1 Y 1 A ASN 45  ? OD1 ? A ASN 48  OD1 
24 1 Y 1 A ASN 45  ? ND2 ? A ASN 48  ND2 
25 1 Y 1 A ASP 81  ? CG  ? A ASP 84  CG  
26 1 Y 1 A ASP 81  ? OD1 ? A ASP 84  OD1 
27 1 Y 1 A ASP 81  ? OD2 ? A ASP 84  OD2 
28 1 Y 1 A GLU 86  ? CG  ? A GLU 89  CG  
29 1 Y 1 A GLU 86  ? CD  ? A GLU 89  CD  
30 1 Y 1 A GLU 86  ? OE1 ? A GLU 89  OE1 
31 1 Y 1 A GLU 86  ? OE2 ? A GLU 89  OE2 
32 1 Y 1 A ARG 146 ? CZ  ? A ARG 149 CZ  
33 1 Y 1 A ARG 146 ? NH1 ? A ARG 149 NH1 
34 1 Y 1 A ARG 146 ? NH2 ? A ARG 149 NH2 
# 
loop_
_pdbx_unobs_or_zero_occ_residues.id 
_pdbx_unobs_or_zero_occ_residues.PDB_model_num 
_pdbx_unobs_or_zero_occ_residues.polymer_flag 
_pdbx_unobs_or_zero_occ_residues.occupancy_flag 
_pdbx_unobs_or_zero_occ_residues.auth_asym_id 
_pdbx_unobs_or_zero_occ_residues.auth_comp_id 
_pdbx_unobs_or_zero_occ_residues.auth_seq_id 
_pdbx_unobs_or_zero_occ_residues.PDB_ins_code 
_pdbx_unobs_or_zero_occ_residues.label_asym_id 
_pdbx_unobs_or_zero_occ_residues.label_comp_id 
_pdbx_unobs_or_zero_occ_residues.label_seq_id 
1 1 Y 1 A GLY -2  ? A GLY 1   
2 1 Y 1 A SER -1  ? A SER 2   
3 1 Y 1 A HIS 0   ? A HIS 3   
4 1 Y 1 A MET 1   ? A MET 4   
5 1 Y 1 A GLU 2   ? A GLU 5   
6 1 Y 1 A ASP 149 ? A ASP 152 
7 1 Y 1 A GLY 150 ? A GLY 153 
8 1 Y 1 A GLU 151 ? A GLU 154 
# 
loop_
_chem_comp_atom.comp_id 
_chem_comp_atom.atom_id 
_chem_comp_atom.type_symbol 
_chem_comp_atom.pdbx_aromatic_flag 
_chem_comp_atom.pdbx_stereo_config 
_chem_comp_atom.pdbx_ordinal 
ALA N    N  N N 1   
ALA CA   C  N S 2   
ALA C    C  N N 3   
ALA O    O  N N 4   
ALA CB   C  N N 5   
ALA OXT  O  N N 6   
ALA H    H  N N 7   
ALA H2   H  N N 8   
ALA HA   H  N N 9   
ALA HB1  H  N N 10  
ALA HB2  H  N N 11  
ALA HB3  H  N N 12  
ALA HXT  H  N N 13  
ARG N    N  N N 14  
ARG CA   C  N S 15  
ARG C    C  N N 16  
ARG O    O  N N 17  
ARG CB   C  N N 18  
ARG CG   C  N N 19  
ARG CD   C  N N 20  
ARG NE   N  N N 21  
ARG CZ   C  N N 22  
ARG NH1  N  N N 23  
ARG NH2  N  N N 24  
ARG OXT  O  N N 25  
ARG H    H  N N 26  
ARG H2   H  N N 27  
ARG HA   H  N N 28  
ARG HB2  H  N N 29  
ARG HB3  H  N N 30  
ARG HG2  H  N N 31  
ARG HG3  H  N N 32  
ARG HD2  H  N N 33  
ARG HD3  H  N N 34  
ARG HE   H  N N 35  
ARG HH11 H  N N 36  
ARG HH12 H  N N 37  
ARG HH21 H  N N 38  
ARG HH22 H  N N 39  
ARG HXT  H  N N 40  
ASN N    N  N N 41  
ASN CA   C  N S 42  
ASN C    C  N N 43  
ASN O    O  N N 44  
ASN CB   C  N N 45  
ASN CG   C  N N 46  
ASN OD1  O  N N 47  
ASN ND2  N  N N 48  
ASN OXT  O  N N 49  
ASN H    H  N N 50  
ASN H2   H  N N 51  
ASN HA   H  N N 52  
ASN HB2  H  N N 53  
ASN HB3  H  N N 54  
ASN HD21 H  N N 55  
ASN HD22 H  N N 56  
ASN HXT  H  N N 57  
ASP N    N  N N 58  
ASP CA   C  N S 59  
ASP C    C  N N 60  
ASP O    O  N N 61  
ASP CB   C  N N 62  
ASP CG   C  N N 63  
ASP OD1  O  N N 64  
ASP OD2  O  N N 65  
ASP OXT  O  N N 66  
ASP H    H  N N 67  
ASP H2   H  N N 68  
ASP HA   H  N N 69  
ASP HB2  H  N N 70  
ASP HB3  H  N N 71  
ASP HD2  H  N N 72  
ASP HXT  H  N N 73  
CMO C    C  N N 74  
CMO O    O  N N 75  
CYS N    N  N N 76  
CYS CA   C  N R 77  
CYS C    C  N N 78  
CYS O    O  N N 79  
CYS CB   C  N N 80  
CYS SG   S  N N 81  
CYS OXT  O  N N 82  
CYS H    H  N N 83  
CYS H2   H  N N 84  
CYS HA   H  N N 85  
CYS HB2  H  N N 86  
CYS HB3  H  N N 87  
CYS HG   H  N N 88  
CYS HXT  H  N N 89  
GLN N    N  N N 90  
GLN CA   C  N S 91  
GLN C    C  N N 92  
GLN O    O  N N 93  
GLN CB   C  N N 94  
GLN CG   C  N N 95  
GLN CD   C  N N 96  
GLN OE1  O  N N 97  
GLN NE2  N  N N 98  
GLN OXT  O  N N 99  
GLN H    H  N N 100 
GLN H2   H  N N 101 
GLN HA   H  N N 102 
GLN HB2  H  N N 103 
GLN HB3  H  N N 104 
GLN HG2  H  N N 105 
GLN HG3  H  N N 106 
GLN HE21 H  N N 107 
GLN HE22 H  N N 108 
GLN HXT  H  N N 109 
GLU N    N  N N 110 
GLU CA   C  N S 111 
GLU C    C  N N 112 
GLU O    O  N N 113 
GLU CB   C  N N 114 
GLU CG   C  N N 115 
GLU CD   C  N N 116 
GLU OE1  O  N N 117 
GLU OE2  O  N N 118 
GLU OXT  O  N N 119 
GLU H    H  N N 120 
GLU H2   H  N N 121 
GLU HA   H  N N 122 
GLU HB2  H  N N 123 
GLU HB3  H  N N 124 
GLU HG2  H  N N 125 
GLU HG3  H  N N 126 
GLU HE2  H  N N 127 
GLU HXT  H  N N 128 
GLY N    N  N N 129 
GLY CA   C  N N 130 
GLY C    C  N N 131 
GLY O    O  N N 132 
GLY OXT  O  N N 133 
GLY H    H  N N 134 
GLY H2   H  N N 135 
GLY HA2  H  N N 136 
GLY HA3  H  N N 137 
GLY HXT  H  N N 138 
HEM CHA  C  N N 139 
HEM CHB  C  N N 140 
HEM CHC  C  N N 141 
HEM CHD  C  N N 142 
HEM C1A  C  Y N 143 
HEM C2A  C  Y N 144 
HEM C3A  C  Y N 145 
HEM C4A  C  Y N 146 
HEM CMA  C  N N 147 
HEM CAA  C  N N 148 
HEM CBA  C  N N 149 
HEM CGA  C  N N 150 
HEM O1A  O  N N 151 
HEM O2A  O  N N 152 
HEM C1B  C  N N 153 
HEM C2B  C  N N 154 
HEM C3B  C  N N 155 
HEM C4B  C  N N 156 
HEM CMB  C  N N 157 
HEM CAB  C  N N 158 
HEM CBB  C  N N 159 
HEM C1C  C  Y N 160 
HEM C2C  C  Y N 161 
HEM C3C  C  Y N 162 
HEM C4C  C  Y N 163 
HEM CMC  C  N N 164 
HEM CAC  C  N N 165 
HEM CBC  C  N N 166 
HEM C1D  C  N N 167 
HEM C2D  C  N N 168 
HEM C3D  C  N N 169 
HEM C4D  C  N N 170 
HEM CMD  C  N N 171 
HEM CAD  C  N N 172 
HEM CBD  C  N N 173 
HEM CGD  C  N N 174 
HEM O1D  O  N N 175 
HEM O2D  O  N N 176 
HEM NA   N  Y N 177 
HEM NB   N  N N 178 
HEM NC   N  Y N 179 
HEM ND   N  N N 180 
HEM FE   FE N N 181 
HEM HHB  H  N N 182 
HEM HHC  H  N N 183 
HEM HHD  H  N N 184 
HEM HMA  H  N N 185 
HEM HMAA H  N N 186 
HEM HMAB H  N N 187 
HEM HAA  H  N N 188 
HEM HAAA H  N N 189 
HEM HBA  H  N N 190 
HEM HBAA H  N N 191 
HEM HMB  H  N N 192 
HEM HMBA H  N N 193 
HEM HMBB H  N N 194 
HEM HAB  H  N N 195 
HEM HBB  H  N N 196 
HEM HBBA H  N N 197 
HEM HMC  H  N N 198 
HEM HMCA H  N N 199 
HEM HMCB H  N N 200 
HEM HAC  H  N N 201 
HEM HBC  H  N N 202 
HEM HBCA H  N N 203 
HEM HMD  H  N N 204 
HEM HMDA H  N N 205 
HEM HMDB H  N N 206 
HEM HAD  H  N N 207 
HEM HADA H  N N 208 
HEM HBD  H  N N 209 
HEM HBDA H  N N 210 
HEM H2A  H  N N 211 
HEM H2D  H  N N 212 
HEM HHA  H  N N 213 
HIS N    N  N N 214 
HIS CA   C  N S 215 
HIS C    C  N N 216 
HIS O    O  N N 217 
HIS CB   C  N N 218 
HIS CG   C  Y N 219 
HIS ND1  N  Y N 220 
HIS CD2  C  Y N 221 
HIS CE1  C  Y N 222 
HIS NE2  N  Y N 223 
HIS OXT  O  N N 224 
HIS H    H  N N 225 
HIS H2   H  N N 226 
HIS HA   H  N N 227 
HIS HB2  H  N N 228 
HIS HB3  H  N N 229 
HIS HD1  H  N N 230 
HIS HD2  H  N N 231 
HIS HE1  H  N N 232 
HIS HE2  H  N N 233 
HIS HXT  H  N N 234 
HOH O    O  N N 235 
HOH H1   H  N N 236 
HOH H2   H  N N 237 
ILE N    N  N N 238 
ILE CA   C  N S 239 
ILE C    C  N N 240 
ILE O    O  N N 241 
ILE CB   C  N S 242 
ILE CG1  C  N N 243 
ILE CG2  C  N N 244 
ILE CD1  C  N N 245 
ILE OXT  O  N N 246 
ILE H    H  N N 247 
ILE H2   H  N N 248 
ILE HA   H  N N 249 
ILE HB   H  N N 250 
ILE HG12 H  N N 251 
ILE HG13 H  N N 252 
ILE HG21 H  N N 253 
ILE HG22 H  N N 254 
ILE HG23 H  N N 255 
ILE HD11 H  N N 256 
ILE HD12 H  N N 257 
ILE HD13 H  N N 258 
ILE HXT  H  N N 259 
LEU N    N  N N 260 
LEU CA   C  N S 261 
LEU C    C  N N 262 
LEU O    O  N N 263 
LEU CB   C  N N 264 
LEU CG   C  N N 265 
LEU CD1  C  N N 266 
LEU CD2  C  N N 267 
LEU OXT  O  N N 268 
LEU H    H  N N 269 
LEU H2   H  N N 270 
LEU HA   H  N N 271 
LEU HB2  H  N N 272 
LEU HB3  H  N N 273 
LEU HG   H  N N 274 
LEU HD11 H  N N 275 
LEU HD12 H  N N 276 
LEU HD13 H  N N 277 
LEU HD21 H  N N 278 
LEU HD22 H  N N 279 
LEU HD23 H  N N 280 
LEU HXT  H  N N 281 
LYS N    N  N N 282 
LYS CA   C  N S 283 
LYS C    C  N N 284 
LYS O    O  N N 285 
LYS CB   C  N N 286 
LYS CG   C  N N 287 
LYS CD   C  N N 288 
LYS CE   C  N N 289 
LYS NZ   N  N N 290 
LYS OXT  O  N N 291 
LYS H    H  N N 292 
LYS H2   H  N N 293 
LYS HA   H  N N 294 
LYS HB2  H  N N 295 
LYS HB3  H  N N 296 
LYS HG2  H  N N 297 
LYS HG3  H  N N 298 
LYS HD2  H  N N 299 
LYS HD3  H  N N 300 
LYS HE2  H  N N 301 
LYS HE3  H  N N 302 
LYS HZ1  H  N N 303 
LYS HZ2  H  N N 304 
LYS HZ3  H  N N 305 
LYS HXT  H  N N 306 
MET N    N  N N 307 
MET CA   C  N S 308 
MET C    C  N N 309 
MET O    O  N N 310 
MET CB   C  N N 311 
MET CG   C  N N 312 
MET SD   S  N N 313 
MET CE   C  N N 314 
MET OXT  O  N N 315 
MET H    H  N N 316 
MET H2   H  N N 317 
MET HA   H  N N 318 
MET HB2  H  N N 319 
MET HB3  H  N N 320 
MET HG2  H  N N 321 
MET HG3  H  N N 322 
MET HE1  H  N N 323 
MET HE2  H  N N 324 
MET HE3  H  N N 325 
MET HXT  H  N N 326 
PHE N    N  N N 327 
PHE CA   C  N S 328 
PHE C    C  N N 329 
PHE O    O  N N 330 
PHE CB   C  N N 331 
PHE CG   C  Y N 332 
PHE CD1  C  Y N 333 
PHE CD2  C  Y N 334 
PHE CE1  C  Y N 335 
PHE CE2  C  Y N 336 
PHE CZ   C  Y N 337 
PHE OXT  O  N N 338 
PHE H    H  N N 339 
PHE H2   H  N N 340 
PHE HA   H  N N 341 
PHE HB2  H  N N 342 
PHE HB3  H  N N 343 
PHE HD1  H  N N 344 
PHE HD2  H  N N 345 
PHE HE1  H  N N 346 
PHE HE2  H  N N 347 
PHE HZ   H  N N 348 
PHE HXT  H  N N 349 
PRO N    N  N N 350 
PRO CA   C  N S 351 
PRO C    C  N N 352 
PRO O    O  N N 353 
PRO CB   C  N N 354 
PRO CG   C  N N 355 
PRO CD   C  N N 356 
PRO OXT  O  N N 357 
PRO H    H  N N 358 
PRO HA   H  N N 359 
PRO HB2  H  N N 360 
PRO HB3  H  N N 361 
PRO HG2  H  N N 362 
PRO HG3  H  N N 363 
PRO HD2  H  N N 364 
PRO HD3  H  N N 365 
PRO HXT  H  N N 366 
SER N    N  N N 367 
SER CA   C  N S 368 
SER C    C  N N 369 
SER O    O  N N 370 
SER CB   C  N N 371 
SER OG   O  N N 372 
SER OXT  O  N N 373 
SER H    H  N N 374 
SER H2   H  N N 375 
SER HA   H  N N 376 
SER HB2  H  N N 377 
SER HB3  H  N N 378 
SER HG   H  N N 379 
SER HXT  H  N N 380 
SO4 S    S  N N 381 
SO4 O1   O  N N 382 
SO4 O2   O  N N 383 
SO4 O3   O  N N 384 
SO4 O4   O  N N 385 
THR N    N  N N 386 
THR CA   C  N S 387 
THR C    C  N N 388 
THR O    O  N N 389 
THR CB   C  N R 390 
THR OG1  O  N N 391 
THR CG2  C  N N 392 
THR OXT  O  N N 393 
THR H    H  N N 394 
THR H2   H  N N 395 
THR HA   H  N N 396 
THR HB   H  N N 397 
THR HG1  H  N N 398 
THR HG21 H  N N 399 
THR HG22 H  N N 400 
THR HG23 H  N N 401 
THR HXT  H  N N 402 
TRP N    N  N N 403 
TRP CA   C  N S 404 
TRP C    C  N N 405 
TRP O    O  N N 406 
TRP CB   C  N N 407 
TRP CG   C  Y N 408 
TRP CD1  C  Y N 409 
TRP CD2  C  Y N 410 
TRP NE1  N  Y N 411 
TRP CE2  C  Y N 412 
TRP CE3  C  Y N 413 
TRP CZ2  C  Y N 414 
TRP CZ3  C  Y N 415 
TRP CH2  C  Y N 416 
TRP OXT  O  N N 417 
TRP H    H  N N 418 
TRP H2   H  N N 419 
TRP HA   H  N N 420 
TRP HB2  H  N N 421 
TRP HB3  H  N N 422 
TRP HD1  H  N N 423 
TRP HE1  H  N N 424 
TRP HE3  H  N N 425 
TRP HZ2  H  N N 426 
TRP HZ3  H  N N 427 
TRP HH2  H  N N 428 
TRP HXT  H  N N 429 
TYR N    N  N N 430 
TYR CA   C  N S 431 
TYR C    C  N N 432 
TYR O    O  N N 433 
TYR CB   C  N N 434 
TYR CG   C  Y N 435 
TYR CD1  C  Y N 436 
TYR CD2  C  Y N 437 
TYR CE1  C  Y N 438 
TYR CE2  C  Y N 439 
TYR CZ   C  Y N 440 
TYR OH   O  N N 441 
TYR OXT  O  N N 442 
TYR H    H  N N 443 
TYR H2   H  N N 444 
TYR HA   H  N N 445 
TYR HB2  H  N N 446 
TYR HB3  H  N N 447 
TYR HD1  H  N N 448 
TYR HD2  H  N N 449 
TYR HE1  H  N N 450 
TYR HE2  H  N N 451 
TYR HH   H  N N 452 
TYR HXT  H  N N 453 
VAL N    N  N N 454 
VAL CA   C  N S 455 
VAL C    C  N N 456 
VAL O    O  N N 457 
VAL CB   C  N N 458 
VAL CG1  C  N N 459 
VAL CG2  C  N N 460 
VAL OXT  O  N N 461 
VAL H    H  N N 462 
VAL H2   H  N N 463 
VAL HA   H  N N 464 
VAL HB   H  N N 465 
VAL HG11 H  N N 466 
VAL HG12 H  N N 467 
VAL HG13 H  N N 468 
VAL HG21 H  N N 469 
VAL HG22 H  N N 470 
VAL HG23 H  N N 471 
VAL HXT  H  N N 472 
XE  XE   XE N N 473 
# 
loop_
_chem_comp_bond.comp_id 
_chem_comp_bond.atom_id_1 
_chem_comp_bond.atom_id_2 
_chem_comp_bond.value_order 
_chem_comp_bond.pdbx_aromatic_flag 
_chem_comp_bond.pdbx_stereo_config 
_chem_comp_bond.pdbx_ordinal 
ALA N   CA   sing N N 1   
ALA N   H    sing N N 2   
ALA N   H2   sing N N 3   
ALA CA  C    sing N N 4   
ALA CA  CB   sing N N 5   
ALA CA  HA   sing N N 6   
ALA C   O    doub N N 7   
ALA C   OXT  sing N N 8   
ALA CB  HB1  sing N N 9   
ALA CB  HB2  sing N N 10  
ALA CB  HB3  sing N N 11  
ALA OXT HXT  sing N N 12  
ARG N   CA   sing N N 13  
ARG N   H    sing N N 14  
ARG N   H2   sing N N 15  
ARG CA  C    sing N N 16  
ARG CA  CB   sing N N 17  
ARG CA  HA   sing N N 18  
ARG C   O    doub N N 19  
ARG C   OXT  sing N N 20  
ARG CB  CG   sing N N 21  
ARG CB  HB2  sing N N 22  
ARG CB  HB3  sing N N 23  
ARG CG  CD   sing N N 24  
ARG CG  HG2  sing N N 25  
ARG CG  HG3  sing N N 26  
ARG CD  NE   sing N N 27  
ARG CD  HD2  sing N N 28  
ARG CD  HD3  sing N N 29  
ARG NE  CZ   sing N N 30  
ARG NE  HE   sing N N 31  
ARG CZ  NH1  sing N N 32  
ARG CZ  NH2  doub N N 33  
ARG NH1 HH11 sing N N 34  
ARG NH1 HH12 sing N N 35  
ARG NH2 HH21 sing N N 36  
ARG NH2 HH22 sing N N 37  
ARG OXT HXT  sing N N 38  
ASN N   CA   sing N N 39  
ASN N   H    sing N N 40  
ASN N   H2   sing N N 41  
ASN CA  C    sing N N 42  
ASN CA  CB   sing N N 43  
ASN CA  HA   sing N N 44  
ASN C   O    doub N N 45  
ASN C   OXT  sing N N 46  
ASN CB  CG   sing N N 47  
ASN CB  HB2  sing N N 48  
ASN CB  HB3  sing N N 49  
ASN CG  OD1  doub N N 50  
ASN CG  ND2  sing N N 51  
ASN ND2 HD21 sing N N 52  
ASN ND2 HD22 sing N N 53  
ASN OXT HXT  sing N N 54  
ASP N   CA   sing N N 55  
ASP N   H    sing N N 56  
ASP N   H2   sing N N 57  
ASP CA  C    sing N N 58  
ASP CA  CB   sing N N 59  
ASP CA  HA   sing N N 60  
ASP C   O    doub N N 61  
ASP C   OXT  sing N N 62  
ASP CB  CG   sing N N 63  
ASP CB  HB2  sing N N 64  
ASP CB  HB3  sing N N 65  
ASP CG  OD1  doub N N 66  
ASP CG  OD2  sing N N 67  
ASP OD2 HD2  sing N N 68  
ASP OXT HXT  sing N N 69  
CMO C   O    trip N N 70  
CYS N   CA   sing N N 71  
CYS N   H    sing N N 72  
CYS N   H2   sing N N 73  
CYS CA  C    sing N N 74  
CYS CA  CB   sing N N 75  
CYS CA  HA   sing N N 76  
CYS C   O    doub N N 77  
CYS C   OXT  sing N N 78  
CYS CB  SG   sing N N 79  
CYS CB  HB2  sing N N 80  
CYS CB  HB3  sing N N 81  
CYS SG  HG   sing N N 82  
CYS OXT HXT  sing N N 83  
GLN N   CA   sing N N 84  
GLN N   H    sing N N 85  
GLN N   H2   sing N N 86  
GLN CA  C    sing N N 87  
GLN CA  CB   sing N N 88  
GLN CA  HA   sing N N 89  
GLN C   O    doub N N 90  
GLN C   OXT  sing N N 91  
GLN CB  CG   sing N N 92  
GLN CB  HB2  sing N N 93  
GLN CB  HB3  sing N N 94  
GLN CG  CD   sing N N 95  
GLN CG  HG2  sing N N 96  
GLN CG  HG3  sing N N 97  
GLN CD  OE1  doub N N 98  
GLN CD  NE2  sing N N 99  
GLN NE2 HE21 sing N N 100 
GLN NE2 HE22 sing N N 101 
GLN OXT HXT  sing N N 102 
GLU N   CA   sing N N 103 
GLU N   H    sing N N 104 
GLU N   H2   sing N N 105 
GLU CA  C    sing N N 106 
GLU CA  CB   sing N N 107 
GLU CA  HA   sing N N 108 
GLU C   O    doub N N 109 
GLU C   OXT  sing N N 110 
GLU CB  CG   sing N N 111 
GLU CB  HB2  sing N N 112 
GLU CB  HB3  sing N N 113 
GLU CG  CD   sing N N 114 
GLU CG  HG2  sing N N 115 
GLU CG  HG3  sing N N 116 
GLU CD  OE1  doub N N 117 
GLU CD  OE2  sing N N 118 
GLU OE2 HE2  sing N N 119 
GLU OXT HXT  sing N N 120 
GLY N   CA   sing N N 121 
GLY N   H    sing N N 122 
GLY N   H2   sing N N 123 
GLY CA  C    sing N N 124 
GLY CA  HA2  sing N N 125 
GLY CA  HA3  sing N N 126 
GLY C   O    doub N N 127 
GLY C   OXT  sing N N 128 
GLY OXT HXT  sing N N 129 
HEM CHA C1A  sing N N 130 
HEM CHA C4D  doub N N 131 
HEM CHA HHA  sing N N 132 
HEM CHB C4A  sing N N 133 
HEM CHB C1B  doub N N 134 
HEM CHB HHB  sing N N 135 
HEM CHC C4B  sing N N 136 
HEM CHC C1C  doub N N 137 
HEM CHC HHC  sing N N 138 
HEM CHD C4C  doub N N 139 
HEM CHD C1D  sing N N 140 
HEM CHD HHD  sing N N 141 
HEM C1A C2A  doub Y N 142 
HEM C1A NA   sing Y N 143 
HEM C2A C3A  sing Y N 144 
HEM C2A CAA  sing N N 145 
HEM C3A C4A  doub Y N 146 
HEM C3A CMA  sing N N 147 
HEM C4A NA   sing Y N 148 
HEM CMA HMA  sing N N 149 
HEM CMA HMAA sing N N 150 
HEM CMA HMAB sing N N 151 
HEM CAA CBA  sing N N 152 
HEM CAA HAA  sing N N 153 
HEM CAA HAAA sing N N 154 
HEM CBA CGA  sing N N 155 
HEM CBA HBA  sing N N 156 
HEM CBA HBAA sing N N 157 
HEM CGA O1A  doub N N 158 
HEM CGA O2A  sing N N 159 
HEM C1B C2B  sing N N 160 
HEM C1B NB   sing N N 161 
HEM C2B C3B  doub N N 162 
HEM C2B CMB  sing N N 163 
HEM C3B C4B  sing N N 164 
HEM C3B CAB  sing N N 165 
HEM C4B NB   doub N N 166 
HEM CMB HMB  sing N N 167 
HEM CMB HMBA sing N N 168 
HEM CMB HMBB sing N N 169 
HEM CAB CBB  doub N N 170 
HEM CAB HAB  sing N N 171 
HEM CBB HBB  sing N N 172 
HEM CBB HBBA sing N N 173 
HEM C1C C2C  sing Y N 174 
HEM C1C NC   sing Y N 175 
HEM C2C C3C  doub Y N 176 
HEM C2C CMC  sing N N 177 
HEM C3C C4C  sing Y N 178 
HEM C3C CAC  sing N N 179 
HEM C4C NC   sing Y N 180 
HEM CMC HMC  sing N N 181 
HEM CMC HMCA sing N N 182 
HEM CMC HMCB sing N N 183 
HEM CAC CBC  doub N N 184 
HEM CAC HAC  sing N N 185 
HEM CBC HBC  sing N N 186 
HEM CBC HBCA sing N N 187 
HEM C1D C2D  sing N N 188 
HEM C1D ND   doub N N 189 
HEM C2D C3D  doub N N 190 
HEM C2D CMD  sing N N 191 
HEM C3D C4D  sing N N 192 
HEM C3D CAD  sing N N 193 
HEM C4D ND   sing N N 194 
HEM CMD HMD  sing N N 195 
HEM CMD HMDA sing N N 196 
HEM CMD HMDB sing N N 197 
HEM CAD CBD  sing N N 198 
HEM CAD HAD  sing N N 199 
HEM CAD HADA sing N N 200 
HEM CBD CGD  sing N N 201 
HEM CBD HBD  sing N N 202 
HEM CBD HBDA sing N N 203 
HEM CGD O1D  doub N N 204 
HEM CGD O2D  sing N N 205 
HEM O2A H2A  sing N N 206 
HEM O2D H2D  sing N N 207 
HEM FE  NA   sing N N 208 
HEM FE  NB   sing N N 209 
HEM FE  NC   sing N N 210 
HEM FE  ND   sing N N 211 
HIS N   CA   sing N N 212 
HIS N   H    sing N N 213 
HIS N   H2   sing N N 214 
HIS CA  C    sing N N 215 
HIS CA  CB   sing N N 216 
HIS CA  HA   sing N N 217 
HIS C   O    doub N N 218 
HIS C   OXT  sing N N 219 
HIS CB  CG   sing N N 220 
HIS CB  HB2  sing N N 221 
HIS CB  HB3  sing N N 222 
HIS CG  ND1  sing Y N 223 
HIS CG  CD2  doub Y N 224 
HIS ND1 CE1  doub Y N 225 
HIS ND1 HD1  sing N N 226 
HIS CD2 NE2  sing Y N 227 
HIS CD2 HD2  sing N N 228 
HIS CE1 NE2  sing Y N 229 
HIS CE1 HE1  sing N N 230 
HIS NE2 HE2  sing N N 231 
HIS OXT HXT  sing N N 232 
HOH O   H1   sing N N 233 
HOH O   H2   sing N N 234 
ILE N   CA   sing N N 235 
ILE N   H    sing N N 236 
ILE N   H2   sing N N 237 
ILE CA  C    sing N N 238 
ILE CA  CB   sing N N 239 
ILE CA  HA   sing N N 240 
ILE C   O    doub N N 241 
ILE C   OXT  sing N N 242 
ILE CB  CG1  sing N N 243 
ILE CB  CG2  sing N N 244 
ILE CB  HB   sing N N 245 
ILE CG1 CD1  sing N N 246 
ILE CG1 HG12 sing N N 247 
ILE CG1 HG13 sing N N 248 
ILE CG2 HG21 sing N N 249 
ILE CG2 HG22 sing N N 250 
ILE CG2 HG23 sing N N 251 
ILE CD1 HD11 sing N N 252 
ILE CD1 HD12 sing N N 253 
ILE CD1 HD13 sing N N 254 
ILE OXT HXT  sing N N 255 
LEU N   CA   sing N N 256 
LEU N   H    sing N N 257 
LEU N   H2   sing N N 258 
LEU CA  C    sing N N 259 
LEU CA  CB   sing N N 260 
LEU CA  HA   sing N N 261 
LEU C   O    doub N N 262 
LEU C   OXT  sing N N 263 
LEU CB  CG   sing N N 264 
LEU CB  HB2  sing N N 265 
LEU CB  HB3  sing N N 266 
LEU CG  CD1  sing N N 267 
LEU CG  CD2  sing N N 268 
LEU CG  HG   sing N N 269 
LEU CD1 HD11 sing N N 270 
LEU CD1 HD12 sing N N 271 
LEU CD1 HD13 sing N N 272 
LEU CD2 HD21 sing N N 273 
LEU CD2 HD22 sing N N 274 
LEU CD2 HD23 sing N N 275 
LEU OXT HXT  sing N N 276 
LYS N   CA   sing N N 277 
LYS N   H    sing N N 278 
LYS N   H2   sing N N 279 
LYS CA  C    sing N N 280 
LYS CA  CB   sing N N 281 
LYS CA  HA   sing N N 282 
LYS C   O    doub N N 283 
LYS C   OXT  sing N N 284 
LYS CB  CG   sing N N 285 
LYS CB  HB2  sing N N 286 
LYS CB  HB3  sing N N 287 
LYS CG  CD   sing N N 288 
LYS CG  HG2  sing N N 289 
LYS CG  HG3  sing N N 290 
LYS CD  CE   sing N N 291 
LYS CD  HD2  sing N N 292 
LYS CD  HD3  sing N N 293 
LYS CE  NZ   sing N N 294 
LYS CE  HE2  sing N N 295 
LYS CE  HE3  sing N N 296 
LYS NZ  HZ1  sing N N 297 
LYS NZ  HZ2  sing N N 298 
LYS NZ  HZ3  sing N N 299 
LYS OXT HXT  sing N N 300 
MET N   CA   sing N N 301 
MET N   H    sing N N 302 
MET N   H2   sing N N 303 
MET CA  C    sing N N 304 
MET CA  CB   sing N N 305 
MET CA  HA   sing N N 306 
MET C   O    doub N N 307 
MET C   OXT  sing N N 308 
MET CB  CG   sing N N 309 
MET CB  HB2  sing N N 310 
MET CB  HB3  sing N N 311 
MET CG  SD   sing N N 312 
MET CG  HG2  sing N N 313 
MET CG  HG3  sing N N 314 
MET SD  CE   sing N N 315 
MET CE  HE1  sing N N 316 
MET CE  HE2  sing N N 317 
MET CE  HE3  sing N N 318 
MET OXT HXT  sing N N 319 
PHE N   CA   sing N N 320 
PHE N   H    sing N N 321 
PHE N   H2   sing N N 322 
PHE CA  C    sing N N 323 
PHE CA  CB   sing N N 324 
PHE CA  HA   sing N N 325 
PHE C   O    doub N N 326 
PHE C   OXT  sing N N 327 
PHE CB  CG   sing N N 328 
PHE CB  HB2  sing N N 329 
PHE CB  HB3  sing N N 330 
PHE CG  CD1  doub Y N 331 
PHE CG  CD2  sing Y N 332 
PHE CD1 CE1  sing Y N 333 
PHE CD1 HD1  sing N N 334 
PHE CD2 CE2  doub Y N 335 
PHE CD2 HD2  sing N N 336 
PHE CE1 CZ   doub Y N 337 
PHE CE1 HE1  sing N N 338 
PHE CE2 CZ   sing Y N 339 
PHE CE2 HE2  sing N N 340 
PHE CZ  HZ   sing N N 341 
PHE OXT HXT  sing N N 342 
PRO N   CA   sing N N 343 
PRO N   CD   sing N N 344 
PRO N   H    sing N N 345 
PRO CA  C    sing N N 346 
PRO CA  CB   sing N N 347 
PRO CA  HA   sing N N 348 
PRO C   O    doub N N 349 
PRO C   OXT  sing N N 350 
PRO CB  CG   sing N N 351 
PRO CB  HB2  sing N N 352 
PRO CB  HB3  sing N N 353 
PRO CG  CD   sing N N 354 
PRO CG  HG2  sing N N 355 
PRO CG  HG3  sing N N 356 
PRO CD  HD2  sing N N 357 
PRO CD  HD3  sing N N 358 
PRO OXT HXT  sing N N 359 
SER N   CA   sing N N 360 
SER N   H    sing N N 361 
SER N   H2   sing N N 362 
SER CA  C    sing N N 363 
SER CA  CB   sing N N 364 
SER CA  HA   sing N N 365 
SER C   O    doub N N 366 
SER C   OXT  sing N N 367 
SER CB  OG   sing N N 368 
SER CB  HB2  sing N N 369 
SER CB  HB3  sing N N 370 
SER OG  HG   sing N N 371 
SER OXT HXT  sing N N 372 
SO4 S   O1   doub N N 373 
SO4 S   O2   doub N N 374 
SO4 S   O3   sing N N 375 
SO4 S   O4   sing N N 376 
THR N   CA   sing N N 377 
THR N   H    sing N N 378 
THR N   H2   sing N N 379 
THR CA  C    sing N N 380 
THR CA  CB   sing N N 381 
THR CA  HA   sing N N 382 
THR C   O    doub N N 383 
THR C   OXT  sing N N 384 
THR CB  OG1  sing N N 385 
THR CB  CG2  sing N N 386 
THR CB  HB   sing N N 387 
THR OG1 HG1  sing N N 388 
THR CG2 HG21 sing N N 389 
THR CG2 HG22 sing N N 390 
THR CG2 HG23 sing N N 391 
THR OXT HXT  sing N N 392 
TRP N   CA   sing N N 393 
TRP N   H    sing N N 394 
TRP N   H2   sing N N 395 
TRP CA  C    sing N N 396 
TRP CA  CB   sing N N 397 
TRP CA  HA   sing N N 398 
TRP C   O    doub N N 399 
TRP C   OXT  sing N N 400 
TRP CB  CG   sing N N 401 
TRP CB  HB2  sing N N 402 
TRP CB  HB3  sing N N 403 
TRP CG  CD1  doub Y N 404 
TRP CG  CD2  sing Y N 405 
TRP CD1 NE1  sing Y N 406 
TRP CD1 HD1  sing N N 407 
TRP CD2 CE2  doub Y N 408 
TRP CD2 CE3  sing Y N 409 
TRP NE1 CE2  sing Y N 410 
TRP NE1 HE1  sing N N 411 
TRP CE2 CZ2  sing Y N 412 
TRP CE3 CZ3  doub Y N 413 
TRP CE3 HE3  sing N N 414 
TRP CZ2 CH2  doub Y N 415 
TRP CZ2 HZ2  sing N N 416 
TRP CZ3 CH2  sing Y N 417 
TRP CZ3 HZ3  sing N N 418 
TRP CH2 HH2  sing N N 419 
TRP OXT HXT  sing N N 420 
TYR N   CA   sing N N 421 
TYR N   H    sing N N 422 
TYR N   H2   sing N N 423 
TYR CA  C    sing N N 424 
TYR CA  CB   sing N N 425 
TYR CA  HA   sing N N 426 
TYR C   O    doub N N 427 
TYR C   OXT  sing N N 428 
TYR CB  CG   sing N N 429 
TYR CB  HB2  sing N N 430 
TYR CB  HB3  sing N N 431 
TYR CG  CD1  doub Y N 432 
TYR CG  CD2  sing Y N 433 
TYR CD1 CE1  sing Y N 434 
TYR CD1 HD1  sing N N 435 
TYR CD2 CE2  doub Y N 436 
TYR CD2 HD2  sing N N 437 
TYR CE1 CZ   doub Y N 438 
TYR CE1 HE1  sing N N 439 
TYR CE2 CZ   sing Y N 440 
TYR CE2 HE2  sing N N 441 
TYR CZ  OH   sing N N 442 
TYR OH  HH   sing N N 443 
TYR OXT HXT  sing N N 444 
VAL N   CA   sing N N 445 
VAL N   H    sing N N 446 
VAL N   H2   sing N N 447 
VAL CA  C    sing N N 448 
VAL CA  CB   sing N N 449 
VAL CA  HA   sing N N 450 
VAL C   O    doub N N 451 
VAL C   OXT  sing N N 452 
VAL CB  CG1  sing N N 453 
VAL CB  CG2  sing N N 454 
VAL CB  HB   sing N N 455 
VAL CG1 HG11 sing N N 456 
VAL CG1 HG12 sing N N 457 
VAL CG1 HG13 sing N N 458 
VAL CG2 HG21 sing N N 459 
VAL CG2 HG22 sing N N 460 
VAL CG2 HG23 sing N N 461 
VAL OXT HXT  sing N N 462 
# 
loop_
_pdbx_entity_nonpoly.entity_id 
_pdbx_entity_nonpoly.name 
_pdbx_entity_nonpoly.comp_id 
2 'SULFATE ION'                     SO4 
3 XENON                             XE  
4 'CARBON MONOXIDE'                 CMO 
5 'PROTOPORPHYRIN IX CONTAINING FE' HEM 
6 water                             HOH 
# 
_pdbx_initial_refinement_model.id               1 
_pdbx_initial_refinement_model.entity_id_list   ? 
_pdbx_initial_refinement_model.type             'experimental model' 
_pdbx_initial_refinement_model.source_name      PDB 
_pdbx_initial_refinement_model.accession_code   1W92 
_pdbx_initial_refinement_model.details          'PDB ENTRY 1W92' 
# 
